data_8J8F
#
_entry.id   8J8F
#
_cell.length_a   1.00
_cell.length_b   1.00
_cell.length_c   1.00
_cell.angle_alpha   90.00
_cell.angle_beta   90.00
_cell.angle_gamma   90.00
#
_symmetry.space_group_name_H-M   'P 1'
#
loop_
_entity.id
_entity.type
_entity.pdbx_description
1 polymer 'DNA polymerase'
2 polymer E4R
3 polymer 'DNA polymerase processivity factor component A20'
4 polymer "DNA (5'-D(P*AP*GP*CP*TP*GP*CP*TP*AP*TP*GP*AP*GP*AP*TP*TP*AP*AP*GP*TP*TP*AP*T)-3')"
5 polymer "DNA (5'-D(P*GP*TP*TP*TP*TP*TP*TP*TP*TP*TP*TP*TP*TP*GP*AP*TP*AP*AP*CP*TP*TP*AP*AP*TP*CP*TP*CP*AP*CP*AP*TP*AP*GP*CP*AP*GP*CP*T)-3')"
6 non-polymer "2'-DEOXYCYTIDINE-5'-TRIPHOSPHATE"
7 non-polymer 'CALCIUM ION'
#
loop_
_entity_poly.entity_id
_entity_poly.type
_entity_poly.pdbx_seq_one_letter_code
_entity_poly.pdbx_strand_id
1 'polypeptide(L)'
;MHHHHHHHHDYDIPTTENLYFQGMDVRCINWFESHGENRFLYLKSRCRNGETVFIRFPHYFYYVVTDEIYQSLSPPPFNA
RPMGKMRTIDIDETISYNLDIKDRKCSVADMWLIEEPKKRSIQNATMDEFFNISWFYISNGISPDGCYSLDEQYLTKINN
GCYHCDDPRNCFAKEIPRFDIPRSYLFLDIECHFDKKFPSVFINPISHTSYCYIDLSGKRLLFTLINEEMLTEQEIQEAV
DRGCLRIQSLMEMDYERELVLCSEIVLLRIAKQLLELTFDYVVTFNGHNFDLRYITNRLELLTGEKIIFRSPDKKEAVHL
CIYERNQSSHKGVCGMANTTFHVNNNNGTIFFDLYSFIQKSEKLDSYKLDSISKNAFSCMGKVLNRGVREMTFIGDDTTD
AKGKADTFAKVLTTGNYVTVDEDIICKVIRKDILENGFKVVLSCPTLPNDIYKLSFGKDDIDLAQMYKDYNLNIALDMAR
YCIHDACLCQYLWEYYGVETKTDAGAATYVLPQSMVFEYRASTIIKGPLLKLLLETKTILVRSETKQKFPYEGGKVFAPK
QKMFSNNVLIFDYNSLYPNVCIFGNLSPETLVGVVVSTNRLEEEINNQLLLQKYPPPRYITVHCEPRLPNLISEIAIFDR
SIEGTIPRLLRTFLAERARYKKMLKQATSSTEKAIYDSMQYTYKIVANSVYGLMGFRNSALYSYASAKSCTSIGRRMILY
LESVLNGAELSNGMLRFANTLSNPFYMDDRDINPIVKTSLPIDYRFRFRSVYGDTDSVFTEIDSQDVDKSIEIAKELERL
INSRVLFNNFKIEFEAVYKNLIMQSKKKYTTMKYSASSNSKSVPERINKGTSETRRDVSKFHKNMIKTYKTRLSEMLSEG
RMNSNQVCIDILRSLETDLRSEFDSRSSPLELFMLSRMHHSNYKSADNPNMYLVTEYNKNNPETIELGERYYFAYICPAN
VPWTKKLVNIKTYETIIDRSFKLGSNQRIFYEVYFKRLTSEIVNLLDNKVLCISFFQRMFGSRPTFYEA
;
A
2 'polypeptide(L)'
;MHHHHHHDYDIPTTENLYFQGASMNSVTISHAPYTITYHDDWEPVMSQLVEFYNEVASWLLRDETSPIPDKFFIQLKQPL
RNKRVCVCGIDPYPKDGTGVPFESPNFTKKSIKEIASSISRLTGVIDYKGYNLNIIDGVIPWNYYLSCKLGETKSHAIYW
DKISKLLLQHITKHVSVLYCLGKTDFSNIRAKLESPVTTIVGYHPAARDHQFEKDRSFEIINVLLELDNKTPINWAQGFI
Y
;
B
3 'polypeptide(L)'
;MTSSADLTNLKELLSLYKSLRFSDSVAIEKYNSLVEWGTSTYWKIGVQKVTNVETSISDYYDEVKNKPFNIDPGYYIFLP
VYFGSVFIYSKGKNMVELGSGNSFQIPDEIRSACNKVLDSDNGIDFLRFVLLNNRWIMEDAISKYQSPVNIFKLASEYGL
NIPNYLEIEIEEDTLFDDELYSIMERSFDDTFPKISISYIKLGELKRQVVDFFKFSFMYIESIKVDRIGDNIFIPSVITK
SGKKILVKDVDHLIRSKVREHTFVKVKKKNTFSILYDYDGNGTETRGEVIKRIIDTIGRDYYVNGKYFSKVGIAGLKQLT
NKLDINECATVDELVDEINKSGTVKRKIKNQSVFDLSRECLGYPEADFITLVNNMRFKIENCKVVNFNIENTNCLNNPSI
ETIYGNFNQFVSIFNTVTDVKKRLFE
;
C
4 'polydeoxyribonucleotide'
;(DA)(DG)(DC)(DT)(DG)(DC)(DT)(DA)(DT)(DG)(DT)(DG)(DA)(DG)(DA)(DT)(DT)(DA)(DA)(DG)
(DT)(DT)(DA)(DT)
;
P
5 'polydeoxyribonucleotide'
;(DG)(DT)(DT)(DT)(DT)(DT)(DT)(DT)(DT)(DT)(DT)(DT)(DT)(DG)(DA)(DT)(DA)(DA)(DC)(DT)
(DT)(DA)(DA)(DT)(DC)(DT)(DC)(DA)(DC)(DA)(DT)(DA)(DG)(DC)(DA)(DG)(DC)(DT)
;
T
#
loop_
_chem_comp.id
_chem_comp.type
_chem_comp.name
_chem_comp.formula
CA non-polymer 'CALCIUM ION' 'Ca 2'
DA DNA linking 2'-DEOXYADENOSINE-5'-MONOPHOSPHATE 'C10 H14 N5 O6 P'
DC DNA linking 2'-DEOXYCYTIDINE-5'-MONOPHOSPHATE 'C9 H14 N3 O7 P'
DCP non-polymer 2'-DEOXYCYTIDINE-5'-TRIPHOSPHATE 'C9 H16 N3 O13 P3'
DG DNA linking 2'-DEOXYGUANOSINE-5'-MONOPHOSPHATE 'C10 H14 N5 O7 P'
DT DNA linking THYMIDINE-5'-MONOPHOSPHATE 'C10 H15 N2 O8 P'
#
# COMPACT_ATOMS: atom_id res chain seq x y z
N GLY A 23 -7.59 -42.67 -19.09
CA GLY A 23 -8.73 -43.32 -19.72
C GLY A 23 -9.81 -43.71 -18.75
N MET A 24 -11.04 -43.86 -19.26
CA MET A 24 -12.22 -44.25 -18.46
C MET A 24 -12.40 -43.18 -17.38
N ASP A 25 -12.90 -43.54 -16.21
CA ASP A 25 -13.18 -42.56 -15.16
C ASP A 25 -11.91 -42.22 -14.41
N VAL A 26 -11.51 -40.95 -14.44
CA VAL A 26 -10.34 -40.46 -13.72
C VAL A 26 -10.70 -39.16 -13.01
N ARG A 27 -10.29 -39.04 -11.75
CA ARG A 27 -10.53 -37.86 -10.94
C ARG A 27 -9.21 -37.13 -10.72
N CYS A 28 -9.23 -35.82 -10.95
CA CYS A 28 -8.02 -35.01 -10.87
C CYS A 28 -7.58 -34.79 -9.43
N ILE A 29 -6.27 -34.67 -9.24
CA ILE A 29 -5.67 -34.45 -7.93
C ILE A 29 -4.84 -33.17 -7.90
N ASN A 30 -3.96 -33.00 -8.89
CA ASN A 30 -3.08 -31.84 -8.93
C ASN A 30 -2.73 -31.52 -10.37
N TRP A 31 -2.40 -30.25 -10.62
CA TRP A 31 -1.93 -29.77 -11.91
C TRP A 31 -0.57 -29.11 -11.72
N PHE A 32 0.35 -29.37 -12.64
CA PHE A 32 1.71 -28.88 -12.50
C PHE A 32 2.36 -28.75 -13.87
N GLU A 33 3.26 -27.77 -13.99
CA GLU A 33 3.95 -27.47 -15.23
C GLU A 33 5.36 -28.04 -15.22
N SER A 34 5.93 -28.15 -16.41
CA SER A 34 7.32 -28.57 -16.59
C SER A 34 8.15 -27.36 -17.00
N HIS A 35 9.30 -27.19 -16.35
CA HIS A 35 10.16 -26.03 -16.55
C HIS A 35 11.47 -26.39 -17.23
N GLY A 36 11.41 -27.29 -18.21
CA GLY A 36 12.57 -27.70 -18.98
C GLY A 36 12.68 -26.95 -20.30
N GLU A 37 13.32 -27.60 -21.27
CA GLU A 37 13.44 -26.99 -22.59
C GLU A 37 12.11 -27.03 -23.33
N ASN A 38 11.55 -28.23 -23.52
CA ASN A 38 10.23 -28.39 -24.11
C ASN A 38 9.22 -28.48 -22.98
N ARG A 39 8.50 -27.38 -22.73
CA ARG A 39 7.60 -27.31 -21.60
C ARG A 39 6.28 -28.01 -21.89
N PHE A 40 5.76 -28.70 -20.89
CA PHE A 40 4.49 -29.41 -20.98
C PHE A 40 3.66 -29.12 -19.74
N LEU A 41 2.36 -29.31 -19.88
CA LEU A 41 1.41 -29.18 -18.77
C LEU A 41 0.87 -30.55 -18.42
N TYR A 42 1.01 -30.93 -17.15
CA TYR A 42 0.66 -32.28 -16.72
C TYR A 42 -0.56 -32.27 -15.81
N LEU A 43 -1.26 -33.39 -15.80
CA LEU A 43 -2.40 -33.61 -14.91
C LEU A 43 -2.22 -34.95 -14.23
N LYS A 44 -2.36 -34.96 -12.91
CA LYS A 44 -2.30 -36.18 -12.11
C LYS A 44 -3.73 -36.57 -11.73
N SER A 45 -4.07 -37.84 -11.92
CA SER A 45 -5.42 -38.29 -11.66
C SER A 45 -5.38 -39.70 -11.08
N ARG A 46 -6.49 -40.09 -10.47
CA ARG A 46 -6.63 -41.44 -9.92
C ARG A 46 -7.91 -42.06 -10.45
N CYS A 47 -7.87 -43.38 -10.64
CA CYS A 47 -9.01 -44.14 -11.12
C CYS A 47 -9.84 -44.65 -9.95
N ARG A 48 -10.97 -45.29 -10.26
CA ARG A 48 -11.81 -45.85 -9.22
C ARG A 48 -11.09 -46.96 -8.46
N ASN A 49 -10.33 -47.80 -9.17
CA ASN A 49 -9.61 -48.88 -8.51
C ASN A 49 -8.46 -48.34 -7.67
N GLY A 50 -7.82 -47.25 -8.09
CA GLY A 50 -6.73 -46.68 -7.34
C GLY A 50 -5.43 -46.57 -8.12
N GLU A 51 -5.53 -46.49 -9.44
CA GLU A 51 -4.36 -46.36 -10.30
C GLU A 51 -4.08 -44.89 -10.58
N THR A 52 -2.81 -44.52 -10.49
CA THR A 52 -2.37 -43.15 -10.74
C THR A 52 -2.06 -43.00 -12.23
N VAL A 53 -2.69 -42.03 -12.87
CA VAL A 53 -2.53 -41.78 -14.30
C VAL A 53 -2.07 -40.34 -14.49
N PHE A 54 -0.99 -40.17 -15.26
CA PHE A 54 -0.48 -38.85 -15.61
C PHE A 54 -0.80 -38.56 -17.07
N ILE A 55 -1.21 -37.33 -17.35
CA ILE A 55 -1.61 -36.90 -18.68
C ILE A 55 -0.81 -35.67 -19.07
N ARG A 56 -0.31 -35.66 -20.29
CA ARG A 56 0.56 -34.59 -20.77
C ARG A 56 -0.10 -33.82 -21.90
N PHE A 57 0.06 -32.50 -21.88
CA PHE A 57 -0.41 -31.61 -22.92
C PHE A 57 0.72 -30.67 -23.32
N PRO A 58 0.75 -30.23 -24.58
CA PRO A 58 1.73 -29.21 -24.97
C PRO A 58 1.43 -27.87 -24.30
N HIS A 59 2.49 -27.12 -24.05
CA HIS A 59 2.39 -25.82 -23.39
C HIS A 59 2.53 -24.71 -24.43
N TYR A 60 1.64 -23.73 -24.36
CA TYR A 60 1.61 -22.63 -25.31
C TYR A 60 1.57 -21.30 -24.56
N PHE A 61 1.90 -20.23 -25.28
CA PHE A 61 1.67 -18.87 -24.83
C PHE A 61 0.49 -18.31 -25.59
N TYR A 62 -0.49 -17.79 -24.85
CA TYR A 62 -1.78 -17.41 -25.42
C TYR A 62 -1.84 -15.89 -25.61
N TYR A 63 -2.24 -15.47 -26.80
CA TYR A 63 -2.40 -14.05 -27.11
C TYR A 63 -3.75 -13.82 -27.76
N VAL A 64 -4.31 -12.63 -27.55
CA VAL A 64 -5.58 -12.22 -28.14
C VAL A 64 -5.31 -11.06 -29.07
N VAL A 65 -5.68 -11.20 -30.34
CA VAL A 65 -5.40 -10.19 -31.35
C VAL A 65 -6.67 -9.94 -32.16
N THR A 66 -6.64 -8.86 -32.94
CA THR A 66 -7.72 -8.55 -33.86
C THR A 66 -7.45 -9.25 -35.19
N ASP A 67 -8.52 -9.47 -35.95
CA ASP A 67 -8.38 -10.16 -37.24
C ASP A 67 -7.41 -9.42 -38.16
N GLU A 68 -7.42 -8.09 -38.12
CA GLU A 68 -6.47 -7.32 -38.92
C GLU A 68 -5.04 -7.57 -38.49
N ILE A 69 -4.79 -7.56 -37.18
CA ILE A 69 -3.45 -7.83 -36.67
C ILE A 69 -3.05 -9.28 -36.94
N TYR A 70 -4.01 -10.20 -36.84
CA TYR A 70 -3.72 -11.60 -37.15
C TYR A 70 -3.31 -11.77 -38.59
N GLN A 71 -4.01 -11.10 -39.51
CA GLN A 71 -3.65 -11.19 -40.92
C GLN A 71 -2.35 -10.45 -41.23
N SER A 72 -2.02 -9.45 -40.42
CA SER A 72 -0.81 -8.65 -40.63
C SER A 72 0.42 -9.29 -40.00
N LEU A 73 0.28 -10.43 -39.32
CA LEU A 73 1.42 -11.12 -38.71
C LEU A 73 2.16 -11.86 -39.82
N SER A 74 3.30 -11.31 -40.24
CA SER A 74 4.07 -11.95 -41.31
C SER A 74 4.54 -13.35 -40.97
N PRO A 75 5.05 -13.65 -39.77
CA PRO A 75 5.30 -15.05 -39.42
C PRO A 75 4.00 -15.73 -39.01
N PRO A 76 3.55 -16.73 -39.74
CA PRO A 76 2.27 -17.39 -39.43
C PRO A 76 2.30 -18.02 -38.06
N PRO A 77 1.30 -17.76 -37.23
CA PRO A 77 1.27 -18.36 -35.89
C PRO A 77 1.08 -19.88 -35.96
N PHE A 78 1.60 -20.55 -34.93
CA PHE A 78 1.50 -22.01 -34.90
C PHE A 78 0.06 -22.48 -34.87
N ASN A 79 -0.78 -21.83 -34.06
CA ASN A 79 -2.18 -22.20 -33.97
C ASN A 79 -3.01 -20.96 -33.66
N ALA A 80 -4.29 -21.03 -34.00
CA ALA A 80 -5.22 -19.94 -33.75
C ALA A 80 -6.63 -20.49 -33.75
N ARG A 81 -7.49 -19.85 -32.97
CA ARG A 81 -8.90 -20.22 -32.87
C ARG A 81 -9.77 -18.98 -33.02
N PRO A 82 -10.96 -19.13 -33.58
CA PRO A 82 -11.89 -17.98 -33.68
C PRO A 82 -12.60 -17.72 -32.37
N MET A 83 -12.21 -16.63 -31.71
CA MET A 83 -12.87 -16.25 -30.46
C MET A 83 -14.29 -15.75 -30.69
N GLY A 84 -14.53 -15.11 -31.81
CA GLY A 84 -15.82 -14.56 -32.14
C GLY A 84 -15.79 -13.04 -32.15
N LYS A 85 -17.00 -12.46 -32.19
CA LYS A 85 -17.17 -11.01 -32.21
C LYS A 85 -17.18 -10.49 -30.77
N MET A 86 -16.27 -9.58 -30.47
CA MET A 86 -16.14 -9.00 -29.14
C MET A 86 -16.06 -7.48 -29.25
N ARG A 87 -16.53 -6.81 -28.21
CA ARG A 87 -16.52 -5.36 -28.14
C ARG A 87 -15.49 -4.90 -27.12
N THR A 88 -14.69 -3.90 -27.49
CA THR A 88 -13.69 -3.31 -26.63
C THR A 88 -14.18 -1.94 -26.18
N ILE A 89 -14.05 -1.65 -24.89
CA ILE A 89 -14.56 -0.43 -24.27
C ILE A 89 -13.43 0.25 -23.53
N ASP A 90 -13.31 1.56 -23.73
CA ASP A 90 -12.38 2.37 -22.95
C ASP A 90 -13.02 2.75 -21.62
N ILE A 91 -12.32 2.46 -20.52
CA ILE A 91 -12.90 2.63 -19.19
C ILE A 91 -12.29 3.84 -18.50
N ASP A 92 -11.81 4.80 -19.28
CA ASP A 92 -11.27 6.02 -18.71
C ASP A 92 -12.38 6.93 -18.19
N GLU A 93 -12.04 7.73 -17.19
CA GLU A 93 -12.98 8.66 -16.55
C GLU A 93 -12.47 10.08 -16.76
N THR A 94 -13.37 10.97 -17.18
CA THR A 94 -13.02 12.36 -17.46
C THR A 94 -13.94 13.29 -16.70
N ILE A 95 -13.44 14.48 -16.40
CA ILE A 95 -14.18 15.49 -15.66
C ILE A 95 -14.89 16.40 -16.66
N SER A 96 -16.20 16.53 -16.51
CA SER A 96 -17.02 17.35 -17.40
C SER A 96 -17.60 18.51 -16.62
N TYR A 97 -17.36 19.73 -17.10
CA TYR A 97 -17.92 20.92 -16.48
C TYR A 97 -19.29 21.28 -17.04
N ASN A 98 -19.75 20.60 -18.09
CA ASN A 98 -21.05 20.89 -18.69
C ASN A 98 -21.83 19.60 -18.89
N LEU A 99 -22.97 19.67 -19.57
CA LEU A 99 -23.79 18.50 -19.84
C LEU A 99 -23.46 17.85 -21.18
N ASP A 100 -22.51 18.40 -21.94
CA ASP A 100 -22.07 17.81 -23.20
C ASP A 100 -21.09 16.69 -22.87
N ILE A 101 -21.62 15.47 -22.80
CA ILE A 101 -20.84 14.29 -22.44
C ILE A 101 -20.80 13.36 -23.65
N LYS A 102 -19.60 13.02 -24.10
CA LYS A 102 -19.43 12.13 -25.22
C LYS A 102 -19.39 10.68 -24.73
N ASP A 103 -20.05 9.80 -25.47
CA ASP A 103 -20.14 8.40 -25.07
C ASP A 103 -18.78 7.73 -25.19
N ARG A 104 -18.63 6.62 -24.47
CA ARG A 104 -17.38 5.87 -24.46
C ARG A 104 -17.14 5.20 -25.81
N LYS A 105 -15.87 4.96 -26.10
CA LYS A 105 -15.47 4.37 -27.37
C LYS A 105 -15.64 2.85 -27.30
N CYS A 106 -16.66 2.33 -27.96
CA CYS A 106 -16.93 0.90 -28.03
C CYS A 106 -16.71 0.44 -29.46
N SER A 107 -15.82 -0.54 -29.63
CA SER A 107 -15.46 -1.04 -30.96
C SER A 107 -15.72 -2.54 -31.02
N VAL A 108 -16.57 -2.96 -31.96
CA VAL A 108 -16.92 -4.36 -32.14
C VAL A 108 -16.08 -4.92 -33.28
N ALA A 109 -15.41 -6.04 -33.04
CA ALA A 109 -14.53 -6.64 -34.02
C ALA A 109 -14.56 -8.15 -33.87
N ASP A 110 -13.74 -8.83 -34.66
CA ASP A 110 -13.56 -10.27 -34.60
C ASP A 110 -12.19 -10.57 -34.04
N MET A 111 -12.13 -11.39 -33.00
CA MET A 111 -10.91 -11.62 -32.24
C MET A 111 -10.39 -13.03 -32.44
N TRP A 112 -9.06 -13.16 -32.38
CA TRP A 112 -8.38 -14.43 -32.56
C TRP A 112 -7.55 -14.73 -31.32
N LEU A 113 -7.67 -15.96 -30.82
CA LEU A 113 -6.85 -16.46 -29.72
C LEU A 113 -5.78 -17.36 -30.33
N ILE A 114 -4.53 -16.87 -30.31
CA ILE A 114 -3.42 -17.57 -30.94
C ILE A 114 -2.53 -18.18 -29.86
N GLU A 115 -1.98 -19.34 -30.19
CA GLU A 115 -1.07 -20.08 -29.31
C GLU A 115 0.30 -20.12 -29.97
N GLU A 116 1.33 -19.74 -29.22
CA GLU A 116 2.69 -19.70 -29.72
C GLU A 116 3.60 -20.52 -28.82
N PRO A 117 4.36 -21.47 -29.37
CA PRO A 117 5.30 -22.23 -28.53
C PRO A 117 6.37 -21.37 -27.89
N LYS A 118 6.64 -20.18 -28.42
CA LYS A 118 7.63 -19.27 -27.87
C LYS A 118 6.97 -17.94 -27.55
N LYS A 119 7.74 -17.07 -26.87
CA LYS A 119 7.24 -15.78 -26.42
C LYS A 119 7.29 -14.79 -27.58
N ARG A 120 6.12 -14.39 -28.08
CA ARG A 120 6.02 -13.37 -29.10
C ARG A 120 5.65 -12.02 -28.47
N SER A 121 5.86 -10.95 -29.23
CA SER A 121 5.78 -9.59 -28.72
C SER A 121 4.83 -8.75 -29.55
N ILE A 122 3.62 -9.26 -29.77
CA ILE A 122 2.61 -8.50 -30.50
C ILE A 122 2.33 -7.21 -29.73
N GLN A 123 2.33 -6.08 -30.46
CA GLN A 123 2.17 -4.79 -29.80
C GLN A 123 0.71 -4.46 -29.49
N ASN A 124 -0.19 -4.77 -30.41
CA ASN A 124 -1.62 -4.49 -30.22
C ASN A 124 -2.37 -5.72 -29.74
N ALA A 125 -2.01 -6.20 -28.56
CA ALA A 125 -2.60 -7.37 -27.95
C ALA A 125 -3.47 -6.95 -26.78
N THR A 126 -4.69 -7.49 -26.71
CA THR A 126 -5.63 -7.18 -25.66
C THR A 126 -5.73 -8.35 -24.67
N MET A 127 -6.34 -8.06 -23.51
CA MET A 127 -6.52 -9.04 -22.44
C MET A 127 -5.16 -9.62 -22.01
N ASP A 128 -4.27 -8.72 -21.62
CA ASP A 128 -2.90 -9.08 -21.25
C ASP A 128 -2.73 -9.39 -19.77
N GLU A 129 -3.79 -9.29 -18.97
CA GLU A 129 -3.68 -9.43 -17.52
C GLU A 129 -3.97 -10.84 -17.03
N PHE A 130 -4.29 -11.78 -17.91
CA PHE A 130 -4.64 -13.13 -17.52
C PHE A 130 -3.48 -14.08 -17.74
N PHE A 131 -3.60 -15.28 -17.16
CA PHE A 131 -2.53 -16.26 -17.14
C PHE A 131 -2.72 -17.29 -18.26
N ASN A 132 -1.60 -17.89 -18.66
CA ASN A 132 -1.66 -18.94 -19.68
C ASN A 132 -2.39 -20.17 -19.18
N ILE A 133 -2.18 -20.54 -17.91
CA ILE A 133 -2.86 -21.70 -17.35
C ILE A 133 -4.37 -21.46 -17.29
N SER A 134 -4.77 -20.26 -16.86
CA SER A 134 -6.18 -19.90 -16.90
C SER A 134 -6.72 -19.90 -18.32
N TRP A 135 -5.91 -19.39 -19.27
CA TRP A 135 -6.32 -19.41 -20.66
C TRP A 135 -6.61 -20.82 -21.12
N PHE A 136 -5.72 -21.76 -20.78
CA PHE A 136 -5.93 -23.16 -21.13
C PHE A 136 -7.21 -23.69 -20.49
N TYR A 137 -7.42 -23.39 -19.21
CA TYR A 137 -8.57 -23.92 -18.50
C TYR A 137 -9.88 -23.46 -19.13
N ILE A 138 -10.06 -22.15 -19.31
CA ILE A 138 -11.32 -21.67 -19.87
C ILE A 138 -11.46 -22.00 -21.35
N SER A 139 -10.37 -21.91 -22.12
CA SER A 139 -10.47 -22.17 -23.55
C SER A 139 -10.83 -23.63 -23.82
N ASN A 140 -10.25 -24.57 -23.07
CA ASN A 140 -10.55 -25.98 -23.25
C ASN A 140 -11.77 -26.43 -22.47
N GLY A 141 -12.38 -25.55 -21.67
CA GLY A 141 -13.54 -25.94 -20.88
C GLY A 141 -13.26 -27.01 -19.86
N ILE A 142 -12.12 -26.92 -19.18
CA ILE A 142 -11.67 -27.95 -18.24
C ILE A 142 -11.64 -27.33 -16.85
N SER A 143 -12.37 -27.93 -15.92
CA SER A 143 -12.30 -27.50 -14.54
C SER A 143 -11.02 -28.05 -13.89
N PRO A 144 -10.33 -27.25 -13.08
CA PRO A 144 -9.10 -27.74 -12.44
C PRO A 144 -9.34 -28.96 -11.56
N ASP A 145 -10.48 -29.05 -10.90
CA ASP A 145 -10.84 -30.19 -10.06
C ASP A 145 -12.10 -30.83 -10.60
N GLY A 146 -12.12 -32.15 -10.63
CA GLY A 146 -13.27 -32.88 -11.11
C GLY A 146 -12.85 -34.24 -11.62
N CYS A 147 -13.82 -34.95 -12.20
CA CYS A 147 -13.61 -36.27 -12.75
C CYS A 147 -14.20 -36.32 -14.15
N TYR A 148 -13.49 -37.01 -15.05
CA TYR A 148 -13.89 -37.11 -16.45
C TYR A 148 -13.76 -38.55 -16.93
N SER A 149 -14.58 -38.88 -17.93
CA SER A 149 -14.51 -40.17 -18.61
C SER A 149 -13.73 -39.95 -19.90
N LEU A 150 -12.42 -40.15 -19.83
CA LEU A 150 -11.54 -39.93 -20.97
C LEU A 150 -11.65 -41.08 -21.98
N ASP A 151 -11.68 -40.71 -23.25
CA ASP A 151 -11.65 -41.67 -24.34
C ASP A 151 -10.22 -41.90 -24.80
N GLU A 152 -9.97 -43.10 -25.35
CA GLU A 152 -8.62 -43.52 -25.67
C GLU A 152 -8.16 -43.12 -27.07
N GLN A 153 -9.04 -42.54 -27.89
CA GLN A 153 -8.62 -42.14 -29.23
C GLN A 153 -7.75 -40.88 -29.19
N TYR A 154 -7.99 -39.99 -28.23
CA TYR A 154 -7.16 -38.80 -28.06
C TYR A 154 -5.97 -39.03 -27.15
N LEU A 155 -5.88 -40.19 -26.50
CA LEU A 155 -4.81 -40.49 -25.56
C LEU A 155 -3.84 -41.48 -26.19
N THR A 156 -2.56 -41.15 -26.15
CA THR A 156 -1.50 -42.01 -26.65
C THR A 156 -0.63 -42.46 -25.48
N LYS A 157 -0.45 -43.77 -25.34
CA LYS A 157 0.31 -44.33 -24.23
C LYS A 157 1.79 -44.05 -24.45
N ILE A 158 2.30 -43.01 -23.78
CA ILE A 158 3.71 -42.67 -23.89
C ILE A 158 4.56 -43.56 -22.99
N ASN A 159 4.13 -43.72 -21.73
CA ASN A 159 4.85 -44.52 -20.75
C ASN A 159 3.83 -45.33 -19.97
N ASN A 160 4.32 -46.28 -19.18
CA ASN A 160 3.44 -47.15 -18.41
C ASN A 160 2.76 -46.33 -17.31
N GLY A 161 1.56 -45.83 -17.61
CA GLY A 161 0.85 -44.94 -16.72
C GLY A 161 0.84 -43.49 -17.14
N CYS A 162 1.62 -43.13 -18.16
CA CYS A 162 1.68 -41.76 -18.65
C CYS A 162 1.14 -41.71 -20.07
N TYR A 163 0.14 -40.87 -20.31
CA TYR A 163 -0.51 -40.72 -21.60
C TYR A 163 -0.33 -39.29 -22.11
N HIS A 164 -0.43 -39.14 -23.42
CA HIS A 164 -0.31 -37.84 -24.07
C HIS A 164 -1.61 -37.51 -24.79
N CYS A 165 -1.98 -36.23 -24.74
CA CYS A 165 -3.22 -35.76 -25.36
C CYS A 165 -2.92 -34.45 -26.08
N ASP A 166 -3.04 -34.45 -27.40
CA ASP A 166 -2.79 -33.26 -28.20
C ASP A 166 -4.03 -32.40 -28.39
N ASP A 167 -5.21 -32.88 -27.99
CA ASP A 167 -6.45 -32.12 -28.08
C ASP A 167 -7.19 -32.23 -26.75
N PRO A 168 -6.74 -31.49 -25.74
CA PRO A 168 -7.45 -31.53 -24.45
C PRO A 168 -8.88 -31.00 -24.51
N ARG A 169 -9.21 -30.19 -25.52
CA ARG A 169 -10.57 -29.69 -25.65
C ARG A 169 -11.55 -30.83 -25.89
N ASN A 170 -11.21 -31.76 -26.78
CA ASN A 170 -12.10 -32.87 -27.10
C ASN A 170 -12.05 -33.99 -26.06
N CYS A 171 -10.88 -34.21 -25.45
CA CYS A 171 -10.73 -35.31 -24.52
C CYS A 171 -11.61 -35.14 -23.30
N PHE A 172 -11.69 -33.92 -22.76
CA PHE A 172 -12.40 -33.65 -21.52
C PHE A 172 -13.85 -33.24 -21.75
N ALA A 173 -14.46 -33.68 -22.85
CA ALA A 173 -15.82 -33.25 -23.17
C ALA A 173 -16.88 -33.94 -22.32
N LYS A 174 -16.54 -35.06 -21.68
CA LYS A 174 -17.50 -35.82 -20.87
C LYS A 174 -17.22 -35.62 -19.40
N GLU A 175 -18.25 -35.27 -18.64
CA GLU A 175 -18.15 -35.09 -17.21
C GLU A 175 -19.04 -36.10 -16.49
N ILE A 176 -18.59 -36.51 -15.30
CA ILE A 176 -19.28 -37.54 -14.53
C ILE A 176 -19.41 -37.04 -13.09
N PRO A 177 -20.37 -37.58 -12.34
CA PRO A 177 -20.48 -37.21 -10.92
C PRO A 177 -19.24 -37.61 -10.14
N ARG A 178 -18.94 -36.82 -9.11
CA ARG A 178 -17.74 -37.02 -8.31
C ARG A 178 -17.82 -38.32 -7.52
N PHE A 179 -16.66 -38.93 -7.31
CA PHE A 179 -16.54 -40.15 -6.52
C PHE A 179 -15.31 -40.03 -5.62
N ASP A 180 -15.36 -40.74 -4.50
CA ASP A 180 -14.27 -40.71 -3.53
C ASP A 180 -13.13 -41.60 -3.98
N ILE A 181 -11.91 -41.15 -3.73
CA ILE A 181 -10.70 -41.90 -4.08
C ILE A 181 -9.78 -41.97 -2.87
N PRO A 182 -8.96 -43.02 -2.75
CA PRO A 182 -7.97 -43.05 -1.67
C PRO A 182 -6.88 -42.02 -1.91
N ARG A 183 -6.23 -41.63 -0.81
CA ARG A 183 -5.16 -40.64 -0.85
C ARG A 183 -4.00 -41.11 0.01
N SER A 184 -2.80 -40.66 -0.36
CA SER A 184 -1.57 -40.98 0.36
C SER A 184 -1.10 -39.75 1.13
N TYR A 185 -0.79 -39.93 2.41
CA TYR A 185 -0.40 -38.84 3.28
C TYR A 185 0.95 -39.14 3.92
N LEU A 186 1.76 -38.09 4.09
CA LEU A 186 3.02 -38.22 4.84
C LEU A 186 3.13 -37.00 5.75
N PHE A 187 2.71 -37.16 7.01
CA PHE A 187 2.87 -36.10 8.00
C PHE A 187 4.20 -36.32 8.70
N LEU A 188 5.15 -35.42 8.51
CA LEU A 188 6.49 -35.64 9.04
C LEU A 188 6.86 -34.56 10.05
N ASP A 189 7.70 -34.95 11.01
CA ASP A 189 8.22 -34.00 11.98
C ASP A 189 9.58 -34.47 12.47
N ILE A 190 10.59 -33.62 12.35
CA ILE A 190 11.92 -33.94 12.83
C ILE A 190 12.19 -33.17 14.11
N GLU A 191 13.18 -33.65 14.86
CA GLU A 191 13.59 -33.02 16.10
C GLU A 191 15.11 -33.09 16.17
N CYS A 192 15.74 -31.92 16.16
CA CYS A 192 17.20 -31.81 16.15
C CYS A 192 17.73 -31.49 17.53
N HIS A 193 19.00 -31.79 17.73
CA HIS A 193 19.69 -31.56 19.01
C HIS A 193 20.45 -30.24 18.90
N PHE A 194 20.00 -29.23 19.64
CA PHE A 194 20.65 -27.93 19.68
C PHE A 194 21.40 -27.76 20.99
N ASP A 195 22.37 -26.85 20.98
CA ASP A 195 23.21 -26.61 22.15
C ASP A 195 22.92 -25.25 22.79
N LYS A 196 23.07 -24.15 22.04
CA LYS A 196 22.86 -22.84 22.66
C LYS A 196 21.37 -22.47 22.67
N LYS A 197 20.81 -22.19 21.49
CA LYS A 197 19.37 -22.00 21.40
C LYS A 197 18.75 -22.46 20.10
N PHE A 198 19.52 -23.04 19.16
CA PHE A 198 18.97 -23.34 17.85
C PHE A 198 19.89 -24.31 17.13
N PRO A 199 19.35 -25.33 16.45
CA PRO A 199 20.22 -26.28 15.75
C PRO A 199 20.85 -25.68 14.50
N SER A 200 22.02 -26.22 14.14
CA SER A 200 22.73 -25.83 12.94
C SER A 200 23.07 -27.08 12.13
N VAL A 201 22.92 -26.99 10.81
CA VAL A 201 23.13 -28.15 9.95
C VAL A 201 24.58 -28.60 9.95
N PHE A 202 25.50 -27.74 10.39
CA PHE A 202 26.92 -28.06 10.33
C PHE A 202 27.47 -28.66 11.62
N ILE A 203 26.86 -28.39 12.77
CA ILE A 203 27.38 -28.87 14.04
C ILE A 203 26.34 -29.70 14.79
N ASN A 204 25.06 -29.43 14.53
CA ASN A 204 23.98 -30.05 15.29
C ASN A 204 23.30 -31.13 14.46
N PRO A 205 23.35 -32.38 14.88
CA PRO A 205 22.71 -33.46 14.13
C PRO A 205 21.27 -33.70 14.56
N ILE A 206 20.49 -34.27 13.64
CA ILE A 206 19.11 -34.64 13.92
C ILE A 206 19.09 -35.75 14.96
N SER A 207 18.09 -35.72 15.84
CA SER A 207 17.93 -36.72 16.88
C SER A 207 16.73 -37.63 16.67
N HIS A 208 15.59 -37.09 16.25
CA HIS A 208 14.40 -37.90 16.04
C HIS A 208 13.74 -37.52 14.72
N THR A 209 13.03 -38.49 14.14
CA THR A 209 12.31 -38.26 12.89
C THR A 209 11.04 -39.12 12.92
N SER A 210 9.89 -38.48 13.09
CA SER A 210 8.61 -39.17 13.24
C SER A 210 7.79 -39.00 11.98
N TYR A 211 7.22 -40.11 11.50
CA TYR A 211 6.42 -40.15 10.29
C TYR A 211 5.06 -40.75 10.59
N CYS A 212 4.02 -40.12 10.03
CA CYS A 212 2.68 -40.69 9.94
C CYS A 212 2.41 -40.92 8.46
N TYR A 213 2.39 -42.19 8.05
CA TYR A 213 2.36 -42.58 6.65
C TYR A 213 1.05 -43.30 6.36
N ILE A 214 0.33 -42.81 5.36
CA ILE A 214 -0.94 -43.39 4.94
C ILE A 214 -0.82 -43.72 3.45
N ASP A 215 -0.99 -45.00 3.11
CA ASP A 215 -0.86 -45.47 1.75
C ASP A 215 -2.23 -45.52 1.08
N LEU A 216 -2.25 -45.99 -0.17
CA LEU A 216 -3.47 -46.04 -0.95
C LEU A 216 -4.45 -47.10 -0.46
N SER A 217 -4.02 -48.01 0.40
CA SER A 217 -4.89 -49.04 0.95
C SER A 217 -5.59 -48.59 2.23
N GLY A 218 -5.36 -47.36 2.67
CA GLY A 218 -5.98 -46.85 3.88
C GLY A 218 -5.32 -47.29 5.16
N LYS A 219 -4.09 -47.82 5.10
CA LYS A 219 -3.39 -48.29 6.29
C LYS A 219 -2.52 -47.17 6.85
N ARG A 220 -2.77 -46.81 8.10
CA ARG A 220 -2.04 -45.74 8.77
C ARG A 220 -0.94 -46.33 9.63
N LEU A 221 0.29 -45.85 9.44
CA LEU A 221 1.44 -46.35 10.18
C LEU A 221 2.18 -45.18 10.79
N LEU A 222 2.44 -45.27 12.09
CA LEU A 222 3.19 -44.26 12.83
C LEU A 222 4.53 -44.85 13.23
N PHE A 223 5.62 -44.19 12.86
CA PHE A 223 6.92 -44.72 13.25
C PHE A 223 7.92 -43.59 13.46
N THR A 224 8.73 -43.73 14.51
CA THR A 224 9.76 -42.77 14.87
C THR A 224 11.12 -43.45 14.77
N LEU A 225 12.10 -42.74 14.22
CA LEU A 225 13.45 -43.25 14.08
C LEU A 225 14.38 -42.49 15.01
N ILE A 226 15.11 -43.22 15.84
CA ILE A 226 16.03 -42.64 16.82
C ILE A 226 17.45 -42.97 16.39
N ASN A 227 18.29 -41.94 16.32
CA ASN A 227 19.68 -42.14 15.91
C ASN A 227 20.44 -42.90 17.00
N GLU A 228 21.02 -44.04 16.62
CA GLU A 228 21.80 -44.84 17.56
C GLU A 228 23.16 -44.22 17.84
N GLU A 229 23.62 -43.29 17.00
CA GLU A 229 24.93 -42.67 17.20
C GLU A 229 24.97 -41.84 18.47
N MET A 230 23.83 -41.42 18.99
CA MET A 230 23.77 -40.67 20.24
C MET A 230 23.68 -41.57 21.46
N LEU A 231 23.63 -42.88 21.27
CA LEU A 231 23.54 -43.84 22.37
C LEU A 231 24.74 -44.78 22.33
N THR A 232 25.04 -45.36 23.49
CA THR A 232 26.16 -46.29 23.60
C THR A 232 25.65 -47.73 23.43
N GLU A 233 26.59 -48.69 23.50
CA GLU A 233 26.24 -50.08 23.27
C GLU A 233 25.27 -50.60 24.31
N GLN A 234 25.47 -50.24 25.58
CA GLN A 234 24.54 -50.67 26.63
C GLN A 234 23.15 -50.11 26.40
N GLU A 235 23.05 -48.84 25.98
CA GLU A 235 21.76 -48.25 25.69
C GLU A 235 21.07 -48.95 24.53
N ILE A 236 21.83 -49.29 23.49
CA ILE A 236 21.25 -50.00 22.35
C ILE A 236 20.77 -51.39 22.76
N GLN A 237 21.55 -52.09 23.59
CA GLN A 237 21.12 -53.40 24.08
C GLN A 237 19.85 -53.29 24.91
N GLU A 238 19.77 -52.29 25.79
CA GLU A 238 18.56 -52.10 26.57
C GLU A 238 17.35 -51.81 25.68
N ALA A 239 17.55 -50.96 24.67
CA ALA A 239 16.45 -50.63 23.78
C ALA A 239 15.98 -51.84 22.99
N VAL A 240 16.92 -52.65 22.48
CA VAL A 240 16.53 -53.82 21.69
C VAL A 240 15.90 -54.88 22.59
N ASP A 241 16.29 -54.94 23.86
CA ASP A 241 15.62 -55.83 24.80
C ASP A 241 14.20 -55.36 25.09
N ARG A 242 14.00 -54.04 25.18
CA ARG A 242 12.68 -53.50 25.45
C ARG A 242 11.71 -53.67 24.29
N GLY A 243 12.21 -53.99 23.09
CA GLY A 243 11.33 -54.22 21.96
C GLY A 243 11.51 -53.23 20.82
N CYS A 244 12.73 -52.71 20.65
CA CYS A 244 13.05 -51.79 19.57
C CYS A 244 13.85 -52.51 18.51
N LEU A 245 13.46 -52.33 17.25
CA LEU A 245 14.12 -52.98 16.12
C LEU A 245 15.24 -52.09 15.60
N ARG A 246 16.47 -52.61 15.66
CA ARG A 246 17.64 -51.89 15.16
C ARG A 246 17.99 -52.42 13.78
N ILE A 247 17.99 -51.54 12.78
CA ILE A 247 18.29 -51.90 11.41
C ILE A 247 19.67 -51.37 11.06
N GLN A 248 20.36 -52.08 10.16
CA GLN A 248 21.70 -51.71 9.73
C GLN A 248 21.72 -51.11 8.33
N SER A 249 20.66 -51.28 7.56
CA SER A 249 20.61 -50.75 6.20
C SER A 249 19.17 -50.47 5.82
N LEU A 250 19.00 -49.68 4.75
CA LEU A 250 17.67 -49.32 4.28
C LEU A 250 16.90 -50.51 3.75
N MET A 251 17.58 -51.57 3.31
CA MET A 251 16.91 -52.69 2.68
C MET A 251 15.96 -53.40 3.63
N GLU A 252 16.38 -53.60 4.88
CA GLU A 252 15.61 -54.37 5.85
C GLU A 252 14.57 -53.53 6.58
N MET A 253 14.49 -52.23 6.31
CA MET A 253 13.54 -51.38 7.00
C MET A 253 12.11 -51.71 6.58
N ASP A 254 11.25 -51.91 7.57
CA ASP A 254 9.83 -52.16 7.33
C ASP A 254 9.01 -51.17 8.15
N TYR A 255 7.96 -50.63 7.55
CA TYR A 255 7.13 -49.62 8.22
C TYR A 255 6.04 -50.29 9.07
N GLU A 256 6.47 -51.20 9.95
CA GLU A 256 5.54 -51.90 10.83
C GLU A 256 5.93 -51.84 12.30
N ARG A 257 7.14 -51.40 12.62
CA ARG A 257 7.57 -51.23 14.01
C ARG A 257 7.54 -49.75 14.37
N GLU A 258 6.82 -49.42 15.44
CA GLU A 258 6.65 -48.03 15.82
C GLU A 258 7.93 -47.39 16.35
N LEU A 259 8.96 -48.18 16.65
CA LEU A 259 10.24 -47.66 17.12
C LEU A 259 11.35 -48.37 16.38
N VAL A 260 12.16 -47.61 15.65
CA VAL A 260 13.25 -48.16 14.85
C VAL A 260 14.53 -47.40 15.19
N LEU A 261 15.61 -48.14 15.41
CA LEU A 261 16.92 -47.56 15.69
C LEU A 261 17.82 -47.75 14.47
N CYS A 262 18.53 -46.69 14.11
CA CYS A 262 19.39 -46.72 12.93
C CYS A 262 20.44 -45.62 13.06
N SER A 263 21.31 -45.54 12.07
CA SER A 263 22.32 -44.49 12.00
C SER A 263 21.76 -43.28 11.26
N GLU A 264 22.52 -42.19 11.28
CA GLU A 264 22.07 -40.96 10.63
C GLU A 264 22.01 -41.12 9.12
N ILE A 265 22.97 -41.83 8.52
CA ILE A 265 22.98 -42.01 7.08
C ILE A 265 21.78 -42.85 6.64
N VAL A 266 21.49 -43.94 7.37
CA VAL A 266 20.35 -44.78 7.05
C VAL A 266 19.05 -44.00 7.24
N LEU A 267 18.98 -43.19 8.30
CA LEU A 267 17.80 -42.36 8.52
C LEU A 267 17.59 -41.39 7.36
N LEU A 268 18.67 -40.76 6.90
CA LEU A 268 18.56 -39.81 5.79
C LEU A 268 18.17 -40.50 4.50
N ARG A 269 18.69 -41.72 4.26
CA ARG A 269 18.30 -42.45 3.06
C ARG A 269 16.84 -42.87 3.10
N ILE A 270 16.36 -43.29 4.28
CA ILE A 270 14.94 -43.62 4.42
C ILE A 270 14.09 -42.38 4.18
N ALA A 271 14.51 -41.24 4.72
CA ALA A 271 13.78 -39.99 4.48
C ALA A 271 13.78 -39.65 2.99
N LYS A 272 14.90 -39.88 2.31
CA LYS A 272 14.98 -39.59 0.88
C LYS A 272 14.03 -40.48 0.09
N GLN A 273 14.01 -41.78 0.40
CA GLN A 273 13.15 -42.69 -0.36
C GLN A 273 11.68 -42.47 -0.04
N LEU A 274 11.38 -41.98 1.16
CA LEU A 274 10.00 -41.61 1.48
C LEU A 274 9.59 -40.33 0.76
N LEU A 275 10.50 -39.35 0.69
CA LEU A 275 10.19 -38.08 0.04
C LEU A 275 10.10 -38.23 -1.47
N GLU A 276 10.96 -39.08 -2.05
CA GLU A 276 10.96 -39.28 -3.50
C GLU A 276 9.73 -40.04 -3.99
N LEU A 277 8.94 -40.63 -3.09
CA LEU A 277 7.78 -41.39 -3.50
C LEU A 277 6.69 -40.45 -4.03
N THR A 278 5.81 -41.02 -4.86
CA THR A 278 4.73 -40.27 -5.48
C THR A 278 3.57 -40.14 -4.49
N PHE A 279 3.82 -39.35 -3.45
CA PHE A 279 2.80 -39.06 -2.46
C PHE A 279 1.78 -38.08 -3.02
N ASP A 280 0.66 -37.97 -2.33
CA ASP A 280 -0.32 -36.94 -2.66
C ASP A 280 -0.13 -35.70 -1.81
N TYR A 281 0.25 -35.87 -0.54
CA TYR A 281 0.47 -34.76 0.37
C TYR A 281 1.63 -35.09 1.28
N VAL A 282 2.59 -34.18 1.37
CA VAL A 282 3.68 -34.24 2.34
C VAL A 282 3.52 -33.03 3.24
N VAL A 283 3.04 -33.24 4.46
CA VAL A 283 2.58 -32.17 5.33
C VAL A 283 3.53 -32.01 6.51
N THR A 284 3.92 -30.76 6.79
CA THR A 284 4.75 -30.44 7.92
C THR A 284 4.35 -29.07 8.43
N PHE A 285 4.64 -28.81 9.71
CA PHE A 285 4.44 -27.49 10.31
C PHE A 285 5.78 -26.78 10.37
N ASN A 286 5.90 -25.68 9.62
CA ASN A 286 7.16 -24.95 9.46
C ASN A 286 8.28 -25.87 8.97
N GLY A 287 7.94 -26.77 8.04
CA GLY A 287 8.89 -27.73 7.54
C GLY A 287 9.60 -27.30 6.28
N HIS A 288 8.95 -26.45 5.49
CA HIS A 288 9.61 -25.91 4.30
C HIS A 288 10.83 -25.07 4.68
N ASN A 289 10.70 -24.28 5.75
CA ASN A 289 11.79 -23.43 6.17
C ASN A 289 12.81 -24.15 7.05
N PHE A 290 12.35 -25.10 7.87
CA PHE A 290 13.24 -25.75 8.82
C PHE A 290 13.43 -27.24 8.54
N ASP A 291 12.36 -28.04 8.51
CA ASP A 291 12.52 -29.49 8.52
C ASP A 291 13.09 -30.00 7.20
N LEU A 292 12.42 -29.69 6.09
CA LEU A 292 12.88 -30.18 4.79
C LEU A 292 14.27 -29.65 4.46
N ARG A 293 14.50 -28.37 4.72
CA ARG A 293 15.83 -27.80 4.46
C ARG A 293 16.89 -28.48 5.30
N TYR A 294 16.60 -28.73 6.58
CA TYR A 294 17.56 -29.38 7.45
C TYR A 294 17.89 -30.78 6.98
N ILE A 295 16.86 -31.58 6.69
CA ILE A 295 17.11 -32.97 6.30
C ILE A 295 17.83 -33.03 4.97
N THR A 296 17.49 -32.14 4.04
CA THR A 296 18.23 -32.08 2.79
C THR A 296 19.70 -31.75 3.04
N ASN A 297 19.96 -30.59 3.67
CA ASN A 297 21.34 -30.17 3.89
C ASN A 297 22.15 -31.26 4.59
N ARG A 298 21.52 -31.98 5.52
CA ARG A 298 22.20 -33.12 6.14
C ARG A 298 22.50 -34.22 5.13
N LEU A 299 21.55 -34.51 4.23
CA LEU A 299 21.76 -35.56 3.24
C LEU A 299 22.90 -35.22 2.30
N GLU A 300 22.92 -33.99 1.78
CA GLU A 300 24.01 -33.59 0.91
C GLU A 300 25.29 -33.22 1.65
N LEU A 301 25.28 -33.18 2.98
CA LEU A 301 26.53 -32.99 3.70
C LEU A 301 27.18 -34.30 4.11
N LEU A 302 26.38 -35.26 4.63
CA LEU A 302 26.95 -36.50 5.13
C LEU A 302 27.42 -37.41 3.99
N THR A 303 26.62 -37.52 2.94
CA THR A 303 26.97 -38.40 1.82
C THR A 303 26.94 -37.71 0.45
N GLY A 304 26.35 -36.53 0.33
CA GLY A 304 26.44 -35.77 -0.90
C GLY A 304 25.49 -36.19 -2.00
N GLU A 305 24.44 -36.94 -1.70
CA GLU A 305 23.46 -37.33 -2.69
C GLU A 305 22.22 -36.45 -2.59
N LYS A 306 21.56 -36.25 -3.73
CA LYS A 306 20.42 -35.36 -3.84
C LYS A 306 19.11 -36.14 -3.81
N ILE A 307 18.04 -35.44 -3.50
CA ILE A 307 16.69 -35.97 -3.58
C ILE A 307 16.16 -35.66 -4.97
N ILE A 308 15.94 -36.69 -5.77
CA ILE A 308 15.63 -36.54 -7.20
C ILE A 308 14.13 -36.64 -7.40
N PHE A 309 13.55 -35.63 -8.03
CA PHE A 309 12.17 -35.65 -8.46
C PHE A 309 12.14 -35.76 -9.98
N ARG A 310 11.34 -36.69 -10.49
CA ARG A 310 11.32 -37.01 -11.91
C ARG A 310 9.98 -36.61 -12.52
N SER A 311 10.03 -36.13 -13.76
CA SER A 311 8.81 -35.81 -14.49
C SER A 311 8.02 -37.09 -14.75
N PRO A 312 6.69 -36.98 -14.88
CA PRO A 312 5.89 -38.19 -15.12
C PRO A 312 6.29 -38.98 -16.36
N ASP A 313 6.84 -38.32 -17.37
CA ASP A 313 7.31 -39.01 -18.58
C ASP A 313 8.77 -39.44 -18.48
N LYS A 314 9.42 -39.20 -17.35
CA LYS A 314 10.82 -39.57 -17.13
C LYS A 314 11.74 -38.88 -18.13
N LYS A 315 11.67 -37.56 -18.15
CA LYS A 315 12.54 -36.76 -19.00
C LYS A 315 13.28 -35.67 -18.24
N GLU A 316 12.65 -35.06 -17.25
CA GLU A 316 13.26 -33.97 -16.48
C GLU A 316 13.44 -34.43 -15.04
N ALA A 317 14.68 -34.35 -14.55
CA ALA A 317 15.01 -34.72 -13.18
C ALA A 317 15.58 -33.52 -12.47
N VAL A 318 15.04 -33.21 -11.29
CA VAL A 318 15.44 -32.03 -10.53
C VAL A 318 15.82 -32.43 -9.13
N HIS A 319 16.63 -31.58 -8.49
CA HIS A 319 17.01 -31.75 -7.09
C HIS A 319 16.16 -30.83 -6.23
N LEU A 320 15.89 -31.27 -5.00
CA LEU A 320 15.05 -30.48 -4.10
C LEU A 320 15.80 -29.23 -3.68
N CYS A 321 15.12 -28.09 -3.74
CA CYS A 321 15.73 -26.81 -3.39
C CYS A 321 14.61 -25.86 -2.97
N ILE A 322 14.55 -25.53 -1.68
CA ILE A 322 13.53 -24.62 -1.17
C ILE A 322 13.81 -23.23 -1.71
N TYR A 323 12.78 -22.61 -2.30
CA TYR A 323 12.91 -21.27 -2.85
C TYR A 323 11.96 -20.32 -2.14
N GLU A 324 12.37 -19.06 -2.05
CA GLU A 324 11.66 -18.04 -1.29
C GLU A 324 10.84 -17.15 -2.20
N ARG A 325 9.63 -16.83 -1.75
CA ARG A 325 8.74 -15.91 -2.44
C ARG A 325 8.42 -14.76 -1.50
N ASN A 326 8.62 -13.53 -1.98
CA ASN A 326 8.43 -12.33 -1.19
C ASN A 326 7.24 -11.55 -1.71
N GLN A 327 6.46 -10.99 -0.79
CA GLN A 327 5.29 -10.19 -1.12
C GLN A 327 5.50 -8.75 -0.64
N SER A 328 4.95 -7.81 -1.41
CA SER A 328 5.09 -6.40 -1.12
C SER A 328 3.72 -5.77 -0.83
N SER A 329 3.71 -4.82 0.10
CA SER A 329 2.50 -4.09 0.45
C SER A 329 2.19 -3.05 -0.62
N HIS A 330 0.97 -2.53 -0.57
CA HIS A 330 0.49 -1.56 -1.55
C HIS A 330 0.38 -0.15 -0.98
N LYS A 331 1.06 0.14 0.13
CA LYS A 331 0.99 1.45 0.75
C LYS A 331 2.38 1.93 1.11
N GLY A 332 2.58 3.25 1.03
CA GLY A 332 3.86 3.83 1.41
C GLY A 332 4.97 3.44 0.45
N VAL A 333 6.16 3.21 1.01
CA VAL A 333 7.30 2.78 0.21
C VAL A 333 7.10 1.34 -0.26
N CYS A 334 6.06 0.68 0.26
CA CYS A 334 5.62 -0.66 -0.11
C CYS A 334 6.55 -1.75 0.41
N GLY A 335 7.70 -1.34 0.96
CA GLY A 335 8.57 -2.19 1.77
C GLY A 335 8.67 -3.65 1.39
N MET A 336 8.70 -4.50 2.42
CA MET A 336 8.56 -5.95 2.28
C MET A 336 7.81 -6.45 3.51
N ALA A 337 6.78 -7.27 3.30
CA ALA A 337 5.89 -7.61 4.40
C ALA A 337 5.51 -9.08 4.50
N ASN A 338 6.06 -9.96 3.66
CA ASN A 338 5.71 -11.38 3.75
C ASN A 338 6.75 -12.21 3.00
N THR A 339 7.18 -13.29 3.64
CA THR A 339 8.09 -14.25 3.03
C THR A 339 7.52 -15.66 3.21
N THR A 340 7.57 -16.45 2.13
CA THR A 340 7.13 -17.84 2.17
C THR A 340 8.18 -18.70 1.47
N PHE A 341 8.19 -19.98 1.81
CA PHE A 341 9.15 -20.93 1.28
C PHE A 341 8.43 -22.11 0.64
N HIS A 342 8.91 -22.52 -0.53
CA HIS A 342 8.24 -23.57 -1.30
C HIS A 342 9.27 -24.60 -1.78
N VAL A 343 8.74 -25.76 -2.17
CA VAL A 343 9.53 -26.87 -2.67
C VAL A 343 9.28 -27.01 -4.17
N ASN A 344 10.36 -27.23 -4.93
CA ASN A 344 10.27 -27.46 -6.36
C ASN A 344 10.26 -28.96 -6.64
N ASN A 345 9.25 -29.40 -7.39
CA ASN A 345 9.15 -30.80 -7.76
C ASN A 345 8.26 -30.91 -9.00
N ASN A 346 8.51 -31.93 -9.81
CA ASN A 346 7.80 -32.12 -11.07
C ASN A 346 7.18 -33.51 -11.12
N ASN A 347 6.51 -33.91 -10.04
CA ASN A 347 5.87 -35.21 -9.98
C ASN A 347 4.43 -35.17 -9.51
N GLY A 348 3.88 -33.99 -9.19
CA GLY A 348 2.51 -33.86 -8.77
C GLY A 348 2.28 -33.87 -7.28
N THR A 349 3.28 -34.24 -6.49
CA THR A 349 3.14 -34.24 -5.04
C THR A 349 3.03 -32.81 -4.51
N ILE A 350 2.11 -32.60 -3.57
CA ILE A 350 1.92 -31.30 -2.94
C ILE A 350 2.60 -31.33 -1.58
N PHE A 351 3.54 -30.41 -1.38
CA PHE A 351 4.21 -30.23 -0.10
C PHE A 351 3.56 -29.06 0.62
N PHE A 352 3.03 -29.32 1.82
CA PHE A 352 2.21 -28.36 2.53
C PHE A 352 2.86 -27.97 3.85
N ASP A 353 2.86 -26.67 4.13
CA ASP A 353 3.34 -26.10 5.38
C ASP A 353 2.15 -25.46 6.07
N LEU A 354 1.78 -25.99 7.24
CA LEU A 354 0.63 -25.48 7.96
C LEU A 354 0.93 -24.15 8.65
N TYR A 355 2.21 -23.84 8.89
CA TYR A 355 2.57 -22.60 9.57
C TYR A 355 2.11 -21.39 8.76
N SER A 356 2.45 -21.36 7.47
CA SER A 356 2.07 -20.23 6.63
C SER A 356 0.55 -20.14 6.48
N PHE A 357 -0.10 -21.29 6.31
CA PHE A 357 -1.56 -21.30 6.16
C PHE A 357 -2.24 -20.74 7.39
N ILE A 358 -1.81 -21.16 8.58
CA ILE A 358 -2.41 -20.67 9.82
C ILE A 358 -2.10 -19.19 10.01
N GLN A 359 -0.87 -18.77 9.70
CA GLN A 359 -0.51 -17.37 9.87
C GLN A 359 -1.34 -16.48 8.96
N LYS A 360 -1.58 -16.91 7.72
CA LYS A 360 -2.36 -16.10 6.79
C LYS A 360 -3.85 -16.14 7.07
N SER A 361 -4.37 -17.27 7.57
CA SER A 361 -5.82 -17.43 7.70
C SER A 361 -6.37 -16.92 9.02
N GLU A 362 -5.68 -17.16 10.14
CA GLU A 362 -6.19 -16.82 11.46
C GLU A 362 -5.35 -15.72 12.09
N LYS A 363 -6.01 -14.87 12.88
CA LYS A 363 -5.37 -13.75 13.56
C LYS A 363 -5.32 -14.05 15.06
N LEU A 364 -4.12 -14.28 15.58
CA LEU A 364 -3.92 -14.63 16.98
C LEU A 364 -2.74 -13.86 17.53
N ASP A 365 -2.59 -13.90 18.85
CA ASP A 365 -1.47 -13.22 19.50
C ASP A 365 -0.13 -13.82 19.07
N SER A 366 -0.05 -15.15 19.02
CA SER A 366 1.17 -15.85 18.62
C SER A 366 0.79 -17.00 17.70
N TYR A 367 1.76 -17.41 16.88
CA TYR A 367 1.56 -18.47 15.90
C TYR A 367 2.51 -19.64 16.14
N LYS A 368 2.90 -19.86 17.38
CA LYS A 368 3.68 -21.04 17.71
C LYS A 368 2.76 -22.26 17.76
N LEU A 369 3.36 -23.45 17.60
CA LEU A 369 2.57 -24.67 17.53
C LEU A 369 1.79 -24.91 18.83
N ASP A 370 2.43 -24.66 19.97
CA ASP A 370 1.76 -24.84 21.25
C ASP A 370 0.57 -23.89 21.39
N SER A 371 0.73 -22.65 20.96
CA SER A 371 -0.37 -21.69 21.03
C SER A 371 -1.53 -22.11 20.12
N ILE A 372 -1.21 -22.57 18.91
CA ILE A 372 -2.26 -23.01 17.99
C ILE A 372 -3.01 -24.21 18.56
N SER A 373 -2.28 -25.17 19.14
CA SER A 373 -2.93 -26.33 19.73
C SER A 373 -3.79 -25.93 20.93
N LYS A 374 -3.29 -25.00 21.75
CA LYS A 374 -4.07 -24.55 22.91
C LYS A 374 -5.34 -23.84 22.48
N ASN A 375 -5.27 -23.02 21.43
CA ASN A 375 -6.46 -22.31 20.97
C ASN A 375 -7.43 -23.25 20.26
N ALA A 376 -6.92 -24.31 19.63
CA ALA A 376 -7.77 -25.18 18.83
C ALA A 376 -8.39 -26.32 19.64
N PHE A 377 -7.60 -27.02 20.43
CA PHE A 377 -8.05 -28.18 21.18
C PHE A 377 -8.27 -27.80 22.64
N SER A 378 -9.54 -27.66 23.02
CA SER A 378 -9.90 -27.33 24.39
C SER A 378 -11.23 -27.98 24.71
N CYS A 379 -11.48 -28.18 26.01
CA CYS A 379 -12.69 -28.85 26.46
C CYS A 379 -12.99 -28.43 27.89
N MET A 380 -14.22 -28.73 28.32
CA MET A 380 -14.65 -28.50 29.69
C MET A 380 -14.71 -29.84 30.40
N GLY A 381 -13.95 -29.98 31.48
CA GLY A 381 -13.84 -31.22 32.22
C GLY A 381 -14.58 -31.14 33.54
N LYS A 382 -15.33 -32.19 33.85
CA LYS A 382 -16.05 -32.31 35.11
C LYS A 382 -15.24 -33.16 36.06
N VAL A 383 -15.04 -32.67 37.29
CA VAL A 383 -14.23 -33.37 38.26
C VAL A 383 -14.96 -34.62 38.73
N LEU A 384 -14.27 -35.76 38.71
CA LEU A 384 -14.83 -37.05 39.12
C LEU A 384 -14.25 -37.54 40.44
N ASN A 385 -12.93 -37.48 40.60
CA ASN A 385 -12.27 -37.94 41.81
C ASN A 385 -11.23 -36.91 42.24
N ARG A 386 -10.75 -37.07 43.47
CA ARG A 386 -9.70 -36.23 44.01
C ARG A 386 -8.57 -37.12 44.53
N GLY A 387 -7.49 -36.47 44.97
CA GLY A 387 -6.35 -37.21 45.48
C GLY A 387 -5.36 -36.26 46.10
N VAL A 388 -4.33 -36.86 46.73
CA VAL A 388 -3.29 -36.06 47.37
C VAL A 388 -2.47 -35.31 46.31
N ARG A 389 -2.22 -35.94 45.17
CA ARG A 389 -1.48 -35.30 44.10
C ARG A 389 -2.05 -35.58 42.71
N GLU A 390 -3.18 -36.28 42.61
CA GLU A 390 -3.79 -36.62 41.33
C GLU A 390 -5.24 -36.19 41.32
N MET A 391 -5.71 -35.75 40.16
CA MET A 391 -7.08 -35.34 39.96
C MET A 391 -7.63 -35.99 38.70
N THR A 392 -8.85 -36.53 38.78
CA THR A 392 -9.47 -37.25 37.68
C THR A 392 -10.56 -36.38 37.07
N PHE A 393 -10.48 -36.20 35.74
CA PHE A 393 -11.46 -35.45 34.99
C PHE A 393 -12.20 -36.38 34.04
N ILE A 394 -13.33 -35.89 33.53
CA ILE A 394 -14.12 -36.63 32.54
C ILE A 394 -14.79 -35.63 31.62
N GLY A 395 -14.83 -35.96 30.34
CA GLY A 395 -15.47 -35.09 29.35
C GLY A 395 -16.35 -35.85 28.39
N ASP A 396 -17.48 -35.27 28.03
CA ASP A 396 -18.41 -35.87 27.09
C ASP A 396 -19.34 -34.77 26.58
N ASP A 397 -20.41 -35.17 25.88
CA ASP A 397 -21.37 -34.20 25.37
C ASP A 397 -22.14 -33.49 26.48
N THR A 398 -22.16 -34.06 27.69
CA THR A 398 -22.92 -33.49 28.78
C THR A 398 -22.20 -32.34 29.49
N THR A 399 -20.89 -32.18 29.28
CA THR A 399 -20.12 -31.13 29.91
C THR A 399 -19.81 -29.97 28.98
N ASP A 400 -19.35 -30.26 27.77
CA ASP A 400 -19.04 -29.24 26.77
C ASP A 400 -19.92 -29.44 25.55
N ALA A 401 -19.65 -28.65 24.51
CA ALA A 401 -20.42 -28.73 23.28
C ALA A 401 -20.14 -30.06 22.56
N LYS A 402 -21.08 -30.45 21.70
CA LYS A 402 -20.94 -31.69 20.96
C LYS A 402 -19.74 -31.63 20.02
N GLY A 403 -18.90 -32.67 20.07
CA GLY A 403 -17.74 -32.78 19.22
C GLY A 403 -16.45 -32.32 19.86
N LYS A 404 -16.50 -31.44 20.86
CA LYS A 404 -15.29 -31.01 21.55
C LYS A 404 -14.64 -32.18 22.28
N ALA A 405 -15.45 -33.00 22.96
CA ALA A 405 -14.92 -34.14 23.70
C ALA A 405 -14.27 -35.15 22.77
N ASP A 406 -14.89 -35.39 21.61
CA ASP A 406 -14.32 -36.34 20.65
C ASP A 406 -12.97 -35.86 20.13
N THR A 407 -12.86 -34.58 19.82
CA THR A 407 -11.58 -34.03 19.37
C THR A 407 -10.53 -34.10 20.47
N PHE A 408 -10.93 -33.79 21.71
CA PHE A 408 -9.99 -33.88 22.82
C PHE A 408 -9.52 -35.31 23.03
N ALA A 409 -10.42 -36.28 22.89
CA ALA A 409 -10.03 -37.68 23.01
C ALA A 409 -9.10 -38.10 21.88
N LYS A 410 -9.38 -37.63 20.66
CA LYS A 410 -8.52 -37.98 19.53
C LYS A 410 -7.11 -37.42 19.71
N VAL A 411 -7.00 -36.17 20.17
CA VAL A 411 -5.68 -35.60 20.41
C VAL A 411 -5.02 -36.26 21.63
N LEU A 412 -5.83 -36.74 22.59
CA LEU A 412 -5.30 -37.35 23.80
C LEU A 412 -4.58 -38.67 23.54
N THR A 413 -4.79 -39.27 22.35
CA THR A 413 -4.13 -40.52 22.04
C THR A 413 -2.62 -40.38 22.03
N THR A 414 -2.12 -39.19 21.72
CA THR A 414 -0.68 -38.93 21.69
C THR A 414 -0.25 -37.79 22.61
N GLY A 415 -1.19 -37.15 23.30
CA GLY A 415 -0.84 -36.04 24.18
C GLY A 415 -0.17 -36.51 25.46
N ASN A 416 0.57 -35.58 26.07
CA ASN A 416 1.33 -35.90 27.28
C ASN A 416 1.05 -34.91 28.40
N TYR A 417 0.71 -33.66 28.06
CA TYR A 417 0.49 -32.61 29.04
C TYR A 417 -0.82 -31.90 28.76
N VAL A 418 -1.47 -31.45 29.83
CA VAL A 418 -2.75 -30.75 29.74
C VAL A 418 -2.66 -29.47 30.56
N THR A 419 -3.24 -28.40 30.04
CA THR A 419 -3.27 -27.10 30.72
C THR A 419 -4.66 -26.88 31.31
N VAL A 420 -4.70 -26.62 32.61
CA VAL A 420 -5.94 -26.40 33.36
C VAL A 420 -5.98 -24.95 33.82
N ASP A 421 -7.13 -24.30 33.62
CA ASP A 421 -7.34 -22.90 33.99
C ASP A 421 -6.35 -21.98 33.30
N GLU A 422 -5.86 -22.40 32.14
CA GLU A 422 -4.81 -21.73 31.35
C GLU A 422 -3.67 -21.24 32.23
N ASP A 423 -3.44 -21.92 33.37
CA ASP A 423 -2.35 -21.57 34.26
C ASP A 423 -1.56 -22.74 34.80
N ILE A 424 -2.11 -23.95 34.84
CA ILE A 424 -1.46 -25.09 35.46
C ILE A 424 -1.16 -26.13 34.39
N ILE A 425 0.11 -26.54 34.29
CA ILE A 425 0.53 -27.58 33.35
C ILE A 425 0.69 -28.88 34.11
N CYS A 426 -0.08 -29.89 33.74
CA CYS A 426 -0.06 -31.17 34.45
C CYS A 426 0.15 -32.32 33.48
N LYS A 427 0.99 -33.26 33.89
CA LYS A 427 1.26 -34.44 33.08
C LYS A 427 0.11 -35.43 33.17
N VAL A 428 -0.18 -36.09 32.05
CA VAL A 428 -1.24 -37.09 31.99
C VAL A 428 -0.71 -38.38 32.58
N ILE A 429 -1.38 -38.89 33.62
CA ILE A 429 -0.98 -40.14 34.25
C ILE A 429 -1.62 -41.33 33.56
N ARG A 430 -2.94 -41.31 33.41
CA ARG A 430 -3.66 -42.38 32.74
C ARG A 430 -4.70 -41.77 31.81
N LYS A 431 -4.87 -42.39 30.64
CA LYS A 431 -5.82 -41.90 29.64
C LYS A 431 -6.73 -43.04 29.20
N ASP A 432 -8.01 -42.72 29.04
CA ASP A 432 -9.00 -43.69 28.59
C ASP A 432 -9.94 -42.99 27.62
N ILE A 433 -9.95 -43.44 26.36
CA ILE A 433 -10.78 -42.83 25.33
C ILE A 433 -12.09 -43.59 25.27
N LEU A 434 -13.17 -42.96 25.71
CA LEU A 434 -14.49 -43.57 25.68
C LEU A 434 -15.14 -43.35 24.32
N GLU A 435 -16.25 -44.05 24.10
CA GLU A 435 -16.99 -43.92 22.84
C GLU A 435 -17.62 -42.54 22.68
N ASN A 436 -17.82 -41.81 23.77
CA ASN A 436 -18.40 -40.47 23.71
C ASN A 436 -17.49 -39.37 24.20
N GLY A 437 -16.35 -39.70 24.81
CA GLY A 437 -15.45 -38.68 25.30
C GLY A 437 -14.12 -39.24 25.79
N PHE A 438 -13.63 -38.71 26.91
CA PHE A 438 -12.34 -39.10 27.45
C PHE A 438 -12.41 -39.15 28.97
N LYS A 439 -11.47 -39.90 29.56
CA LYS A 439 -11.34 -40.02 31.02
C LYS A 439 -9.84 -39.93 31.33
N VAL A 440 -9.38 -38.72 31.62
CA VAL A 440 -7.95 -38.44 31.79
C VAL A 440 -7.69 -38.16 33.27
N VAL A 441 -6.60 -38.73 33.78
CA VAL A 441 -6.11 -38.47 35.14
C VAL A 441 -4.91 -37.54 35.03
N LEU A 442 -4.91 -36.47 35.82
CA LEU A 442 -3.88 -35.45 35.75
C LEU A 442 -3.18 -35.33 37.10
N SER A 443 -1.90 -34.99 37.05
CA SER A 443 -1.09 -34.78 38.26
C SER A 443 -1.06 -33.28 38.56
N CYS A 444 -2.14 -32.80 39.15
CA CYS A 444 -2.28 -31.41 39.53
C CYS A 444 -2.73 -31.30 40.97
N PRO A 445 -2.42 -30.20 41.64
CA PRO A 445 -2.85 -30.03 43.04
C PRO A 445 -4.37 -29.93 43.14
N THR A 446 -4.85 -30.17 44.35
CA THR A 446 -6.29 -30.15 44.61
C THR A 446 -6.87 -28.78 44.29
N LEU A 447 -8.05 -28.77 43.66
CA LEU A 447 -8.70 -27.54 43.26
C LEU A 447 -10.15 -27.54 43.69
N PRO A 448 -10.71 -26.36 44.00
CA PRO A 448 -12.13 -26.29 44.35
C PRO A 448 -13.03 -26.44 43.13
N ASN A 449 -14.33 -26.22 43.33
CA ASN A 449 -15.32 -26.28 42.26
C ASN A 449 -15.43 -27.68 41.66
N ASP A 450 -16.15 -27.80 40.55
CA ASP A 450 -16.36 -29.10 39.91
C ASP A 450 -16.17 -29.10 38.41
N ILE A 451 -16.11 -27.95 37.76
CA ILE A 451 -15.93 -27.84 36.32
C ILE A 451 -14.72 -26.97 36.04
N TYR A 452 -13.83 -27.45 35.18
CA TYR A 452 -12.62 -26.72 34.82
C TYR A 452 -12.44 -26.76 33.30
N LYS A 453 -11.42 -26.05 32.83
CA LYS A 453 -11.10 -25.99 31.40
C LYS A 453 -9.77 -26.69 31.15
N LEU A 454 -9.79 -27.65 30.24
CA LEU A 454 -8.59 -28.40 29.86
C LEU A 454 -8.20 -28.03 28.43
N SER A 455 -6.90 -27.93 28.19
CA SER A 455 -6.40 -27.56 26.88
C SER A 455 -5.06 -28.25 26.62
N PHE A 456 -4.72 -28.38 25.35
CA PHE A 456 -3.45 -28.97 24.91
C PHE A 456 -2.54 -27.82 24.48
N GLY A 457 -1.76 -27.31 25.42
CA GLY A 457 -0.90 -26.18 25.14
C GLY A 457 0.54 -26.36 25.53
N LYS A 458 1.10 -25.39 26.22
CA LYS A 458 2.51 -25.43 26.61
C LYS A 458 2.76 -26.53 27.62
N ASP A 459 3.97 -27.07 27.60
CA ASP A 459 4.44 -28.06 28.57
C ASP A 459 5.55 -27.45 29.43
N ASP A 460 5.96 -28.20 30.44
CA ASP A 460 6.91 -27.72 31.44
C ASP A 460 8.23 -28.48 31.39
N ILE A 461 8.75 -28.71 30.19
CA ILE A 461 10.01 -29.39 29.98
C ILE A 461 10.92 -28.50 29.15
N ASP A 462 12.19 -28.43 29.53
CA ASP A 462 13.20 -27.67 28.79
C ASP A 462 13.99 -28.62 27.91
N LEU A 463 13.96 -28.35 26.59
CA LEU A 463 14.55 -29.29 25.64
C LEU A 463 16.07 -29.32 25.74
N ALA A 464 16.70 -28.17 25.95
CA ALA A 464 18.16 -28.12 25.98
C ALA A 464 18.73 -28.95 27.12
N GLN A 465 18.12 -28.85 28.31
CA GLN A 465 18.61 -29.60 29.46
C GLN A 465 18.48 -31.10 29.24
N MET A 466 17.33 -31.55 28.73
CA MET A 466 17.14 -32.97 28.48
C MET A 466 17.99 -33.47 27.32
N TYR A 467 18.38 -32.58 26.41
CA TYR A 467 19.38 -32.94 25.40
C TYR A 467 20.76 -33.07 26.02
N LYS A 468 21.05 -32.27 27.04
CA LYS A 468 22.37 -32.30 27.67
C LYS A 468 22.62 -33.60 28.44
N ASP A 469 21.57 -34.33 28.81
CA ASP A 469 21.67 -35.54 29.61
C ASP A 469 20.96 -36.70 28.92
N TYR A 470 21.26 -36.88 27.63
CA TYR A 470 20.59 -37.88 26.82
C TYR A 470 20.73 -39.28 27.43
N ASN A 471 19.62 -39.99 27.52
CA ASN A 471 19.58 -41.30 28.15
C ASN A 471 18.52 -42.15 27.45
N LEU A 472 18.19 -43.30 28.04
CA LEU A 472 17.15 -44.16 27.47
C LEU A 472 15.78 -43.54 27.63
N ASN A 473 15.41 -43.24 28.88
CA ASN A 473 14.09 -42.70 29.16
C ASN A 473 13.88 -41.35 28.49
N ILE A 474 14.93 -40.52 28.49
CA ILE A 474 14.83 -39.22 27.83
C ILE A 474 14.62 -39.39 26.32
N ALA A 475 15.35 -40.33 25.71
CA ALA A 475 15.18 -40.58 24.28
C ALA A 475 13.78 -41.07 23.97
N LEU A 476 13.24 -41.99 24.78
CA LEU A 476 11.89 -42.49 24.54
C LEU A 476 10.85 -41.39 24.74
N ASP A 477 11.02 -40.56 25.76
CA ASP A 477 10.09 -39.45 25.98
C ASP A 477 10.12 -38.47 24.82
N MET A 478 11.31 -38.15 24.32
CA MET A 478 11.40 -37.24 23.19
C MET A 478 10.86 -37.87 21.91
N ALA A 479 11.00 -39.17 21.75
CA ALA A 479 10.35 -39.86 20.63
C ALA A 479 8.83 -39.75 20.74
N ARG A 480 8.30 -39.90 21.95
CA ARG A 480 6.86 -39.73 22.16
C ARG A 480 6.43 -38.30 21.82
N TYR A 481 7.22 -37.30 22.23
CA TYR A 481 6.89 -35.92 21.90
C TYR A 481 6.95 -35.68 20.39
N CYS A 482 7.94 -36.26 19.72
CA CYS A 482 8.08 -36.08 18.28
C CYS A 482 6.92 -36.71 17.53
N ILE A 483 6.51 -37.92 17.93
CA ILE A 483 5.37 -38.54 17.27
C ILE A 483 4.09 -37.79 17.61
N HIS A 484 4.01 -37.19 18.79
CA HIS A 484 2.86 -36.33 19.10
C HIS A 484 2.82 -35.13 18.17
N ASP A 485 3.97 -34.51 17.89
CA ASP A 485 4.00 -33.39 16.95
C ASP A 485 3.63 -33.83 15.54
N ALA A 486 4.13 -34.99 15.11
CA ALA A 486 3.82 -35.48 13.78
C ALA A 486 2.32 -35.76 13.63
N CYS A 487 1.70 -36.33 14.66
CA CYS A 487 0.26 -36.55 14.60
C CYS A 487 -0.52 -35.26 14.82
N LEU A 488 0.06 -34.28 15.51
CA LEU A 488 -0.57 -32.99 15.67
C LEU A 488 -0.66 -32.25 14.34
N CYS A 489 0.32 -32.45 13.47
CA CYS A 489 0.20 -31.93 12.11
C CYS A 489 -1.06 -32.47 11.44
N GLN A 490 -1.33 -33.77 11.57
CA GLN A 490 -2.54 -34.36 11.01
C GLN A 490 -3.80 -33.84 11.69
N TYR A 491 -3.74 -33.66 13.01
CA TYR A 491 -4.89 -33.15 13.75
C TYR A 491 -5.25 -31.74 13.31
N LEU A 492 -4.24 -30.89 13.10
CA LEU A 492 -4.49 -29.55 12.59
C LEU A 492 -4.93 -29.58 11.13
N TRP A 493 -4.43 -30.53 10.35
CA TRP A 493 -4.88 -30.69 8.97
C TRP A 493 -6.36 -31.02 8.91
N GLU A 494 -6.82 -31.92 9.79
CA GLU A 494 -8.23 -32.30 9.79
C GLU A 494 -9.11 -31.24 10.43
N TYR A 495 -8.61 -30.55 11.45
CA TYR A 495 -9.42 -29.56 12.16
C TYR A 495 -9.67 -28.33 11.29
N TYR A 496 -8.70 -27.94 10.48
CA TYR A 496 -8.82 -26.75 9.65
C TYR A 496 -9.51 -27.02 8.32
N GLY A 497 -9.75 -28.28 7.97
CA GLY A 497 -10.41 -28.60 6.72
C GLY A 497 -9.64 -28.15 5.50
N VAL A 498 -8.34 -28.44 5.48
CA VAL A 498 -7.47 -27.97 4.40
C VAL A 498 -7.91 -28.57 3.06
N GLU A 499 -8.31 -29.85 3.07
CA GLU A 499 -8.68 -30.51 1.83
C GLU A 499 -9.96 -29.90 1.23
N THR A 500 -10.98 -29.69 2.07
CA THR A 500 -12.23 -29.10 1.59
C THR A 500 -12.00 -27.68 1.08
N LYS A 501 -11.21 -26.89 1.81
CA LYS A 501 -10.92 -25.53 1.38
C LYS A 501 -10.15 -25.53 0.06
N THR A 502 -9.19 -26.45 -0.08
CA THR A 502 -8.43 -26.54 -1.33
C THR A 502 -9.34 -26.88 -2.51
N ASP A 503 -10.23 -27.85 -2.32
CA ASP A 503 -11.14 -28.23 -3.40
C ASP A 503 -12.05 -27.06 -3.78
N ALA A 504 -12.63 -26.39 -2.78
CA ALA A 504 -13.52 -25.27 -3.07
C ALA A 504 -12.78 -24.12 -3.76
N GLY A 505 -11.56 -23.83 -3.30
CA GLY A 505 -10.79 -22.76 -3.93
C GLY A 505 -10.40 -23.09 -5.36
N ALA A 506 -10.02 -24.34 -5.61
CA ALA A 506 -9.72 -24.75 -6.98
C ALA A 506 -10.95 -24.65 -7.86
N ALA A 507 -12.11 -25.04 -7.33
CA ALA A 507 -13.35 -24.96 -8.11
C ALA A 507 -13.73 -23.51 -8.42
N THR A 508 -13.57 -22.62 -7.45
CA THR A 508 -14.07 -21.25 -7.62
C THR A 508 -13.07 -20.36 -8.35
N TYR A 509 -11.84 -20.30 -7.86
CA TYR A 509 -10.85 -19.38 -8.44
C TYR A 509 -10.31 -19.85 -9.78
N VAL A 510 -10.64 -21.07 -10.20
CA VAL A 510 -10.14 -21.66 -11.44
C VAL A 510 -8.61 -21.65 -11.39
N LEU A 511 -8.05 -22.46 -10.50
CA LEU A 511 -6.61 -22.53 -10.31
C LEU A 511 -6.22 -23.96 -9.96
N PRO A 512 -4.97 -24.35 -10.24
CA PRO A 512 -4.50 -25.66 -9.78
C PRO A 512 -4.48 -25.74 -8.27
N GLN A 513 -4.63 -26.97 -7.76
CA GLN A 513 -4.70 -27.20 -6.32
C GLN A 513 -3.40 -26.88 -5.60
N SER A 514 -2.29 -26.70 -6.32
CA SER A 514 -1.00 -26.48 -5.68
C SER A 514 -0.80 -25.03 -5.24
N MET A 515 -1.63 -24.09 -5.69
CA MET A 515 -1.42 -22.70 -5.34
C MET A 515 -2.72 -21.97 -4.98
N VAL A 516 -3.75 -22.70 -4.56
CA VAL A 516 -5.03 -22.08 -4.24
C VAL A 516 -4.85 -21.04 -3.14
N PHE A 517 -4.03 -21.34 -2.13
CA PHE A 517 -3.76 -20.41 -1.05
C PHE A 517 -2.48 -19.62 -1.26
N GLU A 518 -2.09 -19.38 -2.52
CA GLU A 518 -0.83 -18.71 -2.81
C GLU A 518 -1.01 -17.31 -3.40
N TYR A 519 -2.23 -16.85 -3.58
CA TYR A 519 -2.48 -15.56 -4.23
C TYR A 519 -3.49 -14.75 -3.42
N ARG A 520 -3.39 -13.43 -3.57
CA ARG A 520 -4.28 -12.51 -2.87
C ARG A 520 -5.51 -12.23 -3.72
N ALA A 521 -6.30 -11.22 -3.32
CA ALA A 521 -7.57 -10.97 -3.98
C ALA A 521 -7.39 -10.49 -5.42
N SER A 522 -6.33 -9.73 -5.68
CA SER A 522 -6.13 -9.17 -7.02
C SER A 522 -5.86 -10.24 -8.06
N THR A 523 -5.46 -11.43 -7.65
CA THR A 523 -5.13 -12.52 -8.56
C THR A 523 -6.16 -13.63 -8.59
N ILE A 524 -6.74 -13.98 -7.44
CA ILE A 524 -7.68 -15.09 -7.40
C ILE A 524 -8.98 -14.79 -8.14
N ILE A 525 -9.30 -13.50 -8.35
CA ILE A 525 -10.50 -13.14 -9.08
C ILE A 525 -10.28 -13.06 -10.58
N LYS A 526 -9.05 -13.29 -11.05
CA LYS A 526 -8.78 -13.19 -12.48
C LYS A 526 -9.41 -14.34 -13.27
N GLY A 527 -9.54 -15.52 -12.66
CA GLY A 527 -10.17 -16.64 -13.30
C GLY A 527 -11.64 -16.41 -13.60
N PRO A 528 -12.44 -16.18 -12.55
CA PRO A 528 -13.84 -15.81 -12.78
C PRO A 528 -14.01 -14.54 -13.59
N LEU A 529 -13.09 -13.58 -13.46
CA LEU A 529 -13.16 -12.38 -14.30
C LEU A 529 -13.02 -12.73 -15.77
N LEU A 530 -12.06 -13.60 -16.10
CA LEU A 530 -11.89 -14.04 -17.48
C LEU A 530 -13.10 -14.82 -17.97
N LYS A 531 -13.66 -15.68 -17.11
CA LYS A 531 -14.85 -16.42 -17.49
C LYS A 531 -16.00 -15.48 -17.81
N LEU A 532 -16.22 -14.48 -16.96
CA LEU A 532 -17.31 -13.53 -17.18
C LEU A 532 -17.07 -12.68 -18.42
N LEU A 533 -15.83 -12.24 -18.63
CA LEU A 533 -15.52 -11.43 -19.80
C LEU A 533 -15.71 -12.21 -21.09
N LEU A 534 -15.33 -13.50 -21.09
CA LEU A 534 -15.54 -14.31 -22.28
C LEU A 534 -17.01 -14.66 -22.48
N GLU A 535 -17.77 -14.76 -21.38
CA GLU A 535 -19.20 -15.03 -21.51
C GLU A 535 -19.94 -13.82 -22.05
N THR A 536 -19.55 -12.62 -21.63
CA THR A 536 -20.16 -11.39 -22.10
C THR A 536 -19.50 -10.84 -23.36
N LYS A 537 -18.39 -11.45 -23.80
CA LYS A 537 -17.67 -11.02 -25.01
C LYS A 537 -17.27 -9.56 -24.92
N THR A 538 -16.61 -9.19 -23.83
CA THR A 538 -16.24 -7.82 -23.55
C THR A 538 -14.75 -7.74 -23.24
N ILE A 539 -14.10 -6.70 -23.75
CA ILE A 539 -12.71 -6.38 -23.44
C ILE A 539 -12.66 -4.96 -22.92
N LEU A 540 -11.91 -4.74 -21.84
CA LEU A 540 -11.81 -3.42 -21.21
C LEU A 540 -10.37 -2.92 -21.35
N VAL A 541 -10.23 -1.71 -21.89
CA VAL A 541 -8.91 -1.10 -22.09
C VAL A 541 -8.92 0.29 -21.50
N ARG A 542 -7.73 0.76 -21.13
CA ARG A 542 -7.56 2.12 -20.62
C ARG A 542 -6.33 2.73 -21.28
N SER A 543 -6.42 4.03 -21.58
CA SER A 543 -5.35 4.75 -22.25
C SER A 543 -4.74 5.84 -21.39
N GLU A 544 -5.57 6.73 -20.84
CA GLU A 544 -5.07 7.83 -20.03
C GLU A 544 -4.52 7.32 -18.70
N THR A 545 -3.56 8.08 -18.15
CA THR A 545 -2.97 7.72 -16.88
C THR A 545 -3.98 7.91 -15.75
N LYS A 546 -4.02 6.95 -14.84
CA LYS A 546 -4.92 7.02 -13.69
C LYS A 546 -4.36 7.94 -12.62
N GLN A 547 -5.23 8.75 -12.03
CA GLN A 547 -4.86 9.69 -10.99
C GLN A 547 -5.62 9.35 -9.71
N LYS A 548 -4.92 9.38 -8.58
CA LYS A 548 -5.48 9.01 -7.29
C LYS A 548 -5.91 10.26 -6.53
N PHE A 549 -7.13 10.23 -6.00
CA PHE A 549 -7.66 11.32 -5.20
C PHE A 549 -8.26 10.75 -3.91
N PRO A 550 -8.14 11.45 -2.79
CA PRO A 550 -8.77 10.99 -1.55
C PRO A 550 -10.28 11.12 -1.64
N TYR A 551 -10.96 10.26 -0.87
CA TYR A 551 -12.41 10.34 -0.76
C TYR A 551 -12.83 9.86 0.61
N GLU A 552 -14.03 10.28 1.02
CA GLU A 552 -14.53 10.01 2.36
C GLU A 552 -15.00 8.56 2.45
N GLY A 553 -15.10 8.07 3.68
CA GLY A 553 -15.52 6.70 3.94
C GLY A 553 -16.82 6.58 4.71
N GLY A 554 -16.94 5.55 5.53
CA GLY A 554 -18.17 5.33 6.27
C GLY A 554 -18.36 6.33 7.40
N LYS A 555 -19.60 6.39 7.88
CA LYS A 555 -20.00 7.34 8.91
C LYS A 555 -20.15 6.63 10.25
N VAL A 556 -19.57 7.23 11.29
CA VAL A 556 -19.65 6.72 12.65
C VAL A 556 -20.33 7.76 13.52
N PHE A 557 -21.37 7.35 14.24
CA PHE A 557 -22.10 8.26 15.12
C PHE A 557 -21.42 8.35 16.48
N ALA A 558 -21.39 9.55 17.05
CA ALA A 558 -20.81 9.73 18.37
C ALA A 558 -21.74 9.16 19.43
N PRO A 559 -21.23 8.39 20.38
CA PRO A 559 -22.10 7.84 21.43
C PRO A 559 -22.70 8.95 22.29
N LYS A 560 -23.94 8.73 22.73
CA LYS A 560 -24.64 9.71 23.53
C LYS A 560 -24.38 9.56 25.02
N GLN A 561 -23.99 8.36 25.48
CA GLN A 561 -23.72 8.11 26.89
C GLN A 561 -22.49 7.22 27.00
N LYS A 562 -22.11 6.91 28.24
CA LYS A 562 -21.03 5.97 28.53
C LYS A 562 -21.49 4.77 29.32
N MET A 563 -22.49 4.90 30.18
CA MET A 563 -23.10 3.81 30.92
C MET A 563 -24.59 3.79 30.65
N PHE A 564 -25.14 2.59 30.43
CA PHE A 564 -26.52 2.46 30.00
C PHE A 564 -27.40 1.78 31.04
N SER A 565 -27.03 0.58 31.50
CA SER A 565 -27.86 -0.21 32.39
C SER A 565 -29.26 -0.43 31.80
N ASN A 566 -29.31 -0.62 30.48
CA ASN A 566 -30.56 -0.81 29.78
C ASN A 566 -30.30 -1.65 28.54
N ASN A 567 -31.37 -2.27 28.04
CA ASN A 567 -31.25 -3.14 26.88
C ASN A 567 -31.03 -2.31 25.61
N VAL A 568 -30.07 -2.75 24.79
CA VAL A 568 -29.75 -2.09 23.54
C VAL A 568 -29.84 -3.12 22.42
N LEU A 569 -30.61 -2.80 21.37
CA LEU A 569 -30.79 -3.66 20.22
C LEU A 569 -29.88 -3.19 19.10
N ILE A 570 -29.41 -4.13 18.29
CA ILE A 570 -28.46 -3.85 17.22
C ILE A 570 -29.07 -4.31 15.89
N PHE A 571 -29.11 -3.42 14.92
CA PHE A 571 -29.61 -3.73 13.59
C PHE A 571 -28.51 -3.47 12.56
N ASP A 572 -28.25 -4.46 11.70
CA ASP A 572 -27.10 -4.43 10.82
C ASP A 572 -27.49 -4.79 9.39
N TYR A 573 -26.94 -4.04 8.44
CA TYR A 573 -27.17 -4.32 7.02
C TYR A 573 -26.45 -5.60 6.61
N ASN A 574 -27.01 -6.28 5.61
CA ASN A 574 -26.46 -7.54 5.09
C ASN A 574 -25.65 -7.25 3.83
N SER A 575 -24.33 -7.41 3.92
CA SER A 575 -23.41 -7.21 2.81
C SER A 575 -23.63 -5.85 2.16
N LEU A 576 -23.37 -4.79 2.93
CA LEU A 576 -23.79 -3.46 2.55
C LEU A 576 -23.14 -2.99 1.25
N TYR A 577 -21.82 -3.10 1.15
CA TYR A 577 -21.13 -2.49 0.02
C TYR A 577 -21.28 -3.29 -1.27
N PRO A 578 -21.14 -4.63 -1.26
CA PRO A 578 -21.48 -5.38 -2.48
C PRO A 578 -22.92 -5.18 -2.92
N ASN A 579 -23.86 -5.08 -1.98
CA ASN A 579 -25.24 -4.84 -2.36
C ASN A 579 -25.44 -3.43 -2.90
N VAL A 580 -24.68 -2.46 -2.39
CA VAL A 580 -24.74 -1.11 -2.96
C VAL A 580 -24.23 -1.13 -4.39
N CYS A 581 -23.13 -1.84 -4.63
CA CYS A 581 -22.58 -1.93 -5.99
C CYS A 581 -23.56 -2.63 -6.93
N ILE A 582 -24.24 -3.66 -6.44
CA ILE A 582 -25.22 -4.36 -7.27
C ILE A 582 -26.43 -3.47 -7.54
N PHE A 583 -26.89 -2.73 -6.53
CA PHE A 583 -28.07 -1.89 -6.67
C PHE A 583 -27.82 -0.72 -7.60
N GLY A 584 -26.68 -0.05 -7.46
CA GLY A 584 -26.34 1.08 -8.30
C GLY A 584 -25.63 0.76 -9.59
N ASN A 585 -25.26 -0.50 -9.80
CA ASN A 585 -24.54 -0.94 -11.00
C ASN A 585 -23.24 -0.15 -11.18
N LEU A 586 -22.54 0.08 -10.08
CA LEU A 586 -21.33 0.91 -10.08
C LEU A 586 -20.19 0.11 -10.67
N SER A 587 -19.88 0.35 -11.95
CA SER A 587 -18.80 -0.31 -12.65
C SER A 587 -18.04 0.72 -13.47
N PRO A 588 -16.73 0.50 -13.68
CA PRO A 588 -15.94 1.49 -14.46
C PRO A 588 -16.44 1.70 -15.88
N GLU A 589 -16.99 0.69 -16.53
CA GLU A 589 -17.44 0.83 -17.91
C GLU A 589 -18.88 1.30 -18.04
N THR A 590 -19.61 1.41 -16.92
CA THR A 590 -20.99 1.88 -16.94
C THR A 590 -21.12 3.28 -16.33
N LEU A 591 -20.01 4.01 -16.20
CA LEU A 591 -20.02 5.36 -15.64
C LEU A 591 -20.25 6.34 -16.77
N VAL A 592 -21.39 7.04 -16.73
CA VAL A 592 -21.73 7.99 -17.79
C VAL A 592 -20.77 9.17 -17.77
N GLY A 593 -20.55 9.75 -16.60
CA GLY A 593 -19.65 10.88 -16.49
C GLY A 593 -19.84 11.60 -15.18
N VAL A 594 -18.92 12.52 -14.92
CA VAL A 594 -18.91 13.32 -13.70
C VAL A 594 -19.15 14.78 -14.07
N VAL A 595 -20.21 15.36 -13.53
CA VAL A 595 -20.56 16.75 -13.76
C VAL A 595 -20.21 17.54 -12.51
N VAL A 596 -19.40 18.58 -12.67
CA VAL A 596 -18.87 19.34 -11.56
C VAL A 596 -19.14 20.82 -11.77
N SER A 597 -19.13 21.56 -10.66
CA SER A 597 -19.42 22.99 -10.69
C SER A 597 -18.41 23.73 -9.81
N THR A 598 -18.12 24.97 -10.18
CA THR A 598 -17.22 25.82 -9.41
C THR A 598 -17.95 26.89 -8.63
N ASN A 599 -19.14 27.31 -9.10
CA ASN A 599 -19.93 28.31 -8.40
C ASN A 599 -21.38 27.85 -8.34
N ARG A 600 -22.30 28.74 -7.97
CA ARG A 600 -23.69 28.34 -7.75
C ARG A 600 -24.58 28.56 -8.97
N LEU A 601 -24.26 29.52 -9.84
CA LEU A 601 -25.02 29.65 -11.09
C LEU A 601 -24.90 28.39 -11.93
N GLU A 602 -23.66 27.96 -12.19
CA GLU A 602 -23.43 26.76 -12.97
C GLU A 602 -24.01 25.54 -12.26
N GLU A 603 -23.89 25.48 -10.93
CA GLU A 603 -24.43 24.35 -10.18
C GLU A 603 -25.94 24.26 -10.37
N GLU A 604 -26.65 25.39 -10.22
CA GLU A 604 -28.10 25.37 -10.40
C GLU A 604 -28.48 24.99 -11.83
N ILE A 605 -27.79 25.57 -12.81
CA ILE A 605 -28.14 25.30 -14.21
C ILE A 605 -27.92 23.83 -14.54
N ASN A 606 -26.77 23.28 -14.14
CA ASN A 606 -26.48 21.88 -14.49
C ASN A 606 -27.34 20.92 -13.69
N ASN A 607 -27.70 21.26 -12.45
CA ASN A 607 -28.64 20.42 -11.71
C ASN A 607 -30.00 20.39 -12.38
N GLN A 608 -30.49 21.55 -12.84
CA GLN A 608 -31.76 21.60 -13.55
C GLN A 608 -31.70 20.78 -14.83
N LEU A 609 -30.59 20.88 -15.57
CA LEU A 609 -30.45 20.11 -16.80
C LEU A 609 -30.39 18.61 -16.50
N LEU A 610 -29.66 18.23 -15.46
CA LEU A 610 -29.46 16.82 -15.14
C LEU A 610 -30.73 16.18 -14.59
N LEU A 611 -31.59 16.96 -13.94
CA LEU A 611 -32.84 16.41 -13.41
C LEU A 611 -33.70 15.81 -14.50
N GLN A 612 -33.60 16.33 -15.72
CA GLN A 612 -34.41 15.84 -16.84
C GLN A 612 -33.61 15.07 -17.88
N LYS A 613 -32.32 15.34 -18.05
CA LYS A 613 -31.54 14.65 -19.07
C LYS A 613 -31.37 13.17 -18.74
N TYR A 614 -31.20 12.84 -17.46
CA TYR A 614 -30.96 11.47 -17.02
C TYR A 614 -31.97 11.10 -15.95
N PRO A 615 -33.20 10.76 -16.36
CA PRO A 615 -34.23 10.39 -15.38
C PRO A 615 -33.81 9.15 -14.60
N PRO A 616 -34.14 9.08 -13.31
CA PRO A 616 -33.68 7.97 -12.49
C PRO A 616 -34.70 6.83 -12.37
N PRO A 617 -35.25 6.30 -13.48
CA PRO A 617 -35.63 4.88 -13.44
C PRO A 617 -34.52 3.99 -13.96
N ARG A 618 -33.60 4.58 -14.72
CA ARG A 618 -32.52 3.86 -15.39
C ARG A 618 -31.14 4.37 -15.03
N TYR A 619 -30.96 5.67 -14.92
CA TYR A 619 -29.70 6.24 -14.47
C TYR A 619 -29.74 6.50 -12.97
N ILE A 620 -28.57 6.61 -12.36
CA ILE A 620 -28.44 7.00 -10.97
C ILE A 620 -27.38 8.09 -10.88
N THR A 621 -27.66 9.11 -10.06
CA THR A 621 -26.74 10.22 -9.86
C THR A 621 -26.37 10.28 -8.38
N VAL A 622 -25.07 10.28 -8.10
CA VAL A 622 -24.57 10.29 -6.73
C VAL A 622 -23.85 11.62 -6.50
N HIS A 623 -24.27 12.34 -5.47
CA HIS A 623 -23.66 13.61 -5.10
C HIS A 623 -22.53 13.33 -4.13
N CYS A 624 -21.30 13.58 -4.57
CA CYS A 624 -20.11 13.31 -3.77
C CYS A 624 -19.44 14.61 -3.39
N GLU A 625 -18.49 14.51 -2.45
CA GLU A 625 -17.69 15.66 -2.10
C GLU A 625 -16.78 16.03 -3.27
N PRO A 626 -16.56 17.31 -3.53
CA PRO A 626 -15.67 17.70 -4.64
C PRO A 626 -14.25 17.17 -4.43
N ARG A 627 -13.65 16.71 -5.52
CA ARG A 627 -12.30 16.16 -5.47
C ARG A 627 -11.22 17.23 -5.48
N LEU A 628 -11.59 18.49 -5.70
CA LEU A 628 -10.64 19.60 -5.70
C LEU A 628 -11.17 20.72 -4.82
N PRO A 629 -10.28 21.43 -4.12
CA PRO A 629 -10.75 22.56 -3.29
C PRO A 629 -11.33 23.70 -4.10
N ASN A 630 -11.00 23.80 -5.39
CA ASN A 630 -11.54 24.87 -6.22
C ASN A 630 -13.04 24.74 -6.39
N LEU A 631 -13.54 23.52 -6.53
CA LEU A 631 -14.91 23.26 -6.91
C LEU A 631 -15.76 22.94 -5.68
N ILE A 632 -17.07 23.14 -5.83
CA ILE A 632 -18.01 23.02 -4.73
C ILE A 632 -19.04 21.93 -4.93
N SER A 633 -19.10 21.29 -6.10
CA SER A 633 -20.09 20.26 -6.35
C SER A 633 -19.49 19.17 -7.23
N GLU A 634 -20.10 17.99 -7.15
CA GLU A 634 -19.63 16.84 -7.93
C GLU A 634 -20.75 15.80 -7.96
N ILE A 635 -21.21 15.43 -9.16
CA ILE A 635 -22.25 14.43 -9.33
C ILE A 635 -21.76 13.39 -10.32
N ALA A 636 -21.73 12.13 -9.91
CA ALA A 636 -21.32 11.03 -10.76
C ALA A 636 -22.56 10.30 -11.26
N ILE A 637 -22.61 10.04 -12.57
CA ILE A 637 -23.76 9.43 -13.21
C ILE A 637 -23.40 8.01 -13.62
N PHE A 638 -24.26 7.05 -13.29
CA PHE A 638 -24.08 5.66 -13.64
C PHE A 638 -25.31 5.15 -14.36
N ASP A 639 -25.10 4.22 -15.29
CA ASP A 639 -26.16 3.60 -16.06
C ASP A 639 -26.52 2.25 -15.45
N ARG A 640 -27.81 2.03 -15.22
CA ARG A 640 -28.30 0.78 -14.66
C ARG A 640 -29.19 0.05 -15.67
N SER A 641 -28.82 0.13 -16.94
CA SER A 641 -29.51 -0.58 -18.01
C SER A 641 -28.85 -1.91 -18.36
N ILE A 642 -27.53 -1.95 -18.37
CA ILE A 642 -26.76 -3.17 -18.63
C ILE A 642 -25.89 -3.45 -17.42
N GLU A 643 -25.99 -4.66 -16.88
CA GLU A 643 -25.25 -5.01 -15.68
C GLU A 643 -23.75 -4.96 -15.93
N GLY A 644 -23.02 -4.39 -14.97
CA GLY A 644 -21.58 -4.26 -15.09
C GLY A 644 -20.85 -5.52 -14.67
N THR A 645 -19.53 -5.48 -14.85
CA THR A 645 -18.70 -6.63 -14.52
C THR A 645 -18.59 -6.83 -13.02
N ILE A 646 -18.33 -5.74 -12.29
CA ILE A 646 -18.19 -5.84 -10.83
C ILE A 646 -19.47 -6.32 -10.17
N PRO A 647 -20.67 -5.82 -10.51
CA PRO A 647 -21.88 -6.40 -9.92
C PRO A 647 -22.04 -7.88 -10.17
N ARG A 648 -21.67 -8.38 -11.36
CA ARG A 648 -21.81 -9.81 -11.63
C ARG A 648 -20.81 -10.63 -10.82
N LEU A 649 -19.56 -10.15 -10.73
CA LEU A 649 -18.59 -10.85 -9.90
C LEU A 649 -19.03 -10.88 -8.44
N LEU A 650 -19.53 -9.76 -7.93
CA LEU A 650 -20.02 -9.72 -6.56
C LEU A 650 -21.21 -10.63 -6.37
N ARG A 651 -22.09 -10.71 -7.38
CA ARG A 651 -23.24 -11.59 -7.29
C ARG A 651 -22.81 -13.06 -7.20
N THR A 652 -21.82 -13.44 -8.00
CA THR A 652 -21.30 -14.80 -7.93
C THR A 652 -20.72 -15.11 -6.55
N PHE A 653 -19.92 -14.17 -6.02
CA PHE A 653 -19.32 -14.39 -4.71
C PHE A 653 -20.38 -14.45 -3.61
N LEU A 654 -21.42 -13.61 -3.70
CA LEU A 654 -22.50 -13.65 -2.72
C LEU A 654 -23.26 -14.97 -2.81
N ALA A 655 -23.48 -15.48 -4.02
CA ALA A 655 -24.14 -16.78 -4.15
C ALA A 655 -23.32 -17.89 -3.50
N GLU A 656 -22.00 -17.88 -3.73
CA GLU A 656 -21.14 -18.88 -3.09
C GLU A 656 -21.20 -18.77 -1.57
N ARG A 657 -21.15 -17.54 -1.05
CA ARG A 657 -21.22 -17.34 0.39
C ARG A 657 -22.54 -17.82 0.96
N ALA A 658 -23.65 -17.55 0.27
CA ALA A 658 -24.95 -18.01 0.75
C ALA A 658 -25.03 -19.53 0.75
N ARG A 659 -24.49 -20.18 -0.29
CA ARG A 659 -24.50 -21.63 -0.33
C ARG A 659 -23.70 -22.21 0.83
N TYR A 660 -22.53 -21.65 1.12
CA TYR A 660 -21.73 -22.20 2.20
C TYR A 660 -22.30 -21.86 3.57
N LYS A 661 -23.01 -20.75 3.70
CA LYS A 661 -23.73 -20.48 4.95
C LYS A 661 -24.86 -21.48 5.15
N LYS A 662 -25.59 -21.81 4.08
CA LYS A 662 -26.61 -22.84 4.16
C LYS A 662 -26.00 -24.19 4.56
N MET A 663 -24.82 -24.50 4.02
CA MET A 663 -24.12 -25.70 4.45
C MET A 663 -23.74 -25.62 5.92
N LEU A 664 -23.36 -24.43 6.39
CA LEU A 664 -23.01 -24.25 7.80
C LEU A 664 -24.21 -24.52 8.71
N LYS A 665 -25.40 -24.10 8.28
CA LYS A 665 -26.59 -24.26 9.12
C LYS A 665 -26.97 -25.72 9.35
N GLN A 666 -26.40 -26.66 8.60
CA GLN A 666 -26.71 -28.08 8.71
C GLN A 666 -25.52 -28.88 9.23
N ALA A 667 -24.81 -28.34 10.22
CA ALA A 667 -23.64 -29.00 10.80
C ALA A 667 -23.87 -29.22 12.29
N THR A 668 -23.50 -30.41 12.77
CA THR A 668 -23.67 -30.79 14.15
C THR A 668 -22.37 -30.78 14.95
N SER A 669 -21.29 -31.28 14.37
CA SER A 669 -20.01 -31.31 15.07
C SER A 669 -19.36 -29.92 15.05
N SER A 670 -18.42 -29.72 15.98
CA SER A 670 -17.77 -28.43 16.11
C SER A 670 -16.86 -28.13 14.91
N THR A 671 -16.14 -29.16 14.43
CA THR A 671 -15.20 -28.95 13.32
C THR A 671 -15.91 -28.52 12.05
N GLU A 672 -17.05 -29.15 11.73
CA GLU A 672 -17.80 -28.78 10.53
C GLU A 672 -18.29 -27.34 10.62
N LYS A 673 -18.84 -26.96 11.78
CA LYS A 673 -19.32 -25.60 11.97
C LYS A 673 -18.19 -24.59 11.82
N ALA A 674 -17.03 -24.88 12.44
CA ALA A 674 -15.90 -23.96 12.33
C ALA A 674 -15.42 -23.83 10.89
N ILE A 675 -15.33 -24.96 10.18
CA ILE A 675 -14.85 -24.93 8.80
C ILE A 675 -15.80 -24.11 7.92
N TYR A 676 -17.10 -24.36 8.04
CA TYR A 676 -18.06 -23.66 7.20
C TYR A 676 -18.12 -22.17 7.53
N ASP A 677 -18.02 -21.83 8.82
CA ASP A 677 -17.99 -20.42 9.20
C ASP A 677 -16.76 -19.73 8.63
N SER A 678 -15.60 -20.40 8.68
CA SER A 678 -14.39 -19.82 8.09
C SER A 678 -14.53 -19.64 6.59
N MET A 679 -15.14 -20.61 5.90
CA MET A 679 -15.29 -20.50 4.46
C MET A 679 -16.23 -19.35 4.06
N GLN A 680 -17.36 -19.22 4.76
CA GLN A 680 -18.27 -18.12 4.43
C GLN A 680 -17.64 -16.77 4.77
N TYR A 681 -16.85 -16.71 5.85
CA TYR A 681 -16.12 -15.48 6.15
C TYR A 681 -15.12 -15.16 5.04
N THR A 682 -14.44 -16.18 4.52
CA THR A 682 -13.50 -15.97 3.43
C THR A 682 -14.18 -15.42 2.19
N TYR A 683 -15.35 -15.94 1.86
CA TYR A 683 -16.08 -15.41 0.69
C TYR A 683 -16.55 -13.98 0.93
N LYS A 684 -16.99 -13.66 2.15
CA LYS A 684 -17.35 -12.28 2.46
C LYS A 684 -16.15 -11.35 2.30
N ILE A 685 -14.97 -11.78 2.78
CA ILE A 685 -13.77 -10.97 2.63
C ILE A 685 -13.40 -10.83 1.17
N VAL A 686 -13.63 -11.88 0.38
CA VAL A 686 -13.36 -11.80 -1.06
C VAL A 686 -14.23 -10.74 -1.73
N ALA A 687 -15.52 -10.72 -1.40
CA ALA A 687 -16.41 -9.70 -1.97
C ALA A 687 -15.97 -8.30 -1.55
N ASN A 688 -15.65 -8.11 -0.26
CA ASN A 688 -15.20 -6.81 0.20
C ASN A 688 -13.91 -6.39 -0.50
N SER A 689 -13.00 -7.33 -0.71
CA SER A 689 -11.74 -7.04 -1.38
C SER A 689 -11.95 -6.71 -2.85
N VAL A 690 -12.94 -7.33 -3.50
CA VAL A 690 -13.27 -6.96 -4.87
C VAL A 690 -13.74 -5.51 -4.91
N TYR A 691 -14.62 -5.15 -3.98
CA TYR A 691 -15.04 -3.75 -3.90
C TYR A 691 -13.85 -2.82 -3.70
N GLY A 692 -12.97 -3.17 -2.78
CA GLY A 692 -11.80 -2.33 -2.55
C GLY A 692 -10.90 -2.22 -3.76
N LEU A 693 -10.77 -3.32 -4.52
CA LEU A 693 -10.00 -3.30 -5.75
C LEU A 693 -10.63 -2.38 -6.77
N MET A 694 -11.95 -2.23 -6.76
CA MET A 694 -12.58 -1.23 -7.61
C MET A 694 -12.06 0.17 -7.32
N GLY A 695 -11.59 0.40 -6.10
CA GLY A 695 -11.03 1.70 -5.74
C GLY A 695 -9.53 1.67 -5.54
N PHE A 696 -8.86 0.67 -6.11
CA PHE A 696 -7.42 0.54 -6.02
C PHE A 696 -6.79 1.03 -7.32
N ARG A 697 -5.87 1.99 -7.21
CA ARG A 697 -5.31 2.62 -8.40
C ARG A 697 -4.53 1.63 -9.25
N ASN A 698 -3.69 0.80 -8.62
CA ASN A 698 -2.86 -0.13 -9.37
C ASN A 698 -3.66 -1.28 -9.99
N SER A 699 -4.91 -1.45 -9.60
CA SER A 699 -5.73 -2.53 -10.16
C SER A 699 -6.18 -2.17 -11.57
N ALA A 700 -6.56 -3.21 -12.33
CA ALA A 700 -7.07 -3.01 -13.68
C ALA A 700 -8.56 -2.67 -13.70
N LEU A 701 -9.23 -2.69 -12.55
CA LEU A 701 -10.64 -2.34 -12.43
C LEU A 701 -10.84 -1.05 -11.66
N TYR A 702 -9.84 -0.17 -11.68
CA TYR A 702 -9.89 1.06 -10.89
C TYR A 702 -11.04 1.95 -11.36
N SER A 703 -11.77 2.49 -10.38
CA SER A 703 -12.86 3.42 -10.69
C SER A 703 -13.07 4.30 -9.46
N TYR A 704 -12.54 5.52 -9.52
CA TYR A 704 -12.69 6.47 -8.42
C TYR A 704 -14.16 6.83 -8.21
N ALA A 705 -14.89 7.07 -9.29
CA ALA A 705 -16.29 7.45 -9.18
C ALA A 705 -17.12 6.33 -8.57
N SER A 706 -16.83 5.08 -8.93
CA SER A 706 -17.61 3.96 -8.41
C SER A 706 -17.41 3.78 -6.91
N ALA A 707 -16.16 3.86 -6.45
CA ALA A 707 -15.89 3.76 -5.02
C ALA A 707 -16.54 4.92 -4.25
N LYS A 708 -16.41 6.14 -4.79
CA LYS A 708 -17.05 7.29 -4.16
C LYS A 708 -18.56 7.09 -4.05
N SER A 709 -19.18 6.62 -5.14
CA SER A 709 -20.62 6.43 -5.16
C SER A 709 -21.04 5.35 -4.17
N CYS A 710 -20.29 4.27 -4.09
CA CYS A 710 -20.64 3.20 -3.14
C CYS A 710 -20.58 3.72 -1.71
N THR A 711 -19.51 4.44 -1.37
CA THR A 711 -19.39 4.97 -0.02
C THR A 711 -20.51 5.97 0.29
N SER A 712 -20.81 6.86 -0.65
CA SER A 712 -21.86 7.84 -0.43
C SER A 712 -23.21 7.17 -0.26
N ILE A 713 -23.52 6.16 -1.09
CA ILE A 713 -24.80 5.46 -0.99
C ILE A 713 -24.90 4.78 0.36
N GLY A 714 -23.82 4.13 0.81
CA GLY A 714 -23.85 3.52 2.14
C GLY A 714 -24.07 4.52 3.24
N ARG A 715 -23.43 5.69 3.14
CA ARG A 715 -23.62 6.72 4.16
C ARG A 715 -25.05 7.21 4.21
N ARG A 716 -25.65 7.47 3.04
CA ARG A 716 -27.05 7.89 3.03
C ARG A 716 -27.97 6.80 3.55
N MET A 717 -27.66 5.53 3.26
CA MET A 717 -28.49 4.45 3.77
C MET A 717 -28.44 4.36 5.29
N ILE A 718 -27.25 4.45 5.87
CA ILE A 718 -27.15 4.37 7.33
C ILE A 718 -27.77 5.61 7.99
N LEU A 719 -27.60 6.78 7.36
CA LEU A 719 -28.23 7.98 7.90
C LEU A 719 -29.75 7.86 7.87
N TYR A 720 -30.29 7.31 6.78
CA TYR A 720 -31.73 7.11 6.67
C TYR A 720 -32.24 6.14 7.73
N LEU A 721 -31.52 5.03 7.93
CA LEU A 721 -31.93 4.06 8.95
C LEU A 721 -31.90 4.69 10.35
N GLU A 722 -30.83 5.42 10.66
CA GLU A 722 -30.74 6.06 11.98
C GLU A 722 -31.83 7.10 12.17
N SER A 723 -32.12 7.90 11.15
CA SER A 723 -33.16 8.91 11.26
C SER A 723 -34.52 8.28 11.45
N VAL A 724 -34.80 7.17 10.77
CA VAL A 724 -36.09 6.53 10.91
C VAL A 724 -36.22 5.86 12.28
N LEU A 725 -35.16 5.21 12.75
CA LEU A 725 -35.26 4.45 14.00
C LEU A 725 -35.22 5.35 15.22
N ASN A 726 -34.47 6.44 15.18
CA ASN A 726 -34.29 7.28 16.36
C ASN A 726 -35.61 7.94 16.75
N GLY A 727 -35.93 7.91 18.04
CA GLY A 727 -37.15 8.50 18.52
C GLY A 727 -38.42 7.83 18.05
N ALA A 728 -38.41 6.51 17.93
CA ALA A 728 -39.58 5.74 17.50
C ALA A 728 -40.14 4.99 18.69
N GLU A 729 -41.46 5.03 18.85
CA GLU A 729 -42.13 4.39 19.97
C GLU A 729 -43.31 3.57 19.46
N LEU A 730 -43.59 2.47 20.15
CA LEU A 730 -44.70 1.60 19.83
C LEU A 730 -45.73 1.65 20.95
N SER A 731 -47.01 1.67 20.55
CA SER A 731 -48.11 1.69 21.50
C SER A 731 -49.29 0.96 20.88
N ASN A 732 -49.94 0.13 21.66
CA ASN A 732 -51.08 -0.69 21.22
C ASN A 732 -50.59 -1.57 20.06
N GLY A 733 -51.36 -1.72 18.99
CA GLY A 733 -50.99 -2.54 17.86
C GLY A 733 -50.28 -1.81 16.74
N MET A 734 -49.87 -0.57 16.95
CA MET A 734 -49.22 0.23 15.93
C MET A 734 -47.79 0.57 16.34
N LEU A 735 -46.92 0.67 15.34
CA LEU A 735 -45.55 1.13 15.53
C LEU A 735 -45.34 2.39 14.73
N ARG A 736 -44.83 3.44 15.38
CA ARG A 736 -44.65 4.74 14.77
C ARG A 736 -43.17 4.95 14.49
N PHE A 737 -42.85 5.19 13.22
CA PHE A 737 -41.49 5.54 12.82
C PHE A 737 -41.32 7.05 12.87
N ALA A 738 -40.07 7.48 13.10
CA ALA A 738 -39.81 8.91 13.28
C ALA A 738 -40.15 9.70 12.03
N ASN A 739 -39.71 9.22 10.87
CA ASN A 739 -39.89 9.94 9.62
C ASN A 739 -40.69 9.11 8.64
N THR A 740 -41.03 9.72 7.51
CA THR A 740 -41.72 9.00 6.45
C THR A 740 -40.79 8.00 5.79
N LEU A 741 -41.38 6.90 5.32
CA LEU A 741 -40.62 5.85 4.63
C LEU A 741 -40.43 6.26 3.17
N SER A 742 -39.51 7.19 2.96
CA SER A 742 -39.22 7.74 1.65
C SER A 742 -37.82 7.33 1.20
N ASN A 743 -37.71 6.97 -0.07
CA ASN A 743 -36.41 6.57 -0.62
C ASN A 743 -35.45 7.75 -0.60
N PRO A 744 -34.23 7.58 -0.08
CA PRO A 744 -33.29 8.69 0.00
C PRO A 744 -32.63 9.08 -1.32
N PHE A 745 -32.93 8.39 -2.42
CA PHE A 745 -32.30 8.67 -3.70
C PHE A 745 -33.29 9.17 -4.75
N TYR A 746 -34.38 8.46 -4.98
CA TYR A 746 -35.37 8.88 -5.97
C TYR A 746 -36.73 8.36 -5.55
N MET A 747 -37.77 9.04 -6.03
CA MET A 747 -39.13 8.71 -5.65
C MET A 747 -39.50 7.31 -6.12
N ASP A 748 -40.15 6.55 -5.23
CA ASP A 748 -40.57 5.19 -5.52
C ASP A 748 -42.06 5.04 -5.26
N ASP A 749 -42.66 4.05 -5.91
CA ASP A 749 -44.09 3.77 -5.78
C ASP A 749 -44.32 2.89 -4.55
N ARG A 750 -44.12 3.48 -3.38
CA ARG A 750 -44.26 2.77 -2.12
C ARG A 750 -45.00 3.66 -1.12
N ASP A 751 -45.61 3.01 -0.12
CA ASP A 751 -46.25 3.73 0.97
C ASP A 751 -45.20 4.34 1.88
N ILE A 752 -45.38 5.61 2.23
CA ILE A 752 -44.41 6.34 3.03
C ILE A 752 -44.93 6.61 4.44
N ASN A 753 -46.07 6.06 4.80
CA ASN A 753 -46.62 6.29 6.13
C ASN A 753 -45.74 5.64 7.19
N PRO A 754 -45.45 6.34 8.30
CA PRO A 754 -44.60 5.75 9.35
C PRO A 754 -45.35 4.90 10.36
N ILE A 755 -46.67 4.81 10.26
CA ILE A 755 -47.45 3.99 11.18
C ILE A 755 -47.67 2.63 10.54
N VAL A 756 -47.19 1.58 11.21
CA VAL A 756 -47.20 0.23 10.65
C VAL A 756 -47.90 -0.70 11.64
N LYS A 757 -48.71 -1.62 11.10
CA LYS A 757 -49.36 -2.63 11.91
C LYS A 757 -48.31 -3.51 12.59
N THR A 758 -48.54 -3.84 13.87
CA THR A 758 -47.63 -4.63 14.67
C THR A 758 -48.38 -5.82 15.24
N SER A 759 -47.78 -7.02 15.12
CA SER A 759 -48.41 -8.24 15.58
C SER A 759 -48.28 -8.43 17.09
N LEU A 760 -47.50 -7.60 17.77
CA LEU A 760 -47.33 -7.75 19.21
C LEU A 760 -48.65 -7.40 19.93
N PRO A 761 -48.85 -7.96 21.13
CA PRO A 761 -50.07 -7.66 21.88
C PRO A 761 -50.19 -6.19 22.25
N ILE A 762 -51.43 -5.78 22.54
CA ILE A 762 -51.74 -4.38 22.79
C ILE A 762 -51.11 -3.84 24.07
N ASP A 763 -50.62 -4.71 24.95
CA ASP A 763 -50.09 -4.28 26.25
C ASP A 763 -48.60 -3.95 26.21
N TYR A 764 -48.08 -3.55 25.06
CA TYR A 764 -46.67 -3.22 24.90
C TYR A 764 -46.51 -1.73 24.61
N ARG A 765 -45.67 -1.06 25.38
CA ARG A 765 -45.43 0.37 25.22
C ARG A 765 -43.97 0.65 25.56
N PHE A 766 -43.16 0.96 24.54
CA PHE A 766 -41.75 1.26 24.74
C PHE A 766 -41.32 2.33 23.75
N ARG A 767 -40.20 2.99 24.06
CA ARG A 767 -39.64 4.04 23.22
C ARG A 767 -38.20 3.70 22.87
N PHE A 768 -37.82 3.96 21.62
CA PHE A 768 -36.49 3.64 21.12
C PHE A 768 -35.71 4.92 20.82
N ARG A 769 -34.44 4.93 21.19
CA ARG A 769 -33.57 6.08 20.97
C ARG A 769 -32.24 5.57 20.42
N SER A 770 -31.91 5.99 19.19
CA SER A 770 -30.65 5.61 18.59
C SER A 770 -29.49 6.30 19.30
N VAL A 771 -28.48 5.53 19.68
CA VAL A 771 -27.40 6.05 20.50
C VAL A 771 -26.07 5.97 19.76
N TYR A 772 -25.94 4.97 18.88
CA TYR A 772 -24.64 4.68 18.28
C TYR A 772 -24.84 4.05 16.92
N GLY A 773 -23.80 4.12 16.09
CA GLY A 773 -23.83 3.51 14.79
C GLY A 773 -22.44 3.35 14.23
N ASP A 774 -22.28 2.34 13.37
CA ASP A 774 -20.98 2.09 12.73
C ASP A 774 -21.22 1.52 11.34
N THR A 775 -21.28 2.43 10.35
CA THR A 775 -21.04 2.19 8.93
C THR A 775 -22.07 1.27 8.29
N ASP A 776 -22.70 0.41 9.08
CA ASP A 776 -23.97 -0.19 8.69
C ASP A 776 -24.82 -0.57 9.90
N SER A 777 -24.37 -0.32 11.12
CA SER A 777 -25.02 -0.83 12.31
C SER A 777 -25.62 0.31 13.11
N VAL A 778 -26.83 0.10 13.62
CA VAL A 778 -27.55 1.09 14.42
C VAL A 778 -27.91 0.46 15.76
N PHE A 779 -27.62 1.18 16.85
CA PHE A 779 -27.93 0.75 18.20
C PHE A 779 -29.15 1.53 18.68
N THR A 780 -30.19 0.82 19.08
CA THR A 780 -31.42 1.44 19.58
C THR A 780 -31.61 1.08 21.04
N GLU A 781 -31.78 2.09 21.89
CA GLU A 781 -31.99 1.88 23.31
C GLU A 781 -33.48 1.77 23.61
N ILE A 782 -33.86 0.70 24.29
CA ILE A 782 -35.25 0.44 24.67
C ILE A 782 -35.36 0.53 26.18
N ASP A 783 -36.41 1.20 26.65
CA ASP A 783 -36.64 1.38 28.08
C ASP A 783 -37.29 0.13 28.69
N SER A 784 -36.59 -1.00 28.52
CA SER A 784 -37.06 -2.28 29.02
C SER A 784 -35.87 -3.11 29.46
N GLN A 785 -36.13 -4.04 30.38
CA GLN A 785 -35.09 -4.92 30.89
C GLN A 785 -35.38 -6.40 30.69
N ASP A 786 -36.58 -6.75 30.26
CA ASP A 786 -36.91 -8.16 30.02
C ASP A 786 -36.24 -8.63 28.73
N VAL A 787 -35.42 -9.68 28.86
CA VAL A 787 -34.67 -10.16 27.70
C VAL A 787 -35.61 -10.76 26.66
N ASP A 788 -36.60 -11.55 27.09
CA ASP A 788 -37.51 -12.18 26.14
C ASP A 788 -38.36 -11.15 25.41
N LYS A 789 -38.90 -10.17 26.15
CA LYS A 789 -39.70 -9.13 25.51
C LYS A 789 -38.87 -8.30 24.55
N SER A 790 -37.65 -7.94 24.95
CA SER A 790 -36.78 -7.18 24.06
C SER A 790 -36.43 -7.98 22.82
N ILE A 791 -36.19 -9.29 22.98
CA ILE A 791 -35.83 -10.13 21.84
C ILE A 791 -36.99 -10.22 20.85
N GLU A 792 -38.20 -10.47 21.35
CA GLU A 792 -39.34 -10.58 20.44
C GLU A 792 -39.65 -9.24 19.78
N ILE A 793 -39.51 -8.14 20.53
CA ILE A 793 -39.73 -6.82 19.94
C ILE A 793 -38.68 -6.52 18.87
N ALA A 794 -37.43 -6.94 19.11
CA ALA A 794 -36.38 -6.75 18.11
C ALA A 794 -36.65 -7.56 16.86
N LYS A 795 -37.11 -8.80 17.02
CA LYS A 795 -37.47 -9.60 15.86
C LYS A 795 -38.59 -8.96 15.07
N GLU A 796 -39.61 -8.47 15.77
CA GLU A 796 -40.71 -7.76 15.13
C GLU A 796 -40.21 -6.52 14.39
N LEU A 797 -39.31 -5.77 15.02
CA LEU A 797 -38.76 -4.57 14.40
C LEU A 797 -37.97 -4.90 13.14
N GLU A 798 -37.13 -5.93 13.20
CA GLU A 798 -36.33 -6.28 12.02
C GLU A 798 -37.21 -6.78 10.88
N ARG A 799 -38.25 -7.55 11.20
CA ARG A 799 -39.19 -7.97 10.17
C ARG A 799 -39.86 -6.78 9.53
N LEU A 800 -40.32 -5.82 10.35
CA LEU A 800 -41.00 -4.65 9.83
C LEU A 800 -40.08 -3.78 8.97
N ILE A 801 -38.83 -3.59 9.42
CA ILE A 801 -37.92 -2.71 8.68
C ILE A 801 -37.30 -3.40 7.48
N ASN A 802 -37.39 -4.72 7.38
CA ASN A 802 -37.06 -5.38 6.13
C ASN A 802 -38.22 -5.36 5.16
N SER A 803 -39.45 -5.50 5.66
CA SER A 803 -40.61 -5.59 4.78
C SER A 803 -40.99 -4.23 4.20
N ARG A 804 -40.85 -3.16 4.97
CA ARG A 804 -41.36 -1.85 4.55
C ARG A 804 -40.31 -0.76 4.49
N VAL A 805 -39.40 -0.70 5.46
CA VAL A 805 -38.44 0.41 5.50
C VAL A 805 -37.48 0.33 4.32
N LEU A 806 -36.91 -0.85 4.07
CA LEU A 806 -35.92 -1.02 3.03
C LEU A 806 -36.61 -1.28 1.68
N PHE A 807 -35.80 -1.46 0.64
CA PHE A 807 -36.32 -1.61 -0.71
C PHE A 807 -35.29 -2.32 -1.56
N ASN A 808 -35.76 -2.90 -2.66
CA ASN A 808 -34.92 -3.53 -3.69
C ASN A 808 -34.10 -4.63 -3.02
N ASN A 809 -32.78 -4.62 -3.11
CA ASN A 809 -31.93 -5.69 -2.60
C ASN A 809 -31.31 -5.37 -1.26
N PHE A 810 -31.76 -4.32 -0.59
CA PHE A 810 -31.24 -3.96 0.72
C PHE A 810 -32.00 -4.72 1.80
N LYS A 811 -31.27 -5.50 2.58
CA LYS A 811 -31.86 -6.32 3.65
C LYS A 811 -31.09 -6.10 4.94
N ILE A 812 -31.80 -6.22 6.06
CA ILE A 812 -31.25 -5.95 7.37
C ILE A 812 -31.47 -7.17 8.26
N GLU A 813 -30.71 -7.24 9.35
CA GLU A 813 -30.81 -8.32 10.30
C GLU A 813 -30.69 -7.79 11.71
N PHE A 814 -31.23 -8.55 12.66
CA PHE A 814 -31.08 -8.29 14.08
C PHE A 814 -30.01 -9.23 14.62
N GLU A 815 -28.90 -8.65 15.11
CA GLU A 815 -27.77 -9.47 15.53
C GLU A 815 -27.96 -10.02 16.94
N ALA A 816 -28.09 -9.15 17.93
CA ALA A 816 -28.15 -9.57 19.32
C ALA A 816 -28.63 -8.38 20.16
N VAL A 817 -28.84 -8.64 21.44
CA VAL A 817 -29.20 -7.60 22.41
C VAL A 817 -28.07 -7.47 23.42
N TYR A 818 -27.74 -6.24 23.76
CA TYR A 818 -26.60 -5.92 24.62
C TYR A 818 -27.08 -5.50 26.01
N LYS A 819 -26.43 -6.04 27.03
CA LYS A 819 -26.70 -5.71 28.42
C LYS A 819 -25.42 -5.22 29.07
N ASN A 820 -25.58 -4.25 29.99
CA ASN A 820 -24.45 -3.62 30.67
C ASN A 820 -23.47 -3.02 29.67
N LEU A 821 -24.00 -2.35 28.66
CA LEU A 821 -23.17 -1.75 27.62
C LEU A 821 -22.37 -0.57 28.19
N ILE A 822 -21.08 -0.57 27.93
CA ILE A 822 -20.18 0.50 28.37
C ILE A 822 -19.47 1.02 27.13
N MET A 823 -19.91 2.18 26.62
CA MET A 823 -19.35 2.77 25.41
C MET A 823 -18.16 3.64 25.80
N GLN A 824 -16.96 3.05 25.78
CA GLN A 824 -15.77 3.78 26.18
C GLN A 824 -15.44 4.91 25.20
N SER A 825 -15.56 4.65 23.90
CA SER A 825 -15.22 5.63 22.88
C SER A 825 -16.15 5.42 21.69
N LYS A 826 -15.78 5.99 20.54
CA LYS A 826 -16.60 5.90 19.34
C LYS A 826 -16.42 4.59 18.59
N LYS A 827 -15.48 3.73 18.99
CA LYS A 827 -15.34 2.43 18.36
C LYS A 827 -15.00 1.33 19.36
N LYS A 828 -15.17 1.59 20.66
CA LYS A 828 -14.83 0.64 21.71
C LYS A 828 -16.01 0.48 22.65
N TYR A 829 -16.37 -0.77 22.94
CA TYR A 829 -17.44 -1.02 23.90
C TYR A 829 -17.36 -2.45 24.43
N THR A 830 -17.74 -2.60 25.70
CA THR A 830 -17.81 -3.90 26.37
C THR A 830 -19.25 -4.15 26.78
N THR A 831 -19.75 -5.36 26.53
CA THR A 831 -21.13 -5.66 26.89
C THR A 831 -21.32 -7.16 27.04
N MET A 832 -22.53 -7.55 27.42
CA MET A 832 -22.95 -8.95 27.43
C MET A 832 -23.99 -9.13 26.34
N LYS A 833 -23.76 -10.10 25.46
CA LYS A 833 -24.58 -10.31 24.28
C LYS A 833 -25.49 -11.50 24.48
N TYR A 834 -26.78 -11.30 24.21
CA TYR A 834 -27.75 -12.39 24.08
C TYR A 834 -28.10 -12.47 22.60
N SER A 835 -27.86 -13.63 21.99
CA SER A 835 -28.09 -13.81 20.57
C SER A 835 -29.58 -13.80 20.26
N ALA A 836 -29.90 -13.89 18.97
CA ALA A 836 -31.30 -13.88 18.55
C ALA A 836 -32.04 -15.09 19.10
N SER A 837 -31.41 -16.27 19.08
CA SER A 837 -32.01 -17.49 19.62
C SER A 837 -31.49 -17.69 21.04
N SER A 838 -32.05 -16.92 21.96
CA SER A 838 -31.65 -17.00 23.36
C SER A 838 -32.79 -16.48 24.23
N ASN A 839 -32.70 -16.79 25.52
CA ASN A 839 -33.70 -16.39 26.50
C ASN A 839 -33.00 -15.74 27.69
N SER A 840 -33.79 -15.35 28.69
CA SER A 840 -33.23 -14.73 29.88
C SER A 840 -32.34 -15.71 30.64
N LYS A 841 -32.75 -16.97 30.72
CA LYS A 841 -31.96 -17.98 31.44
C LYS A 841 -30.68 -18.34 30.71
N SER A 842 -30.58 -18.03 29.42
CA SER A 842 -29.37 -18.33 28.67
C SER A 842 -28.20 -17.51 29.16
N VAL A 843 -27.00 -18.08 29.06
CA VAL A 843 -25.78 -17.41 29.51
C VAL A 843 -25.36 -16.36 28.50
N PRO A 844 -25.28 -15.09 28.89
CA PRO A 844 -24.78 -14.07 27.97
C PRO A 844 -23.31 -14.24 27.69
N GLU A 845 -22.89 -13.77 26.52
CA GLU A 845 -21.49 -13.85 26.11
C GLU A 845 -20.84 -12.49 26.26
N ARG A 846 -19.79 -12.41 27.09
CA ARG A 846 -19.10 -11.15 27.29
C ARG A 846 -18.28 -10.81 26.05
N ILE A 847 -18.65 -9.74 25.36
CA ILE A 847 -17.98 -9.35 24.12
C ILE A 847 -17.37 -7.98 24.29
N ASN A 848 -16.26 -7.77 23.58
CA ASN A 848 -15.48 -6.54 23.60
C ASN A 848 -15.19 -6.13 22.16
N LYS A 849 -15.25 -4.83 21.89
CA LYS A 849 -14.98 -4.30 20.56
C LYS A 849 -14.08 -3.08 20.71
N GLY A 850 -12.78 -3.28 20.47
CA GLY A 850 -11.82 -2.20 20.49
C GLY A 850 -11.26 -1.86 21.85
N THR A 851 -11.80 -2.44 22.92
CA THR A 851 -11.32 -2.12 24.26
C THR A 851 -9.94 -2.75 24.48
N SER A 852 -9.36 -2.47 25.65
CA SER A 852 -8.05 -3.01 25.98
C SER A 852 -8.19 -4.43 26.52
N GLU A 853 -8.91 -5.28 25.80
CA GLU A 853 -9.02 -6.69 26.12
C GLU A 853 -8.77 -7.52 24.87
N THR A 854 -9.12 -6.95 23.71
CA THR A 854 -8.89 -7.59 22.43
C THR A 854 -7.61 -7.15 21.75
N ARG A 855 -7.05 -6.01 22.13
CA ARG A 855 -5.81 -5.54 21.54
C ARG A 855 -4.65 -6.45 21.96
N ARG A 856 -3.71 -6.65 21.03
CA ARG A 856 -2.60 -7.56 21.24
C ARG A 856 -1.35 -6.87 21.77
N ASP A 857 -1.41 -5.57 22.07
CA ASP A 857 -0.22 -4.84 22.48
C ASP A 857 -0.48 -3.97 23.70
N VAL A 858 -1.37 -4.39 24.60
CA VAL A 858 -1.64 -3.59 25.78
C VAL A 858 -0.95 -4.19 26.99
N SER A 859 -1.42 -5.36 27.43
CA SER A 859 -0.84 -6.13 28.54
C SER A 859 -1.69 -7.36 28.81
N LYS A 860 -1.24 -8.21 29.73
CA LYS A 860 -2.11 -9.21 30.34
C LYS A 860 -2.59 -8.79 31.72
N PHE A 861 -1.71 -8.15 32.51
CA PHE A 861 -2.10 -7.63 33.81
C PHE A 861 -3.12 -6.51 33.67
N HIS A 862 -2.94 -5.63 32.69
CA HIS A 862 -3.87 -4.53 32.46
C HIS A 862 -5.26 -5.05 32.14
N LYS A 863 -5.35 -6.11 31.34
CA LYS A 863 -6.65 -6.66 30.97
C LYS A 863 -7.38 -7.18 32.20
N ASN A 864 -6.69 -7.91 33.08
CA ASN A 864 -7.32 -8.42 34.29
C ASN A 864 -7.78 -7.28 35.19
N MET A 865 -6.91 -6.27 35.39
CA MET A 865 -7.28 -5.17 36.26
C MET A 865 -8.48 -4.40 35.73
N ILE A 866 -8.47 -4.11 34.41
CA ILE A 866 -9.58 -3.35 33.84
C ILE A 866 -10.85 -4.18 33.85
N LYS A 867 -10.76 -5.50 33.67
CA LYS A 867 -11.94 -6.34 33.76
C LYS A 867 -12.55 -6.29 35.17
N THR A 868 -11.71 -6.45 36.19
CA THR A 868 -12.21 -6.42 37.56
C THR A 868 -12.82 -5.07 37.89
N TYR A 869 -12.15 -3.98 37.51
CA TYR A 869 -12.67 -2.65 37.86
C TYR A 869 -13.93 -2.31 37.09
N LYS A 870 -14.01 -2.71 35.82
CA LYS A 870 -15.22 -2.49 35.04
C LYS A 870 -16.39 -3.28 35.62
N THR A 871 -16.15 -4.52 36.02
CA THR A 871 -17.21 -5.30 36.65
C THR A 871 -17.67 -4.67 37.95
N ARG A 872 -16.72 -4.20 38.77
CA ARG A 872 -17.10 -3.55 40.02
C ARG A 872 -17.91 -2.29 39.78
N LEU A 873 -17.48 -1.46 38.82
CA LEU A 873 -18.21 -0.24 38.52
C LEU A 873 -19.61 -0.55 37.98
N SER A 874 -19.73 -1.56 37.12
CA SER A 874 -21.03 -1.95 36.61
C SER A 874 -21.94 -2.42 37.72
N GLU A 875 -21.42 -3.21 38.65
CA GLU A 875 -22.23 -3.66 39.78
C GLU A 875 -22.67 -2.49 40.64
N MET A 876 -21.76 -1.55 40.91
CA MET A 876 -22.10 -0.38 41.72
C MET A 876 -23.18 0.46 41.04
N LEU A 877 -23.07 0.63 39.72
CA LEU A 877 -24.08 1.40 39.00
C LEU A 877 -25.42 0.68 38.96
N SER A 878 -25.39 -0.65 38.85
CA SER A 878 -26.63 -1.42 38.80
C SER A 878 -27.35 -1.39 40.15
N GLU A 879 -26.62 -1.52 41.24
CA GLU A 879 -27.26 -1.53 42.56
C GLU A 879 -27.76 -0.15 42.98
N GLY A 880 -27.31 0.91 42.31
CA GLY A 880 -27.75 2.25 42.63
C GLY A 880 -26.73 3.02 43.45
N ARG A 881 -25.96 3.89 42.79
CA ARG A 881 -24.86 4.60 43.42
C ARG A 881 -24.73 5.95 42.75
N MET A 882 -23.55 6.59 42.92
CA MET A 882 -23.21 7.87 42.32
C MET A 882 -24.01 9.02 42.93
N ASN A 883 -24.41 8.87 44.20
CA ASN A 883 -25.00 10.00 44.91
C ASN A 883 -23.96 11.09 45.17
N SER A 884 -22.72 10.71 45.36
CA SER A 884 -21.62 11.64 45.58
C SER A 884 -20.36 11.00 45.01
N ASN A 885 -19.19 11.52 45.40
CA ASN A 885 -17.92 10.98 44.96
C ASN A 885 -17.43 9.82 45.82
N GLN A 886 -18.32 9.16 46.55
CA GLN A 886 -17.91 8.02 47.37
C GLN A 886 -17.40 6.87 46.50
N VAL A 887 -18.09 6.61 45.38
CA VAL A 887 -17.65 5.56 44.47
C VAL A 887 -16.28 5.90 43.88
N CYS A 888 -16.09 7.17 43.53
CA CYS A 888 -14.80 7.61 43.01
C CYS A 888 -13.71 7.45 44.07
N ILE A 889 -14.02 7.79 45.32
CA ILE A 889 -13.05 7.65 46.40
C ILE A 889 -12.67 6.18 46.58
N ASP A 890 -13.67 5.29 46.59
CA ASP A 890 -13.38 3.87 46.74
C ASP A 890 -12.55 3.34 45.57
N ILE A 891 -12.88 3.76 44.34
CA ILE A 891 -12.14 3.30 43.17
C ILE A 891 -10.70 3.77 43.24
N LEU A 892 -10.48 5.04 43.60
CA LEU A 892 -9.12 5.55 43.71
C LEU A 892 -8.34 4.85 44.81
N ARG A 893 -8.98 4.58 45.95
CA ARG A 893 -8.30 3.89 47.03
C ARG A 893 -7.90 2.48 46.62
N SER A 894 -8.81 1.75 45.97
CA SER A 894 -8.49 0.40 45.51
C SER A 894 -7.38 0.42 44.47
N LEU A 895 -7.44 1.38 43.54
CA LEU A 895 -6.41 1.48 42.50
C LEU A 895 -5.04 1.75 43.12
N GLU A 896 -4.97 2.70 44.06
CA GLU A 896 -3.70 3.01 44.70
C GLU A 896 -3.18 1.82 45.49
N THR A 897 -4.07 1.14 46.22
CA THR A 897 -3.64 -0.02 47.01
C THR A 897 -3.09 -1.12 46.10
N ASP A 898 -3.79 -1.43 45.02
CA ASP A 898 -3.35 -2.48 44.12
C ASP A 898 -2.02 -2.11 43.45
N LEU A 899 -1.90 -0.86 42.99
CA LEU A 899 -0.67 -0.43 42.35
C LEU A 899 0.51 -0.50 43.29
N ARG A 900 0.34 -0.01 44.53
CA ARG A 900 1.42 -0.05 45.49
C ARG A 900 1.81 -1.48 45.84
N SER A 901 0.81 -2.35 46.03
CA SER A 901 1.10 -3.74 46.38
C SER A 901 1.84 -4.44 45.25
N GLU A 902 1.41 -4.25 44.00
CA GLU A 902 2.05 -4.92 42.88
C GLU A 902 3.40 -4.31 42.53
N PHE A 903 3.64 -3.04 42.88
CA PHE A 903 4.97 -2.48 42.71
C PHE A 903 5.92 -2.95 43.80
N ASP A 904 5.43 -3.15 45.02
CA ASP A 904 6.31 -3.56 46.11
C ASP A 904 6.53 -5.08 46.11
N SER A 905 5.51 -5.86 45.81
CA SER A 905 5.64 -7.31 45.87
C SER A 905 6.51 -7.84 44.73
N ARG A 906 6.29 -7.35 43.52
CA ARG A 906 7.01 -7.81 42.33
C ARG A 906 6.91 -9.33 42.17
N SER A 907 5.69 -9.85 42.38
CA SER A 907 5.44 -11.28 42.29
C SER A 907 4.90 -11.72 40.95
N SER A 908 4.39 -10.80 40.12
CA SER A 908 3.85 -11.18 38.83
C SER A 908 4.97 -11.63 37.90
N PRO A 909 4.76 -12.66 37.09
CA PRO A 909 5.79 -13.12 36.16
C PRO A 909 5.88 -12.20 34.94
N LEU A 910 6.94 -12.40 34.17
CA LEU A 910 7.16 -11.58 32.97
C LEU A 910 6.08 -11.83 31.92
N GLU A 911 5.47 -13.01 31.92
CA GLU A 911 4.45 -13.33 30.93
C GLU A 911 3.24 -12.41 31.00
N LEU A 912 3.00 -11.80 32.17
CA LEU A 912 1.90 -10.86 32.31
C LEU A 912 2.21 -9.49 31.73
N PHE A 913 3.46 -9.22 31.37
CA PHE A 913 3.90 -7.93 30.88
C PHE A 913 4.60 -8.05 29.53
N MET A 914 4.03 -8.84 28.63
CA MET A 914 4.61 -9.07 27.32
C MET A 914 3.69 -8.51 26.24
N LEU A 915 4.30 -7.92 25.21
CA LEU A 915 3.57 -7.30 24.12
C LEU A 915 4.05 -7.88 22.79
N SER A 916 3.13 -7.94 21.82
CA SER A 916 3.38 -8.56 20.53
C SER A 916 3.34 -7.52 19.42
N ARG A 917 4.24 -7.66 18.45
CA ARG A 917 4.29 -6.78 17.29
C ARG A 917 4.75 -7.58 16.08
N MET A 918 4.39 -7.08 14.90
CA MET A 918 4.72 -7.73 13.65
C MET A 918 5.89 -7.02 12.97
N HIS A 919 6.80 -7.80 12.40
CA HIS A 919 7.98 -7.26 11.73
C HIS A 919 7.70 -7.04 10.25
N HIS A 920 8.16 -5.91 9.74
CA HIS A 920 8.02 -5.56 8.33
C HIS A 920 9.01 -4.45 8.00
N SER A 921 8.99 -4.01 6.74
CA SER A 921 9.89 -2.97 6.28
C SER A 921 9.16 -1.82 5.59
N ASN A 922 7.84 -1.77 5.68
CA ASN A 922 7.05 -0.70 5.07
C ASN A 922 7.08 0.53 5.99
N TYR A 923 8.21 1.23 5.96
CA TYR A 923 8.42 2.41 6.78
C TYR A 923 8.74 3.59 5.89
N LYS A 924 8.02 4.70 6.10
CA LYS A 924 8.33 5.92 5.36
C LYS A 924 9.71 6.45 5.71
N SER A 925 10.08 6.40 6.99
CA SER A 925 11.40 6.78 7.43
C SER A 925 12.29 5.54 7.52
N ALA A 926 13.47 5.61 6.91
CA ALA A 926 14.35 4.45 6.86
C ALA A 926 14.81 4.03 8.25
N ASP A 927 15.17 5.00 9.09
CA ASP A 927 15.68 4.70 10.44
C ASP A 927 14.54 4.75 11.46
N ASN A 928 13.54 3.91 11.23
CA ASN A 928 12.40 3.85 12.13
C ASN A 928 12.82 3.22 13.46
N PRO A 929 12.31 3.72 14.59
CA PRO A 929 12.60 3.09 15.88
C PRO A 929 12.10 1.67 15.98
N ASN A 930 11.03 1.32 15.25
CA ASN A 930 10.56 -0.07 15.26
C ASN A 930 11.60 -1.01 14.69
N MET A 931 12.22 -0.63 13.59
CA MET A 931 13.39 -1.36 13.09
C MET A 931 14.59 -1.03 13.98
N TYR A 932 15.70 -1.71 13.70
CA TYR A 932 16.93 -1.64 14.50
C TYR A 932 16.72 -2.35 15.83
N LEU A 933 15.49 -2.81 16.08
CA LEU A 933 15.18 -3.70 17.18
C LEU A 933 15.10 -5.15 16.71
N VAL A 934 14.32 -5.41 15.67
CA VAL A 934 14.32 -6.72 15.03
C VAL A 934 15.63 -6.95 14.30
N THR A 935 16.15 -5.89 13.65
CA THR A 935 17.41 -6.02 12.92
C THR A 935 18.56 -6.35 13.86
N GLU A 936 18.64 -5.66 15.01
CA GLU A 936 19.68 -5.98 15.98
C GLU A 936 19.49 -7.36 16.59
N TYR A 937 18.24 -7.79 16.76
CA TYR A 937 18.00 -9.14 17.24
C TYR A 937 18.51 -10.19 16.26
N ASN A 938 18.28 -9.96 14.96
CA ASN A 938 18.73 -10.92 13.96
C ASN A 938 20.24 -10.95 13.83
N LYS A 939 20.91 -9.82 14.09
CA LYS A 939 22.37 -9.75 13.97
C LYS A 939 23.09 -10.34 15.17
N ASN A 940 22.40 -10.63 16.27
CA ASN A 940 23.03 -11.13 17.49
C ASN A 940 22.44 -12.46 17.96
N ASN A 941 21.54 -13.06 17.18
CA ASN A 941 20.94 -14.33 17.54
C ASN A 941 20.92 -15.25 16.33
N PRO A 942 20.98 -16.56 16.55
CA PRO A 942 20.91 -17.49 15.40
C PRO A 942 19.52 -17.58 14.79
N GLU A 943 18.47 -17.48 15.60
CA GLU A 943 17.12 -17.48 15.06
C GLU A 943 16.82 -16.17 14.35
N THR A 944 15.96 -16.23 13.34
CA THR A 944 15.66 -15.10 12.49
C THR A 944 14.17 -14.81 12.51
N ILE A 945 13.81 -13.54 12.73
CA ILE A 945 12.43 -13.09 12.64
C ILE A 945 12.17 -12.68 11.20
N GLU A 946 11.29 -13.40 10.52
CA GLU A 946 11.02 -13.15 9.12
C GLU A 946 10.20 -11.87 8.94
N LEU A 947 9.99 -11.49 7.69
CA LEU A 947 9.30 -10.25 7.35
C LEU A 947 7.80 -10.29 7.59
N GLY A 948 7.28 -11.34 8.21
CA GLY A 948 5.87 -11.38 8.57
C GLY A 948 5.66 -12.05 9.92
N GLU A 949 6.76 -12.34 10.60
CA GLU A 949 6.70 -13.05 11.87
C GLU A 949 6.24 -12.13 12.99
N ARG A 950 5.43 -12.69 13.90
CA ARG A 950 4.95 -11.98 15.07
C ARG A 950 5.82 -12.35 16.25
N TYR A 951 6.43 -11.37 16.90
CA TYR A 951 7.35 -11.59 18.00
C TYR A 951 6.81 -10.95 19.28
N TYR A 952 7.64 -10.99 20.32
CA TYR A 952 7.27 -10.46 21.63
C TYR A 952 8.29 -9.43 22.09
N PHE A 953 7.82 -8.45 22.85
CA PHE A 953 8.69 -7.44 23.44
C PHE A 953 8.08 -6.94 24.74
N ALA A 954 8.93 -6.38 25.59
CA ALA A 954 8.48 -5.88 26.89
C ALA A 954 9.39 -4.72 27.30
N TYR A 955 8.85 -3.87 28.17
CA TYR A 955 9.60 -2.75 28.70
C TYR A 955 10.37 -3.19 29.94
N ILE A 956 11.69 -2.99 29.93
CA ILE A 956 12.54 -3.38 31.04
C ILE A 956 13.47 -2.21 31.38
N CYS A 957 14.06 -2.29 32.57
CA CYS A 957 14.97 -1.27 33.07
C CYS A 957 15.84 -1.89 34.15
N PRO A 958 16.97 -1.27 34.48
CA PRO A 958 17.80 -1.79 35.58
C PRO A 958 17.03 -1.85 36.88
N ALA A 959 17.31 -2.89 37.68
CA ALA A 959 16.56 -3.11 38.91
C ALA A 959 16.80 -2.00 39.92
N ASN A 960 17.96 -1.35 39.88
CA ASN A 960 18.28 -0.27 40.80
C ASN A 960 17.75 1.07 40.29
N VAL A 961 16.46 1.11 39.99
CA VAL A 961 15.80 2.31 39.49
C VAL A 961 14.51 2.49 40.28
N PRO A 962 14.30 3.60 40.97
CA PRO A 962 13.07 3.82 41.73
C PRO A 962 11.94 4.26 40.82
N TRP A 963 10.80 4.57 41.44
CA TRP A 963 9.65 5.06 40.69
C TRP A 963 9.99 6.38 40.01
N THR A 964 9.75 6.44 38.71
CA THR A 964 10.01 7.64 37.92
C THR A 964 8.69 8.29 37.53
N LYS A 965 8.50 9.54 37.95
CA LYS A 965 7.29 10.28 37.65
C LYS A 965 7.36 11.04 36.34
N LYS A 966 8.53 11.10 35.70
CA LYS A 966 8.72 11.79 34.43
C LYS A 966 9.33 10.78 33.45
N LEU A 967 8.46 10.09 32.71
CA LEU A 967 8.90 9.07 31.76
C LEU A 967 9.43 9.75 30.52
N VAL A 968 10.76 9.78 30.37
CA VAL A 968 11.41 10.38 29.23
C VAL A 968 12.41 9.39 28.67
N ASN A 969 12.70 9.54 27.37
CA ASN A 969 13.60 8.64 26.65
C ASN A 969 13.10 7.19 26.74
N ILE A 970 11.87 7.00 26.29
CA ILE A 970 11.20 5.70 26.35
C ILE A 970 11.08 5.15 24.95
N LYS A 971 10.56 3.93 24.81
CA LYS A 971 10.49 3.16 23.57
C LYS A 971 11.85 2.67 23.13
N THR A 972 12.93 3.02 23.85
CA THR A 972 14.25 2.48 23.63
C THR A 972 14.62 1.42 24.66
N TYR A 973 13.84 1.28 25.73
CA TYR A 973 14.06 0.27 26.74
C TYR A 973 13.41 -1.07 26.41
N GLU A 974 12.57 -1.11 25.38
CA GLU A 974 11.89 -2.35 25.02
C GLU A 974 12.86 -3.32 24.37
N THR A 975 12.84 -4.58 24.81
CA THR A 975 13.70 -5.62 24.29
C THR A 975 12.86 -6.80 23.82
N ILE A 976 13.34 -7.48 22.79
CA ILE A 976 12.61 -8.61 22.24
C ILE A 976 12.78 -9.81 23.18
N ILE A 977 11.67 -10.40 23.59
CA ILE A 977 11.65 -11.55 24.48
C ILE A 977 11.29 -12.78 23.68
N ASP A 978 12.22 -13.72 23.59
CA ASP A 978 11.99 -14.98 22.90
C ASP A 978 11.60 -16.05 23.92
N ARG A 979 11.53 -17.30 23.46
CA ARG A 979 11.15 -18.40 24.35
C ARG A 979 12.17 -18.59 25.47
N SER A 980 13.45 -18.48 25.16
CA SER A 980 14.52 -18.68 26.13
C SER A 980 15.03 -17.31 26.56
N PHE A 981 14.36 -16.72 27.55
CA PHE A 981 14.74 -15.42 28.08
C PHE A 981 14.36 -15.34 29.55
N LYS A 982 15.36 -15.23 30.41
CA LYS A 982 15.15 -15.06 31.85
C LYS A 982 15.90 -13.82 32.29
N LEU A 983 15.17 -12.86 32.87
CA LEU A 983 15.79 -11.62 33.33
C LEU A 983 16.60 -11.86 34.59
N GLY A 984 17.72 -11.15 34.71
CA GLY A 984 18.59 -11.27 35.85
C GLY A 984 18.14 -10.40 37.01
N SER A 985 18.92 -10.46 38.10
CA SER A 985 18.64 -9.66 39.28
C SER A 985 18.93 -8.18 39.05
N ASN A 986 19.67 -7.83 38.01
CA ASN A 986 19.98 -6.44 37.69
C ASN A 986 18.99 -5.82 36.70
N GLN A 987 17.95 -6.56 36.31
CA GLN A 987 16.94 -6.07 35.38
C GLN A 987 15.56 -6.29 35.97
N ARG A 988 14.63 -5.42 35.60
CA ARG A 988 13.27 -5.50 36.11
C ARG A 988 12.30 -4.91 35.09
N ILE A 989 11.02 -5.24 35.26
CA ILE A 989 10.00 -4.70 34.38
C ILE A 989 9.75 -3.23 34.72
N PHE A 990 9.70 -2.39 33.69
CA PHE A 990 9.39 -0.98 33.89
C PHE A 990 7.91 -0.82 34.19
N TYR A 991 7.54 -0.96 35.47
CA TYR A 991 6.14 -0.95 35.85
C TYR A 991 5.47 0.39 35.60
N GLU A 992 6.25 1.47 35.50
CA GLU A 992 5.66 2.80 35.35
C GLU A 992 4.89 2.94 34.05
N VAL A 993 5.45 2.40 32.96
CA VAL A 993 4.78 2.49 31.65
C VAL A 993 3.44 1.74 31.71
N TYR A 994 3.45 0.53 32.27
CA TYR A 994 2.21 -0.23 32.37
C TYR A 994 1.23 0.43 33.34
N PHE A 995 1.73 0.97 34.45
CA PHE A 995 0.86 1.64 35.42
C PHE A 995 0.26 2.92 34.83
N LYS A 996 1.06 3.69 34.10
CA LYS A 996 0.57 4.95 33.54
C LYS A 996 -0.57 4.72 32.55
N ARG A 997 -0.42 3.73 31.69
CA ARG A 997 -1.49 3.41 30.73
C ARG A 997 -2.72 2.86 31.44
N LEU A 998 -2.51 2.04 32.48
CA LEU A 998 -3.64 1.49 33.23
C LEU A 998 -4.34 2.59 34.03
N THR A 999 -3.57 3.48 34.65
CA THR A 999 -4.17 4.56 35.44
C THR A 999 -4.98 5.50 34.56
N SER A 1000 -4.45 5.84 33.38
CA SER A 1000 -5.16 6.77 32.49
C SER A 1000 -6.47 6.20 31.99
N GLU A 1001 -6.57 4.88 31.89
CA GLU A 1001 -7.81 4.27 31.41
C GLU A 1001 -8.91 4.30 32.47
N ILE A 1002 -8.56 4.04 33.72
CA ILE A 1002 -9.57 3.97 34.78
C ILE A 1002 -10.13 5.36 35.07
N VAL A 1003 -9.26 6.37 35.13
CA VAL A 1003 -9.72 7.72 35.46
C VAL A 1003 -10.69 8.25 34.42
N ASN A 1004 -10.59 7.76 33.18
CA ASN A 1004 -11.52 8.20 32.13
C ASN A 1004 -12.91 7.61 32.32
N LEU A 1005 -13.04 6.56 33.14
CA LEU A 1005 -14.34 5.93 33.38
C LEU A 1005 -15.10 6.58 34.53
N LEU A 1006 -14.50 7.56 35.21
CA LEU A 1006 -15.13 8.19 36.36
C LEU A 1006 -15.65 9.58 35.99
N ASP A 1007 -16.31 10.22 36.96
CA ASP A 1007 -16.89 11.54 36.75
C ASP A 1007 -16.13 12.67 37.44
N ASN A 1008 -15.48 12.38 38.56
CA ASN A 1008 -14.70 13.41 39.24
C ASN A 1008 -13.46 13.77 38.41
N LYS A 1009 -13.12 15.06 38.43
CA LYS A 1009 -12.01 15.58 37.65
C LYS A 1009 -10.84 16.02 38.51
N VAL A 1010 -11.08 16.84 39.53
CA VAL A 1010 -9.99 17.37 40.35
C VAL A 1010 -9.30 16.25 41.12
N LEU A 1011 -10.08 15.31 41.67
CA LEU A 1011 -9.48 14.20 42.40
C LEU A 1011 -8.65 13.32 41.48
N CYS A 1012 -9.15 13.03 40.28
CA CYS A 1012 -8.39 12.21 39.34
C CYS A 1012 -7.12 12.93 38.88
N ILE A 1013 -7.22 14.23 38.58
CA ILE A 1013 -6.05 14.98 38.14
C ILE A 1013 -5.01 15.07 39.25
N SER A 1014 -5.44 15.35 40.48
CA SER A 1014 -4.52 15.44 41.60
C SER A 1014 -3.85 14.09 41.86
N PHE A 1015 -4.61 13.01 41.82
CA PHE A 1015 -4.04 11.67 41.98
C PHE A 1015 -3.06 11.36 40.85
N PHE A 1016 -3.46 11.68 39.61
CA PHE A 1016 -2.59 11.40 38.46
C PHE A 1016 -1.31 12.23 38.54
N GLN A 1017 -1.43 13.50 38.94
CA GLN A 1017 -0.26 14.37 38.98
C GLN A 1017 0.76 13.92 40.03
N ARG A 1018 0.31 13.20 41.06
CA ARG A 1018 1.20 12.82 42.15
C ARG A 1018 2.34 11.93 41.66
N MET A 1019 2.00 10.72 41.18
CA MET A 1019 3.01 9.77 40.75
C MET A 1019 3.29 9.81 39.25
N PHE A 1020 2.54 10.61 38.49
CA PHE A 1020 2.75 10.74 37.05
C PHE A 1020 2.82 12.23 36.72
N GLY A 1021 4.01 12.71 36.38
CA GLY A 1021 4.20 14.12 36.08
C GLY A 1021 3.65 14.52 34.73
N SER A 1022 2.34 14.40 34.55
CA SER A 1022 1.70 14.76 33.28
C SER A 1022 0.23 15.05 33.55
N ARG A 1023 -0.40 15.72 32.58
CA ARG A 1023 -1.81 16.06 32.67
C ARG A 1023 -2.65 14.95 32.05
N PRO A 1024 -3.69 14.46 32.74
CA PRO A 1024 -4.54 13.43 32.16
C PRO A 1024 -5.29 13.94 30.95
N THR A 1025 -5.59 13.03 30.02
CA THR A 1025 -6.35 13.34 28.82
C THR A 1025 -7.74 12.71 28.96
N PHE A 1026 -8.77 13.51 28.83
CA PHE A 1026 -10.15 13.07 28.97
C PHE A 1026 -10.82 13.07 27.61
N TYR A 1027 -11.49 11.96 27.28
CA TYR A 1027 -12.17 11.83 26.01
C TYR A 1027 -13.41 12.72 25.96
N MET B 24 45.24 -3.31 7.64
CA MET B 24 46.03 -4.08 6.68
C MET B 24 46.56 -5.36 7.31
N ASN B 25 46.17 -5.61 8.56
CA ASN B 25 46.59 -6.80 9.28
C ASN B 25 45.72 -7.98 8.85
N SER B 26 45.84 -9.09 9.58
CA SER B 26 45.09 -10.30 9.28
C SER B 26 44.40 -10.80 10.55
N VAL B 27 43.56 -11.82 10.37
CA VAL B 27 42.86 -12.45 11.48
C VAL B 27 43.24 -13.92 11.50
N THR B 28 42.95 -14.57 12.63
CA THR B 28 43.33 -15.95 12.87
C THR B 28 42.11 -16.85 12.74
N ILE B 29 42.18 -17.81 11.83
CA ILE B 29 41.15 -18.84 11.66
C ILE B 29 41.82 -20.20 11.70
N SER B 30 41.21 -21.13 12.42
CA SER B 30 41.76 -22.48 12.55
C SER B 30 41.33 -23.36 11.38
N HIS B 31 41.76 -22.96 10.18
CA HIS B 31 41.42 -23.68 8.96
C HIS B 31 42.57 -23.56 7.98
N ALA B 32 42.41 -24.22 6.83
CA ALA B 32 43.51 -24.32 5.86
C ALA B 32 43.96 -22.98 5.31
N PRO B 33 43.08 -22.06 4.84
CA PRO B 33 43.58 -20.83 4.20
C PRO B 33 44.46 -19.99 5.12
N TYR B 34 43.91 -19.55 6.25
CA TYR B 34 44.66 -18.77 7.24
C TYR B 34 45.32 -17.55 6.63
N THR B 35 44.68 -16.97 5.60
CA THR B 35 45.22 -15.81 4.89
C THR B 35 44.06 -14.88 4.56
N ILE B 36 43.84 -13.89 5.41
CA ILE B 36 42.75 -12.93 5.25
C ILE B 36 43.37 -11.54 5.18
N THR B 37 43.12 -10.84 4.08
CA THR B 37 43.58 -9.47 3.91
C THR B 37 42.55 -8.54 4.54
N TYR B 38 42.76 -8.18 5.81
CA TYR B 38 41.80 -7.44 6.60
C TYR B 38 42.24 -5.98 6.67
N HIS B 39 41.54 -5.12 5.93
CA HIS B 39 41.80 -3.69 5.98
C HIS B 39 41.04 -3.06 7.15
N ASP B 40 41.49 -1.86 7.54
CA ASP B 40 40.88 -1.18 8.67
C ASP B 40 39.42 -0.86 8.40
N ASP B 41 39.10 -0.37 7.20
CA ASP B 41 37.73 0.02 6.87
C ASP B 41 36.77 -1.15 6.96
N TRP B 42 37.26 -2.38 6.85
CA TRP B 42 36.44 -3.58 6.99
C TRP B 42 36.40 -4.10 8.42
N GLU B 43 36.60 -3.22 9.41
CA GLU B 43 36.56 -3.68 10.80
C GLU B 43 35.23 -4.31 11.21
N PRO B 44 34.04 -3.81 10.81
CA PRO B 44 32.81 -4.46 11.30
C PRO B 44 32.40 -5.65 10.43
N VAL B 45 33.37 -6.49 10.06
CA VAL B 45 33.08 -7.66 9.23
C VAL B 45 33.66 -8.91 9.89
N MET B 46 34.96 -8.89 10.15
CA MET B 46 35.66 -10.09 10.63
C MET B 46 35.04 -10.59 11.93
N SER B 47 34.80 -9.67 12.88
CA SER B 47 34.24 -10.04 14.17
C SER B 47 32.95 -10.84 14.06
N GLN B 48 32.31 -10.81 12.89
CA GLN B 48 31.19 -11.70 12.60
C GLN B 48 31.48 -12.69 11.49
N LEU B 49 32.33 -12.33 10.52
CA LEU B 49 32.50 -13.18 9.34
C LEU B 49 33.06 -14.54 9.70
N VAL B 50 34.02 -14.58 10.62
CA VAL B 50 34.57 -15.86 11.05
C VAL B 50 33.48 -16.73 11.67
N GLU B 51 32.55 -16.11 12.41
CA GLU B 51 31.45 -16.87 12.99
C GLU B 51 30.58 -17.48 11.90
N PHE B 52 30.51 -16.84 10.74
CA PHE B 52 29.78 -17.39 9.60
C PHE B 52 30.63 -18.28 8.72
N TYR B 53 31.95 -18.33 8.96
CA TYR B 53 32.85 -19.11 8.13
C TYR B 53 33.55 -20.25 8.87
N ASN B 54 33.69 -20.17 10.19
CA ASN B 54 34.33 -21.24 10.93
C ASN B 54 33.52 -22.53 10.85
N GLU B 55 32.19 -22.42 10.90
CA GLU B 55 31.33 -23.60 10.86
C GLU B 55 31.14 -24.14 9.45
N VAL B 56 31.64 -23.45 8.41
CA VAL B 56 31.50 -23.90 7.05
C VAL B 56 32.84 -24.27 6.42
N ALA B 57 33.95 -23.68 6.87
CA ALA B 57 35.24 -23.92 6.24
C ALA B 57 35.65 -25.39 6.35
N SER B 58 35.39 -26.01 7.49
CA SER B 58 35.77 -27.42 7.67
C SER B 58 35.06 -28.31 6.66
N TRP B 59 33.77 -28.06 6.42
CA TRP B 59 33.03 -28.83 5.43
C TRP B 59 33.29 -28.36 4.00
N LEU B 60 33.70 -27.10 3.82
CA LEU B 60 33.95 -26.60 2.47
C LEU B 60 35.28 -27.10 1.92
N LEU B 61 36.31 -27.18 2.77
CA LEU B 61 37.65 -27.55 2.31
C LEU B 61 37.80 -29.04 2.04
N ARG B 62 36.87 -29.88 2.50
CA ARG B 62 36.95 -31.30 2.22
C ARG B 62 36.74 -31.61 0.75
N ASP B 63 36.20 -30.67 -0.02
CA ASP B 63 35.98 -30.83 -1.45
C ASP B 63 36.76 -29.78 -2.20
N GLU B 64 37.42 -30.18 -3.29
CA GLU B 64 38.18 -29.25 -4.09
C GLU B 64 37.25 -28.26 -4.78
N THR B 65 37.73 -27.03 -4.94
CA THR B 65 36.95 -25.95 -5.51
C THR B 65 37.72 -25.31 -6.66
N SER B 66 36.98 -24.77 -7.63
CA SER B 66 37.61 -24.19 -8.81
C SER B 66 38.52 -23.01 -8.47
N PRO B 67 38.13 -22.03 -7.66
CA PRO B 67 39.09 -21.02 -7.22
C PRO B 67 40.13 -21.62 -6.27
N ILE B 68 41.27 -20.96 -6.20
CA ILE B 68 42.37 -21.45 -5.36
C ILE B 68 41.94 -21.40 -3.89
N PRO B 69 42.11 -22.49 -3.12
CA PRO B 69 41.70 -22.46 -1.72
C PRO B 69 42.42 -21.40 -0.89
N ASP B 70 43.68 -21.11 -1.22
CA ASP B 70 44.40 -20.05 -0.53
C ASP B 70 43.94 -18.66 -0.93
N LYS B 71 43.13 -18.55 -1.98
CA LYS B 71 42.62 -17.28 -2.49
C LYS B 71 41.12 -17.22 -2.21
N PHE B 72 40.76 -16.67 -1.05
CA PHE B 72 39.37 -16.48 -0.68
C PHE B 72 39.02 -15.02 -0.46
N PHE B 73 39.77 -14.31 0.37
CA PHE B 73 39.50 -12.91 0.71
C PHE B 73 40.63 -12.06 0.14
N ILE B 74 40.46 -11.64 -1.12
CA ILE B 74 41.44 -10.79 -1.78
C ILE B 74 40.91 -9.40 -2.09
N GLN B 75 39.60 -9.21 -2.17
CA GLN B 75 39.02 -7.92 -2.46
C GLN B 75 38.67 -7.13 -1.20
N LEU B 76 38.98 -7.66 -0.02
CA LEU B 76 38.66 -7.01 1.24
C LEU B 76 39.80 -6.18 1.80
N LYS B 77 40.87 -6.00 1.02
CA LYS B 77 41.99 -5.15 1.44
C LYS B 77 41.96 -3.77 0.82
N GLN B 78 41.33 -3.62 -0.35
CA GLN B 78 41.24 -2.33 -0.99
C GLN B 78 40.30 -1.40 -0.20
N PRO B 79 40.57 -0.10 -0.21
CA PRO B 79 39.65 0.84 0.44
C PRO B 79 38.29 0.84 -0.24
N LEU B 80 37.25 1.06 0.57
CA LEU B 80 35.87 1.00 0.09
C LEU B 80 35.25 2.37 -0.11
N ARG B 81 35.70 3.39 0.64
CA ARG B 81 35.09 4.71 0.53
C ARG B 81 35.68 5.48 -0.65
N ASN B 82 35.73 4.83 -1.81
CA ASN B 82 36.18 5.46 -3.04
C ASN B 82 35.19 5.19 -4.17
N LYS B 83 34.58 4.01 -4.15
CA LYS B 83 33.78 3.53 -5.26
C LYS B 83 32.38 4.15 -5.24
N ARG B 84 31.73 4.12 -6.41
CA ARG B 84 30.39 4.64 -6.58
C ARG B 84 29.41 3.59 -7.10
N VAL B 85 29.88 2.66 -7.94
CA VAL B 85 29.04 1.59 -8.49
C VAL B 85 29.80 0.28 -8.39
N CYS B 86 29.09 -0.79 -8.03
CA CYS B 86 29.68 -2.11 -7.89
C CYS B 86 28.90 -3.10 -8.73
N VAL B 87 29.61 -3.90 -9.52
CA VAL B 87 29.00 -4.95 -10.33
C VAL B 87 29.06 -6.25 -9.55
N CYS B 88 27.94 -6.96 -9.50
CA CYS B 88 27.79 -8.15 -8.67
C CYS B 88 27.60 -9.38 -9.56
N GLY B 89 28.43 -10.39 -9.34
CA GLY B 89 28.32 -11.66 -10.04
C GLY B 89 27.82 -12.74 -9.09
N ILE B 90 26.95 -13.62 -9.61
CA ILE B 90 26.32 -14.63 -8.75
C ILE B 90 27.34 -15.66 -8.29
N ASP B 91 28.24 -16.09 -9.17
CA ASP B 91 29.26 -17.06 -8.81
C ASP B 91 30.41 -16.95 -9.80
N PRO B 92 31.61 -17.38 -9.43
CA PRO B 92 32.72 -17.38 -10.37
C PRO B 92 32.49 -18.35 -11.51
N TYR B 93 33.40 -18.31 -12.48
CA TYR B 93 33.29 -19.18 -13.65
C TYR B 93 33.44 -20.63 -13.23
N PRO B 94 32.66 -21.55 -13.82
CA PRO B 94 32.79 -22.97 -13.46
C PRO B 94 34.17 -23.54 -13.70
N LYS B 95 34.87 -23.07 -14.74
CA LYS B 95 36.22 -23.52 -15.04
C LYS B 95 37.17 -22.32 -14.99
N ASP B 96 38.23 -22.45 -14.20
CA ASP B 96 39.27 -21.42 -14.04
C ASP B 96 38.74 -20.19 -13.31
N GLY B 97 39.60 -19.55 -12.53
CA GLY B 97 39.19 -18.36 -11.79
C GLY B 97 40.34 -17.62 -11.15
N THR B 98 40.38 -16.30 -11.33
CA THR B 98 41.39 -15.44 -10.74
C THR B 98 40.88 -14.69 -9.53
N GLY B 99 39.69 -15.03 -9.03
CA GLY B 99 39.14 -14.37 -7.87
C GLY B 99 38.22 -13.21 -8.20
N VAL B 100 38.79 -12.16 -8.78
CA VAL B 100 37.98 -10.99 -9.16
C VAL B 100 37.07 -11.36 -10.32
N PRO B 101 35.81 -10.91 -10.32
CA PRO B 101 34.91 -11.27 -11.42
C PRO B 101 35.38 -10.68 -12.74
N PHE B 102 35.16 -11.44 -13.82
CA PHE B 102 35.43 -11.01 -15.19
C PHE B 102 36.89 -10.58 -15.37
N GLU B 103 37.78 -11.55 -15.17
CA GLU B 103 39.20 -11.32 -15.40
C GLU B 103 39.87 -12.66 -15.66
N SER B 104 40.35 -12.87 -16.89
CA SER B 104 41.00 -14.11 -17.27
C SER B 104 41.76 -13.91 -18.57
N PRO B 105 42.99 -14.41 -18.68
CA PRO B 105 43.75 -14.32 -19.93
C PRO B 105 43.39 -15.42 -20.95
N ASN B 106 42.09 -15.64 -21.12
CA ASN B 106 41.57 -16.61 -22.09
C ASN B 106 40.73 -15.94 -23.16
N PHE B 107 39.87 -14.99 -22.77
CA PHE B 107 39.09 -14.19 -23.73
C PHE B 107 38.17 -15.03 -24.58
N THR B 108 37.72 -16.17 -24.04
CA THR B 108 36.77 -17.06 -24.71
C THR B 108 35.70 -17.49 -23.70
N LYS B 109 34.65 -16.68 -23.57
CA LYS B 109 33.59 -16.93 -22.62
C LYS B 109 32.27 -16.45 -23.23
N LYS B 110 31.24 -16.39 -22.39
CA LYS B 110 29.91 -15.96 -22.82
C LYS B 110 29.48 -14.64 -22.20
N SER B 111 29.86 -14.37 -20.96
CA SER B 111 29.41 -13.15 -20.28
C SER B 111 30.38 -12.00 -20.48
N ILE B 112 31.67 -12.23 -20.24
CA ILE B 112 32.65 -11.14 -20.31
C ILE B 112 32.79 -10.63 -21.74
N LYS B 113 32.70 -11.52 -22.74
CA LYS B 113 32.87 -11.08 -24.13
C LYS B 113 31.76 -10.14 -24.57
N GLU B 114 30.52 -10.45 -24.23
CA GLU B 114 29.42 -9.59 -24.66
C GLU B 114 29.43 -8.26 -23.91
N ILE B 115 29.81 -8.30 -22.63
CA ILE B 115 29.98 -7.05 -21.87
C ILE B 115 31.07 -6.20 -22.51
N ALA B 116 32.19 -6.82 -22.89
CA ALA B 116 33.27 -6.08 -23.54
C ALA B 116 32.81 -5.50 -24.87
N SER B 117 32.04 -6.27 -25.65
CA SER B 117 31.54 -5.76 -26.93
C SER B 117 30.60 -4.58 -26.72
N SER B 118 29.71 -4.67 -25.73
CA SER B 118 28.80 -3.56 -25.45
C SER B 118 29.56 -2.31 -25.00
N ILE B 119 30.54 -2.48 -24.12
CA ILE B 119 31.30 -1.32 -23.66
C ILE B 119 32.15 -0.74 -24.78
N SER B 120 32.64 -1.58 -25.70
CA SER B 120 33.39 -1.08 -26.84
C SER B 120 32.49 -0.30 -27.79
N ARG B 121 31.26 -0.79 -28.00
CA ARG B 121 30.30 -0.03 -28.80
C ARG B 121 29.97 1.29 -28.14
N LEU B 122 29.86 1.30 -26.81
CA LEU B 122 29.53 2.53 -26.09
C LEU B 122 30.66 3.55 -26.18
N THR B 123 31.89 3.12 -25.92
CA THR B 123 33.03 4.03 -25.88
C THR B 123 33.74 4.17 -27.22
N GLY B 124 33.38 3.36 -28.21
CA GLY B 124 34.00 3.47 -29.52
C GLY B 124 35.47 3.14 -29.55
N VAL B 125 35.88 2.09 -28.84
CA VAL B 125 37.26 1.62 -28.83
C VAL B 125 37.28 0.18 -29.31
N ILE B 126 38.09 -0.12 -30.32
CA ILE B 126 38.12 -1.42 -30.94
C ILE B 126 39.30 -2.26 -30.46
N ASP B 127 40.45 -1.64 -30.25
CA ASP B 127 41.66 -2.36 -29.84
C ASP B 127 41.71 -2.47 -28.33
N TYR B 128 41.77 -3.70 -27.82
CA TYR B 128 41.83 -3.93 -26.39
C TYR B 128 42.37 -5.34 -26.14
N LYS B 129 43.17 -5.49 -25.08
CA LYS B 129 43.69 -6.78 -24.65
C LYS B 129 43.74 -6.78 -23.13
N GLY B 130 42.67 -7.28 -22.51
CA GLY B 130 42.59 -7.33 -21.07
C GLY B 130 41.77 -6.21 -20.48
N TYR B 131 40.87 -6.54 -19.56
CA TYR B 131 39.98 -5.56 -18.95
C TYR B 131 40.26 -5.29 -17.49
N ASN B 132 40.43 -6.35 -16.68
CA ASN B 132 40.70 -6.27 -15.24
C ASN B 132 39.92 -5.14 -14.59
N LEU B 133 38.60 -5.26 -14.66
CA LEU B 133 37.68 -4.21 -14.20
C LEU B 133 37.94 -3.78 -12.77
N ASN B 134 38.73 -4.55 -12.00
CA ASN B 134 39.06 -4.15 -10.64
C ASN B 134 39.90 -2.87 -10.60
N ILE B 135 40.53 -2.50 -11.72
CA ILE B 135 41.48 -1.39 -11.70
C ILE B 135 40.83 -0.04 -11.98
N ILE B 136 39.63 -0.01 -12.55
CA ILE B 136 38.96 1.27 -12.81
C ILE B 136 38.60 1.92 -11.48
N ASP B 137 38.98 3.19 -11.34
CA ASP B 137 38.67 3.93 -10.12
C ASP B 137 37.17 4.15 -10.00
N GLY B 138 36.65 3.98 -8.79
CA GLY B 138 35.24 4.16 -8.52
C GLY B 138 34.38 2.92 -8.74
N VAL B 139 34.95 1.83 -9.24
CA VAL B 139 34.22 0.59 -9.47
C VAL B 139 35.05 -0.56 -8.91
N ILE B 140 34.40 -1.44 -8.15
CA ILE B 140 35.03 -2.66 -7.67
C ILE B 140 34.11 -3.83 -8.01
N PRO B 141 34.58 -4.85 -8.72
CA PRO B 141 33.72 -6.00 -9.02
C PRO B 141 33.48 -6.83 -7.77
N TRP B 142 32.35 -7.52 -7.76
CA TRP B 142 31.95 -8.33 -6.61
C TRP B 142 31.35 -9.65 -7.08
N ASN B 143 31.74 -10.73 -6.41
CA ASN B 143 31.12 -12.04 -6.59
C ASN B 143 30.23 -12.33 -5.38
N TYR B 144 29.00 -12.73 -5.63
CA TYR B 144 28.10 -13.07 -4.53
C TYR B 144 28.62 -14.29 -3.78
N TYR B 145 28.72 -15.43 -4.47
CA TYR B 145 29.31 -16.63 -3.89
C TYR B 145 30.81 -16.61 -4.15
N LEU B 146 31.59 -16.82 -3.10
CA LEU B 146 33.04 -16.67 -3.16
C LEU B 146 33.76 -17.95 -3.57
N SER B 147 33.03 -19.01 -3.91
CA SER B 147 33.66 -20.25 -4.36
C SER B 147 32.67 -21.00 -5.23
N CYS B 148 33.20 -21.96 -6.00
CA CYS B 148 32.39 -22.77 -6.89
C CYS B 148 33.05 -24.15 -6.99
N LYS B 149 32.64 -24.94 -7.98
CA LYS B 149 33.19 -26.26 -8.21
C LYS B 149 33.59 -26.40 -9.67
N LEU B 150 34.55 -27.30 -9.93
CA LEU B 150 35.03 -27.55 -11.28
C LEU B 150 33.92 -28.10 -12.16
N GLY B 151 33.49 -27.31 -13.13
CA GLY B 151 32.45 -27.73 -14.07
C GLY B 151 31.03 -27.44 -13.66
N GLU B 152 30.69 -27.74 -12.41
CA GLU B 152 29.33 -27.54 -11.90
C GLU B 152 29.25 -26.19 -11.20
N THR B 153 28.21 -25.42 -11.53
CA THR B 153 28.00 -24.09 -10.99
C THR B 153 26.77 -24.06 -10.08
N LYS B 154 26.73 -23.04 -9.22
CA LYS B 154 25.64 -22.85 -8.26
C LYS B 154 25.46 -24.09 -7.38
N SER B 155 26.58 -24.70 -6.98
CA SER B 155 26.57 -25.86 -6.10
C SER B 155 27.09 -25.55 -4.71
N HIS B 156 27.22 -24.26 -4.36
CA HIS B 156 27.73 -23.86 -3.06
C HIS B 156 26.93 -22.71 -2.47
N ALA B 157 25.62 -22.67 -2.77
CA ALA B 157 24.77 -21.62 -2.19
C ALA B 157 24.66 -21.77 -0.68
N ILE B 158 24.54 -23.00 -0.18
CA ILE B 158 24.40 -23.23 1.24
C ILE B 158 25.67 -22.83 1.98
N TYR B 159 26.83 -23.07 1.37
CA TYR B 159 28.10 -22.75 2.02
C TYR B 159 28.32 -21.26 2.14
N TRP B 160 27.68 -20.44 1.30
CA TRP B 160 28.00 -19.02 1.21
C TRP B 160 26.79 -18.10 1.42
N ASP B 161 25.63 -18.63 1.79
CA ASP B 161 24.42 -17.81 1.87
C ASP B 161 24.60 -16.62 2.81
N LYS B 162 24.80 -16.89 4.10
CA LYS B 162 24.86 -15.82 5.09
C LYS B 162 26.11 -14.96 4.90
N ILE B 163 27.23 -15.57 4.53
CA ILE B 163 28.46 -14.82 4.30
C ILE B 163 28.26 -13.80 3.18
N SER B 164 27.67 -14.24 2.07
CA SER B 164 27.40 -13.34 0.96
C SER B 164 26.41 -12.26 1.35
N LYS B 165 25.37 -12.63 2.11
CA LYS B 165 24.39 -11.63 2.54
C LYS B 165 25.06 -10.52 3.34
N LEU B 166 25.85 -10.89 4.35
CA LEU B 166 26.53 -9.89 5.17
C LEU B 166 27.52 -9.06 4.35
N LEU B 167 28.30 -9.72 3.49
CA LEU B 167 29.30 -9.01 2.71
C LEU B 167 28.65 -8.01 1.77
N LEU B 168 27.56 -8.40 1.10
CA LEU B 168 26.89 -7.49 0.20
C LEU B 168 26.18 -6.37 0.94
N GLN B 169 25.65 -6.65 2.14
CA GLN B 169 25.08 -5.57 2.94
C GLN B 169 26.14 -4.53 3.28
N HIS B 170 27.31 -4.98 3.72
CA HIS B 170 28.38 -4.04 4.03
C HIS B 170 28.84 -3.29 2.79
N ILE B 171 28.92 -3.98 1.65
CA ILE B 171 29.34 -3.32 0.41
C ILE B 171 28.35 -2.23 0.03
N THR B 172 27.06 -2.56 -0.01
CA THR B 172 26.05 -1.61 -0.44
C THR B 172 25.74 -0.56 0.61
N LYS B 173 26.26 -0.70 1.83
CA LYS B 173 26.04 0.33 2.84
C LYS B 173 26.68 1.66 2.42
N HIS B 174 27.82 1.60 1.73
CA HIS B 174 28.56 2.79 1.33
C HIS B 174 28.79 2.84 -0.17
N VAL B 175 27.77 2.50 -0.95
CA VAL B 175 27.81 2.59 -2.41
C VAL B 175 26.51 3.20 -2.89
N SER B 176 26.61 4.17 -3.81
CA SER B 176 25.43 4.88 -4.30
C SER B 176 24.49 3.95 -5.07
N VAL B 177 25.04 3.21 -6.03
CA VAL B 177 24.24 2.35 -6.90
C VAL B 177 24.91 1.00 -7.03
N LEU B 178 24.11 -0.07 -6.97
CA LEU B 178 24.59 -1.44 -7.10
C LEU B 178 24.11 -2.02 -8.42
N TYR B 179 25.03 -2.65 -9.16
CA TYR B 179 24.73 -3.27 -10.44
C TYR B 179 24.81 -4.79 -10.30
N CYS B 180 23.77 -5.48 -10.75
CA CYS B 180 23.71 -6.93 -10.66
C CYS B 180 23.35 -7.50 -12.03
N LEU B 181 23.74 -8.75 -12.25
CA LEU B 181 23.46 -9.47 -13.49
C LEU B 181 22.50 -10.60 -13.20
N GLY B 182 21.36 -10.61 -13.89
CA GLY B 182 20.37 -11.65 -13.71
C GLY B 182 19.03 -11.12 -13.21
N LYS B 183 17.94 -11.70 -13.69
CA LYS B 183 16.60 -11.30 -13.27
C LYS B 183 16.02 -12.25 -12.24
N THR B 184 15.92 -13.54 -12.56
CA THR B 184 15.48 -14.52 -11.58
C THR B 184 16.58 -14.87 -10.58
N ASP B 185 17.84 -14.83 -11.03
CA ASP B 185 18.95 -15.14 -10.13
C ASP B 185 19.05 -14.11 -9.02
N PHE B 186 18.97 -12.82 -9.36
CA PHE B 186 18.89 -11.75 -8.37
C PHE B 186 17.44 -11.28 -8.29
N SER B 187 16.64 -12.04 -7.56
CA SER B 187 15.22 -11.74 -7.40
C SER B 187 14.81 -11.42 -5.98
N ASN B 188 15.48 -11.99 -4.98
CA ASN B 188 15.20 -11.73 -3.58
C ASN B 188 16.17 -10.72 -2.97
N ILE B 189 16.90 -9.99 -3.81
CA ILE B 189 17.90 -9.06 -3.30
C ILE B 189 17.25 -7.90 -2.55
N ARG B 190 16.02 -7.55 -2.90
CA ARG B 190 15.32 -6.47 -2.22
C ARG B 190 15.00 -6.80 -0.77
N ALA B 191 15.08 -8.09 -0.38
CA ALA B 191 14.86 -8.50 0.99
C ALA B 191 16.12 -8.99 1.68
N LYS B 192 17.16 -9.33 0.93
CA LYS B 192 18.41 -9.78 1.54
C LYS B 192 19.06 -8.67 2.36
N LEU B 193 19.05 -7.44 1.84
CA LEU B 193 19.62 -6.29 2.51
C LEU B 193 18.51 -5.33 2.89
N GLU B 194 18.59 -4.80 4.12
CA GLU B 194 17.50 -4.00 4.69
C GLU B 194 17.56 -2.54 4.29
N SER B 195 18.73 -1.92 4.36
CA SER B 195 18.84 -0.50 4.07
C SER B 195 18.57 -0.24 2.58
N PRO B 196 17.64 0.64 2.24
CA PRO B 196 17.35 0.91 0.83
C PRO B 196 18.55 1.45 0.10
N VAL B 197 18.68 1.06 -1.18
CA VAL B 197 19.79 1.48 -2.01
C VAL B 197 19.37 1.32 -3.46
N THR B 198 19.94 2.14 -4.33
CA THR B 198 19.64 2.07 -5.76
C THR B 198 20.27 0.81 -6.34
N THR B 199 19.42 -0.16 -6.68
CA THR B 199 19.87 -1.46 -7.16
C THR B 199 19.49 -1.63 -8.63
N ILE B 200 20.44 -2.05 -9.44
CA ILE B 200 20.24 -2.30 -10.86
C ILE B 200 20.52 -3.78 -11.13
N VAL B 201 19.57 -4.45 -11.77
CA VAL B 201 19.69 -5.86 -12.09
C VAL B 201 19.78 -6.01 -13.61
N GLY B 202 20.73 -6.82 -14.07
CA GLY B 202 20.94 -7.04 -15.49
C GLY B 202 20.14 -8.22 -16.01
N TYR B 203 20.38 -8.52 -17.29
CA TYR B 203 19.69 -9.63 -17.98
C TYR B 203 20.64 -10.19 -19.02
N HIS B 204 21.39 -11.23 -18.64
CA HIS B 204 22.25 -11.90 -19.60
C HIS B 204 21.40 -12.70 -20.59
N PRO B 205 21.89 -12.89 -21.82
CA PRO B 205 21.05 -13.50 -22.86
C PRO B 205 20.55 -14.91 -22.52
N ALA B 206 21.48 -15.83 -22.28
CA ALA B 206 21.15 -17.24 -22.08
C ALA B 206 20.32 -17.76 -23.25
N ALA B 207 19.01 -17.83 -23.07
CA ALA B 207 18.09 -18.19 -24.13
C ALA B 207 17.49 -16.98 -24.84
N ARG B 208 17.95 -15.77 -24.51
CA ARG B 208 17.38 -14.55 -25.07
C ARG B 208 17.96 -14.19 -26.44
N ASP B 209 18.92 -14.97 -26.95
CA ASP B 209 19.53 -14.71 -28.25
C ASP B 209 20.23 -13.34 -28.28
N HIS B 210 21.25 -13.20 -27.44
CA HIS B 210 22.07 -12.00 -27.36
C HIS B 210 21.24 -10.79 -26.92
N GLN B 211 20.46 -10.98 -25.86
CA GLN B 211 19.59 -9.92 -25.35
C GLN B 211 20.34 -8.88 -24.54
N PHE B 212 21.55 -9.21 -24.04
CA PHE B 212 22.29 -8.27 -23.22
C PHE B 212 22.69 -7.02 -24.01
N GLU B 213 22.78 -7.14 -25.33
CA GLU B 213 23.05 -5.95 -26.15
C GLU B 213 21.94 -4.92 -26.02
N LYS B 214 20.71 -5.38 -25.78
CA LYS B 214 19.60 -4.46 -25.53
C LYS B 214 19.66 -3.87 -24.12
N ASP B 215 20.41 -4.48 -23.22
CA ASP B 215 20.52 -4.01 -21.84
C ASP B 215 21.56 -2.89 -21.78
N ARG B 216 21.13 -1.70 -22.20
CA ARG B 216 21.98 -0.51 -22.18
C ARG B 216 21.92 0.13 -20.79
N SER B 217 22.54 -0.54 -19.82
CA SER B 217 22.46 -0.13 -18.44
C SER B 217 23.63 0.74 -18.00
N PHE B 218 24.72 0.79 -18.77
CA PHE B 218 25.86 1.62 -18.40
C PHE B 218 25.49 3.10 -18.43
N GLU B 219 24.77 3.52 -19.46
CA GLU B 219 24.27 4.89 -19.50
C GLU B 219 23.29 5.13 -18.36
N ILE B 220 22.52 4.11 -17.97
CA ILE B 220 21.56 4.27 -16.88
C ILE B 220 22.27 4.55 -15.57
N ILE B 221 23.32 3.79 -15.26
CA ILE B 221 24.04 4.02 -14.01
C ILE B 221 24.82 5.32 -14.07
N ASN B 222 25.34 5.68 -15.25
CA ASN B 222 26.01 6.97 -15.38
C ASN B 222 25.06 8.13 -15.11
N VAL B 223 23.85 8.09 -15.67
CA VAL B 223 22.91 9.18 -15.46
C VAL B 223 22.34 9.14 -14.03
N LEU B 224 22.30 7.95 -13.41
CA LEU B 224 21.91 7.87 -12.01
C LEU B 224 22.96 8.53 -11.11
N LEU B 225 24.25 8.32 -11.41
CA LEU B 225 25.30 9.04 -10.70
C LEU B 225 25.21 10.53 -10.97
N GLU B 226 24.84 10.91 -12.19
CA GLU B 226 24.63 12.32 -12.50
C GLU B 226 23.54 12.93 -11.63
N LEU B 227 22.42 12.21 -11.47
CA LEU B 227 21.32 12.72 -10.67
C LEU B 227 21.71 12.85 -9.20
N ASP B 228 22.66 12.04 -8.73
CA ASP B 228 23.14 12.08 -7.36
C ASP B 228 24.37 12.97 -7.20
N ASN B 229 24.55 13.93 -8.10
CA ASN B 229 25.71 14.85 -8.12
C ASN B 229 27.01 14.12 -7.80
N LYS B 230 27.28 13.08 -8.59
CA LYS B 230 28.47 12.26 -8.43
C LYS B 230 29.30 12.30 -9.71
N THR B 231 30.61 12.11 -9.54
CA THR B 231 31.51 12.12 -10.68
C THR B 231 31.21 10.95 -11.61
N PRO B 232 31.12 11.18 -12.91
CA PRO B 232 30.84 10.09 -13.84
C PRO B 232 31.95 9.05 -13.84
N ILE B 233 31.57 7.80 -14.10
CA ILE B 233 32.51 6.70 -14.21
C ILE B 233 32.86 6.52 -15.68
N ASN B 234 34.14 6.60 -16.01
CA ASN B 234 34.61 6.46 -17.38
C ASN B 234 35.09 5.04 -17.63
N TRP B 235 34.60 4.43 -18.69
CA TRP B 235 34.97 3.06 -19.04
C TRP B 235 36.18 3.03 -19.98
N ALA B 236 37.24 3.72 -19.58
CA ALA B 236 38.47 3.71 -20.37
C ALA B 236 39.74 3.60 -19.53
N GLN B 237 39.66 3.58 -18.21
CA GLN B 237 40.86 3.48 -17.39
C GLN B 237 41.41 2.05 -17.37
N GLY B 238 40.54 1.05 -17.35
CA GLY B 238 40.97 -0.32 -17.26
C GLY B 238 41.25 -0.99 -18.59
N PHE B 239 42.37 -0.62 -19.22
CA PHE B 239 42.77 -1.22 -20.48
C PHE B 239 44.26 -1.50 -20.46
N ILE B 240 44.66 -2.55 -21.20
CA ILE B 240 46.06 -2.91 -21.39
C ILE B 240 46.35 -2.89 -22.89
N TYR B 241 47.43 -2.21 -23.27
CA TYR B 241 47.85 -2.15 -24.66
C TYR B 241 49.28 -2.66 -24.80
N THR C 2 16.74 -0.82 -17.87
CA THR C 2 16.98 -1.84 -18.87
C THR C 2 16.57 -1.37 -20.26
N SER C 3 15.37 -0.81 -20.37
CA SER C 3 14.86 -0.32 -21.64
C SER C 3 15.36 1.11 -21.88
N SER C 4 14.79 1.79 -22.87
CA SER C 4 15.13 3.18 -23.15
C SER C 4 14.11 4.17 -22.60
N ALA C 5 12.88 3.73 -22.35
CA ALA C 5 11.86 4.63 -21.82
C ALA C 5 12.25 5.15 -20.44
N ASP C 6 12.73 4.26 -19.57
CA ASP C 6 13.16 4.69 -18.24
C ASP C 6 14.38 5.59 -18.32
N LEU C 7 15.29 5.31 -19.25
CA LEU C 7 16.46 6.16 -19.42
C LEU C 7 16.05 7.58 -19.84
N THR C 8 15.12 7.68 -20.80
CA THR C 8 14.64 8.98 -21.22
C THR C 8 13.90 9.70 -20.10
N ASN C 9 13.10 8.95 -19.33
CA ASN C 9 12.39 9.55 -18.20
C ASN C 9 13.35 10.10 -17.17
N LEU C 10 14.40 9.36 -16.84
CA LEU C 10 15.37 9.84 -15.86
C LEU C 10 16.15 11.02 -16.41
N LYS C 11 16.48 10.99 -17.71
CA LYS C 11 17.18 12.13 -18.32
C LYS C 11 16.35 13.39 -18.25
N GLU C 12 15.05 13.30 -18.58
CA GLU C 12 14.20 14.47 -18.51
C GLU C 12 13.95 14.91 -17.08
N LEU C 13 13.90 13.96 -16.14
CA LEU C 13 13.78 14.32 -14.73
C LEU C 13 14.99 15.12 -14.27
N LEU C 14 16.19 14.68 -14.65
CA LEU C 14 17.39 15.44 -14.31
C LEU C 14 17.38 16.81 -14.98
N SER C 15 16.95 16.86 -16.25
CA SER C 15 16.93 18.13 -16.98
C SER C 15 16.01 19.14 -16.32
N LEU C 16 14.83 18.70 -15.90
CA LEU C 16 13.93 19.62 -15.19
C LEU C 16 14.35 19.86 -13.75
N TYR C 17 15.17 18.97 -13.18
CA TYR C 17 15.74 19.23 -11.86
C TYR C 17 16.79 20.33 -11.92
N LYS C 18 17.53 20.42 -13.03
CA LYS C 18 18.49 21.51 -13.17
C LYS C 18 17.79 22.87 -13.15
N SER C 19 16.64 22.98 -13.81
CA SER C 19 15.87 24.21 -13.86
C SER C 19 14.69 24.07 -12.91
N LEU C 20 14.92 24.40 -11.63
CA LEU C 20 13.90 24.32 -10.60
C LEU C 20 13.52 25.66 -9.98
N ARG C 21 14.46 26.61 -9.93
CA ARG C 21 14.15 27.92 -9.34
C ARG C 21 13.06 28.63 -10.13
N PHE C 22 13.14 28.58 -11.45
CA PHE C 22 12.14 29.19 -12.34
C PHE C 22 11.25 28.07 -12.88
N SER C 23 10.14 27.83 -12.18
CA SER C 23 9.21 26.76 -12.54
C SER C 23 7.85 27.10 -11.95
N ASP C 24 6.84 26.35 -12.38
CA ASP C 24 5.47 26.54 -11.95
C ASP C 24 4.93 25.25 -11.35
N SER C 25 3.62 25.24 -11.07
CA SER C 25 3.00 24.08 -10.41
C SER C 25 3.05 22.83 -11.30
N VAL C 26 2.89 23.01 -12.61
CA VAL C 26 2.91 21.85 -13.51
C VAL C 26 4.29 21.19 -13.49
N ALA C 27 5.34 22.01 -13.56
CA ALA C 27 6.70 21.45 -13.48
C ALA C 27 6.93 20.78 -12.14
N ILE C 28 6.43 21.37 -11.06
CA ILE C 28 6.62 20.79 -9.74
C ILE C 28 5.93 19.43 -9.62
N GLU C 29 4.70 19.32 -10.12
CA GLU C 29 3.99 18.05 -10.02
C GLU C 29 4.61 17.00 -10.94
N LYS C 30 5.10 17.41 -12.12
CA LYS C 30 5.81 16.48 -12.98
C LYS C 30 7.09 15.98 -12.30
N TYR C 31 7.81 16.89 -11.63
CA TYR C 31 9.00 16.49 -10.90
C TYR C 31 8.67 15.53 -9.78
N ASN C 32 7.58 15.79 -9.05
CA ASN C 32 7.18 14.88 -7.97
C ASN C 32 6.81 13.51 -8.50
N SER C 33 6.08 13.45 -9.62
CA SER C 33 5.72 12.18 -10.21
C SER C 33 6.95 11.41 -10.67
N LEU C 34 7.91 12.10 -11.31
CA LEU C 34 9.13 11.44 -11.75
C LEU C 34 9.94 10.94 -10.57
N VAL C 35 9.99 11.74 -9.49
CA VAL C 35 10.73 11.33 -8.30
C VAL C 35 10.11 10.08 -7.68
N GLU C 36 8.78 10.06 -7.58
CA GLU C 36 8.09 8.88 -7.04
C GLU C 36 8.35 7.65 -7.91
N TRP C 37 8.25 7.81 -9.23
CA TRP C 37 8.48 6.68 -10.12
C TRP C 37 9.92 6.16 -9.99
N GLY C 38 10.89 7.07 -9.92
CA GLY C 38 12.27 6.64 -9.78
C GLY C 38 12.54 5.94 -8.47
N THR C 39 12.05 6.51 -7.37
CA THR C 39 12.27 5.90 -6.05
C THR C 39 11.47 4.62 -5.88
N SER C 40 10.45 4.38 -6.71
CA SER C 40 9.76 3.11 -6.66
C SER C 40 10.48 2.06 -7.52
N THR C 41 10.91 2.43 -8.73
CA THR C 41 11.53 1.46 -9.63
C THR C 41 12.92 1.07 -9.14
N TYR C 42 13.74 2.06 -8.78
CA TYR C 42 15.12 1.80 -8.39
C TYR C 42 15.33 1.73 -6.89
N TRP C 43 14.26 1.85 -6.10
CA TRP C 43 14.23 1.67 -4.66
C TRP C 43 14.98 2.78 -3.90
N LYS C 44 15.63 3.71 -4.60
CA LYS C 44 16.33 4.81 -3.94
C LYS C 44 16.68 5.89 -4.95
N ILE C 45 16.43 7.15 -4.58
CA ILE C 45 16.73 8.30 -5.41
C ILE C 45 17.34 9.38 -4.54
N GLY C 46 18.41 10.02 -5.04
CA GLY C 46 19.13 11.01 -4.26
C GLY C 46 18.36 12.29 -3.99
N VAL C 47 17.32 12.57 -4.79
CA VAL C 47 16.53 13.77 -4.61
C VAL C 47 15.16 13.40 -4.05
N GLN C 48 14.53 14.36 -3.40
CA GLN C 48 13.23 14.17 -2.76
C GLN C 48 12.20 15.11 -3.38
N LYS C 49 10.97 15.04 -2.87
CA LYS C 49 9.90 15.88 -3.35
C LYS C 49 9.93 17.24 -2.66
N VAL C 50 9.77 18.30 -3.44
CA VAL C 50 9.78 19.66 -2.94
C VAL C 50 8.41 20.28 -3.19
N THR C 51 7.91 21.02 -2.19
CA THR C 51 6.61 21.65 -2.27
C THR C 51 6.63 23.14 -1.94
N ASN C 52 7.78 23.69 -1.55
CA ASN C 52 7.86 25.12 -1.24
C ASN C 52 7.60 25.96 -2.48
N VAL C 53 8.20 25.58 -3.61
CA VAL C 53 8.05 26.26 -4.89
C VAL C 53 8.45 27.73 -4.69
N GLU C 54 9.62 27.95 -4.11
CA GLU C 54 10.10 29.30 -3.85
C GLU C 54 10.83 29.83 -5.09
N THR C 55 10.45 31.03 -5.52
CA THR C 55 11.07 31.67 -6.68
C THR C 55 12.10 32.68 -6.20
N SER C 56 13.34 32.51 -6.64
CA SER C 56 14.44 33.39 -6.25
C SER C 56 15.33 33.61 -7.47
N ILE C 57 15.38 34.85 -7.94
CA ILE C 57 16.24 35.22 -9.06
C ILE C 57 17.38 36.13 -8.64
N SER C 58 17.37 36.65 -7.41
CA SER C 58 18.45 37.50 -6.94
C SER C 58 19.77 36.75 -6.85
N ASP C 59 19.73 35.41 -6.82
CA ASP C 59 20.98 34.64 -6.79
C ASP C 59 21.76 34.80 -8.08
N TYR C 60 21.09 35.13 -9.19
CA TYR C 60 21.75 35.34 -10.47
C TYR C 60 22.32 36.75 -10.62
N TYR C 61 22.09 37.62 -9.65
CA TYR C 61 22.59 38.99 -9.68
C TYR C 61 23.43 39.26 -8.43
N ASP C 62 24.32 40.23 -8.56
CA ASP C 62 25.18 40.64 -7.44
C ASP C 62 24.41 41.61 -6.56
N GLU C 63 25.10 42.19 -5.58
CA GLU C 63 24.47 43.19 -4.72
C GLU C 63 24.29 44.51 -5.46
N VAL C 64 23.29 45.27 -5.02
CA VAL C 64 23.00 46.55 -5.66
C VAL C 64 24.13 47.53 -5.39
N LYS C 65 24.55 48.24 -6.44
CA LYS C 65 25.64 49.20 -6.35
C LYS C 65 25.06 50.61 -6.41
N ASN C 66 25.28 51.39 -5.35
CA ASN C 66 24.83 52.77 -5.27
C ASN C 66 25.98 53.74 -5.05
N LYS C 67 27.22 53.30 -5.21
CA LYS C 67 28.40 54.11 -5.01
C LYS C 67 29.30 54.04 -6.23
N PRO C 68 30.11 55.08 -6.46
CA PRO C 68 31.01 55.04 -7.62
C PRO C 68 31.98 53.88 -7.55
N PHE C 69 32.27 53.30 -8.72
CA PHE C 69 33.14 52.13 -8.80
C PHE C 69 33.84 52.13 -10.15
N ASN C 70 34.92 51.36 -10.22
CA ASN C 70 35.70 51.21 -11.44
C ASN C 70 35.29 49.93 -12.16
N ILE C 71 35.03 50.04 -13.46
CA ILE C 71 34.61 48.89 -14.24
C ILE C 71 35.83 48.07 -14.66
N ASP C 72 35.59 46.76 -14.89
CA ASP C 72 36.63 45.82 -15.28
C ASP C 72 36.84 45.83 -16.79
N PRO C 73 38.05 45.54 -17.27
CA PRO C 73 38.27 45.51 -18.72
C PRO C 73 37.41 44.46 -19.41
N GLY C 74 36.96 44.79 -20.61
CA GLY C 74 36.14 43.90 -21.40
C GLY C 74 35.17 44.68 -22.26
N TYR C 75 34.22 43.95 -22.83
CA TYR C 75 33.19 44.52 -23.69
C TYR C 75 31.93 44.75 -22.86
N TYR C 76 31.30 45.90 -23.04
CA TYR C 76 30.15 46.30 -22.24
C TYR C 76 28.95 46.56 -23.14
N ILE C 77 27.80 46.02 -22.75
CA ILE C 77 26.54 46.26 -23.43
C ILE C 77 25.58 46.77 -22.35
N PHE C 78 25.50 48.09 -22.21
CA PHE C 78 24.71 48.70 -21.14
C PHE C 78 23.25 48.80 -21.56
N LEU C 79 22.35 48.34 -20.69
CA LEU C 79 20.93 48.43 -20.91
C LEU C 79 20.23 48.82 -19.61
N PRO C 80 19.11 49.53 -19.69
CA PRO C 80 18.38 49.91 -18.49
C PRO C 80 17.30 48.88 -18.12
N VAL C 81 16.68 49.10 -16.97
CA VAL C 81 15.65 48.23 -16.45
C VAL C 81 14.40 49.06 -16.18
N TYR C 82 13.26 48.61 -16.68
CA TYR C 82 12.01 49.33 -16.52
C TYR C 82 11.46 49.12 -15.12
N PHE C 83 11.02 50.20 -14.47
CA PHE C 83 10.51 50.12 -13.11
C PHE C 83 9.16 49.42 -13.09
N GLY C 84 9.00 48.49 -12.17
CA GLY C 84 7.75 47.76 -12.04
C GLY C 84 8.00 46.34 -11.61
N SER C 85 6.91 45.58 -11.50
CA SER C 85 6.99 44.19 -11.09
C SER C 85 7.51 43.33 -12.23
N VAL C 86 8.47 42.46 -11.93
CA VAL C 86 9.11 41.61 -12.92
C VAL C 86 8.39 40.28 -12.99
N PHE C 87 8.05 39.84 -14.20
CA PHE C 87 7.34 38.59 -14.44
C PHE C 87 8.29 37.64 -15.17
N ILE C 88 8.94 36.75 -14.43
CA ILE C 88 9.82 35.77 -15.05
C ILE C 88 8.99 34.65 -15.68
N TYR C 89 9.63 33.89 -16.56
CA TYR C 89 8.93 32.84 -17.29
C TYR C 89 9.91 31.84 -17.87
N SER C 90 9.87 30.60 -17.36
CA SER C 90 10.73 29.54 -17.87
C SER C 90 10.38 29.15 -19.31
N LYS C 91 9.22 28.52 -19.51
CA LYS C 91 8.84 27.99 -20.82
C LYS C 91 7.45 27.35 -20.82
N GLY C 92 6.76 27.43 -21.95
CA GLY C 92 5.60 26.58 -22.23
C GLY C 92 4.31 26.94 -21.53
N LYS C 93 4.26 28.04 -20.79
CA LYS C 93 3.09 28.42 -20.00
C LYS C 93 2.88 29.92 -20.15
N ASN C 94 2.13 30.50 -19.23
CA ASN C 94 2.05 31.95 -19.09
C ASN C 94 3.06 32.43 -18.05
N MET C 95 3.37 33.73 -18.12
CA MET C 95 4.38 34.29 -17.22
C MET C 95 3.93 34.22 -15.77
N VAL C 96 4.88 33.89 -14.91
CA VAL C 96 4.65 33.87 -13.47
C VAL C 96 5.25 35.13 -12.86
N GLU C 97 4.89 35.41 -11.61
CA GLU C 97 5.34 36.61 -10.91
C GLU C 97 6.54 36.27 -10.03
N LEU C 98 7.56 37.14 -10.07
CA LEU C 98 8.75 36.96 -9.24
C LEU C 98 8.39 37.15 -7.78
N GLY C 99 8.56 36.10 -6.97
CA GLY C 99 8.31 36.18 -5.56
C GLY C 99 6.90 35.85 -5.12
N SER C 100 6.02 35.44 -6.03
CA SER C 100 4.66 35.09 -5.67
C SER C 100 4.33 33.67 -6.11
N GLY C 101 4.91 33.24 -7.23
CA GLY C 101 4.67 31.92 -7.75
C GLY C 101 3.43 31.82 -8.63
N ASN C 102 2.37 32.53 -8.25
CA ASN C 102 1.15 32.50 -9.04
C ASN C 102 1.38 33.13 -10.41
N SER C 103 0.90 32.47 -11.45
CA SER C 103 1.07 32.97 -12.80
C SER C 103 0.00 34.02 -13.12
N PHE C 104 0.20 34.72 -14.23
CA PHE C 104 -0.67 35.80 -14.65
C PHE C 104 -1.17 35.54 -16.06
N GLN C 105 -2.48 35.70 -16.26
CA GLN C 105 -3.05 35.58 -17.60
C GLN C 105 -2.53 36.69 -18.50
N ILE C 106 -2.21 36.34 -19.74
CA ILE C 106 -1.53 37.27 -20.65
C ILE C 106 -2.27 37.32 -21.98
N PRO C 107 -2.17 38.42 -22.73
CA PRO C 107 -2.75 38.45 -24.07
C PRO C 107 -2.10 37.43 -24.99
N ASP C 108 -2.89 36.96 -25.96
CA ASP C 108 -2.41 35.91 -26.85
C ASP C 108 -1.25 36.38 -27.73
N GLU C 109 -1.19 37.67 -28.05
CA GLU C 109 -0.10 38.18 -28.88
C GLU C 109 1.24 38.03 -28.18
N ILE C 110 1.34 38.53 -26.95
CA ILE C 110 2.57 38.34 -26.19
C ILE C 110 2.73 36.89 -25.78
N ARG C 111 1.63 36.13 -25.70
CA ARG C 111 1.74 34.67 -25.54
C ARG C 111 2.41 34.04 -26.75
N SER C 112 2.03 34.48 -27.95
CA SER C 112 2.71 33.99 -29.16
C SER C 112 4.17 34.39 -29.16
N ALA C 113 4.48 35.61 -28.71
CA ALA C 113 5.86 36.04 -28.62
C ALA C 113 6.66 35.18 -27.65
N CYS C 114 6.13 34.96 -26.45
CA CYS C 114 6.80 34.16 -25.44
C CYS C 114 6.80 32.68 -25.80
N ASN C 115 6.06 32.26 -26.80
CA ASN C 115 6.22 30.91 -27.34
C ASN C 115 7.30 30.86 -28.42
N LYS C 116 7.34 31.87 -29.29
CA LYS C 116 8.24 31.81 -30.45
C LYS C 116 9.65 32.24 -30.08
N VAL C 117 9.81 33.51 -29.67
CA VAL C 117 11.15 34.06 -29.50
C VAL C 117 11.84 33.59 -28.24
N LEU C 118 11.09 33.05 -27.28
CA LEU C 118 11.65 32.55 -26.04
C LEU C 118 12.68 31.46 -26.31
N ASP C 119 13.87 31.62 -25.74
CA ASP C 119 14.88 30.56 -25.70
C ASP C 119 15.14 30.00 -27.10
N SER C 120 15.78 30.86 -27.92
CA SER C 120 15.95 30.59 -29.35
C SER C 120 16.21 29.12 -29.64
N ASP C 121 17.25 28.54 -29.04
CA ASP C 121 17.32 27.09 -28.93
C ASP C 121 17.32 26.63 -27.47
N ASN C 122 18.32 27.02 -26.68
CA ASN C 122 18.30 26.78 -25.25
C ASN C 122 18.99 27.88 -24.45
N GLY C 123 19.48 28.95 -25.09
CA GLY C 123 20.44 29.82 -24.43
C GLY C 123 19.90 30.55 -23.22
N ILE C 124 18.70 31.10 -23.33
CA ILE C 124 18.13 31.92 -22.26
C ILE C 124 17.37 31.03 -21.29
N ASP C 125 17.67 31.17 -20.01
CA ASP C 125 16.91 30.44 -18.99
C ASP C 125 15.49 30.98 -18.88
N PHE C 126 15.33 32.30 -18.87
CA PHE C 126 14.02 32.92 -18.77
C PHE C 126 14.12 34.38 -19.21
N LEU C 127 13.03 34.89 -19.76
CA LEU C 127 12.91 36.29 -20.11
C LEU C 127 12.22 37.04 -18.98
N ARG C 128 12.87 38.11 -18.50
CA ARG C 128 12.33 38.93 -17.42
C ARG C 128 11.42 39.98 -18.03
N PHE C 129 10.12 39.78 -17.89
CA PHE C 129 9.12 40.70 -18.41
C PHE C 129 8.58 41.57 -17.28
N VAL C 130 8.42 42.86 -17.55
CA VAL C 130 7.86 43.81 -16.59
C VAL C 130 6.62 44.43 -17.20
N LEU C 131 5.55 44.52 -16.41
CA LEU C 131 4.29 45.12 -16.82
C LEU C 131 4.14 46.47 -16.13
N LEU C 132 4.00 47.52 -16.92
CA LEU C 132 3.81 48.87 -16.41
C LEU C 132 2.78 49.59 -17.27
N ASN C 133 1.67 49.97 -16.64
CA ASN C 133 0.60 50.73 -17.30
C ASN C 133 0.13 50.03 -18.58
N ASN C 134 -0.22 48.74 -18.44
CA ASN C 134 -0.65 47.90 -19.55
C ASN C 134 0.42 47.82 -20.64
N ARG C 135 1.69 47.88 -20.24
CA ARG C 135 2.82 47.80 -21.16
C ARG C 135 3.71 46.64 -20.72
N TRP C 136 3.73 45.56 -21.50
CA TRP C 136 4.58 44.41 -21.23
C TRP C 136 5.87 44.59 -22.02
N ILE C 137 6.97 44.83 -21.31
CA ILE C 137 8.26 45.03 -21.98
C ILE C 137 9.33 44.24 -21.24
N MET C 138 10.32 43.78 -21.98
CA MET C 138 11.36 42.90 -21.46
C MET C 138 12.57 43.71 -20.98
N GLU C 139 13.46 43.02 -20.27
CA GLU C 139 14.67 43.61 -19.73
C GLU C 139 15.78 42.57 -19.82
N ASP C 140 16.87 42.80 -19.10
CA ASP C 140 18.01 41.87 -19.11
C ASP C 140 17.57 40.48 -18.70
N ALA C 141 18.06 39.48 -19.42
CA ALA C 141 17.73 38.09 -19.16
C ALA C 141 19.02 37.29 -18.99
N ILE C 142 18.92 36.19 -18.23
CA ILE C 142 20.07 35.34 -17.97
C ILE C 142 20.38 34.53 -19.22
N SER C 143 21.61 34.65 -19.71
CA SER C 143 22.06 33.93 -20.90
C SER C 143 23.32 33.16 -20.57
N LYS C 144 23.39 31.92 -21.06
CA LYS C 144 24.53 31.05 -20.82
C LYS C 144 25.24 30.64 -22.10
N TYR C 145 24.51 30.31 -23.16
CA TYR C 145 25.11 29.87 -24.41
C TYR C 145 25.29 31.02 -25.39
N GLN C 146 24.21 31.71 -25.73
CA GLN C 146 24.25 32.83 -26.64
C GLN C 146 24.32 34.15 -25.86
N SER C 147 24.57 35.24 -26.59
CA SER C 147 24.69 36.55 -25.99
C SER C 147 23.34 37.25 -25.92
N PRO C 148 23.14 38.12 -24.93
CA PRO C 148 21.88 38.86 -24.86
C PRO C 148 21.64 39.76 -26.07
N VAL C 149 22.70 40.21 -26.73
CA VAL C 149 22.53 41.02 -27.94
C VAL C 149 21.87 40.20 -29.03
N ASN C 150 22.20 38.92 -29.13
CA ASN C 150 21.55 38.05 -30.11
C ASN C 150 20.06 37.92 -29.81
N ILE C 151 19.70 37.77 -28.54
CA ILE C 151 18.29 37.67 -28.17
C ILE C 151 17.57 38.99 -28.48
N PHE C 152 18.24 40.11 -28.23
CA PHE C 152 17.66 41.41 -28.59
C PHE C 152 17.43 41.52 -30.08
N LYS C 153 18.38 41.04 -30.89
CA LYS C 153 18.22 41.08 -32.34
C LYS C 153 17.06 40.19 -32.80
N LEU C 154 16.94 39.00 -32.21
CA LEU C 154 15.81 38.13 -32.54
C LEU C 154 14.49 38.79 -32.19
N ALA C 155 14.40 39.39 -31.00
CA ALA C 155 13.17 40.05 -30.61
C ALA C 155 12.85 41.25 -31.50
N SER C 156 13.88 42.01 -31.90
CA SER C 156 13.67 43.14 -32.80
C SER C 156 13.17 42.67 -34.16
N GLU C 157 13.76 41.60 -34.70
CA GLU C 157 13.30 41.09 -35.98
C GLU C 157 11.93 40.42 -35.86
N TYR C 158 11.52 40.06 -34.65
CA TYR C 158 10.15 39.60 -34.41
C TYR C 158 9.21 40.73 -34.04
N GLY C 159 9.67 41.98 -34.03
CA GLY C 159 8.83 43.12 -33.76
C GLY C 159 8.64 43.46 -32.30
N LEU C 160 9.36 42.81 -31.39
CA LEU C 160 9.23 43.12 -29.97
C LEU C 160 9.85 44.48 -29.66
N ASN C 161 9.38 45.09 -28.58
CA ASN C 161 9.88 46.40 -28.14
C ASN C 161 11.23 46.22 -27.45
N ILE C 162 12.26 46.80 -28.05
CA ILE C 162 13.64 46.62 -27.59
C ILE C 162 14.08 47.81 -26.76
N PRO C 163 14.56 47.60 -25.53
CA PRO C 163 15.16 48.71 -24.78
C PRO C 163 16.44 49.19 -25.44
N ASN C 164 16.75 50.46 -25.21
CA ASN C 164 17.95 51.07 -25.79
C ASN C 164 19.19 50.41 -25.21
N TYR C 165 20.02 49.84 -26.08
CA TYR C 165 21.23 49.14 -25.67
C TYR C 165 22.45 49.87 -26.23
N LEU C 166 23.53 49.86 -25.46
CA LEU C 166 24.77 50.53 -25.82
C LEU C 166 25.86 49.50 -26.10
N GLU C 167 26.98 50.01 -26.64
CA GLU C 167 28.14 49.18 -26.93
C GLU C 167 29.38 49.94 -26.51
N ILE C 168 30.00 49.54 -25.40
CA ILE C 168 31.19 50.18 -24.86
C ILE C 168 32.33 49.16 -24.86
N GLU C 169 33.46 49.54 -25.45
CA GLU C 169 34.62 48.67 -25.51
C GLU C 169 35.86 49.25 -24.85
N ILE C 170 36.02 50.57 -24.85
CA ILE C 170 37.17 51.20 -24.21
C ILE C 170 37.05 51.03 -22.70
N GLU C 171 38.20 50.80 -22.04
CA GLU C 171 38.23 50.61 -20.60
C GLU C 171 38.89 51.78 -19.88
N GLU C 172 40.14 52.10 -20.22
CA GLU C 172 40.91 53.23 -19.69
C GLU C 172 40.74 53.41 -18.18
N ASP C 173 40.53 52.31 -17.46
CA ASP C 173 40.24 52.34 -16.03
C ASP C 173 39.12 53.32 -15.71
N THR C 174 37.99 53.13 -16.40
CA THR C 174 36.86 54.05 -16.26
C THR C 174 36.25 53.93 -14.87
N LEU C 175 35.93 55.08 -14.27
CA LEU C 175 35.22 55.15 -13.00
C LEU C 175 33.76 55.49 -13.29
N PHE C 176 32.86 54.60 -12.91
CA PHE C 176 31.43 54.81 -13.13
C PHE C 176 30.89 55.68 -12.00
N ASP C 177 30.44 56.88 -12.35
CA ASP C 177 29.95 57.85 -11.39
C ASP C 177 28.53 58.27 -11.78
N ASP C 178 27.96 59.18 -10.97
CA ASP C 178 26.61 59.65 -11.23
C ASP C 178 26.53 60.49 -12.49
N GLU C 179 27.59 61.25 -12.79
CA GLU C 179 27.60 62.04 -14.03
C GLU C 179 27.54 61.13 -15.25
N LEU C 180 28.32 60.05 -15.26
CA LEU C 180 28.29 59.12 -16.37
C LEU C 180 26.93 58.46 -16.49
N TYR C 181 26.34 58.09 -15.35
CA TYR C 181 25.01 57.48 -15.37
C TYR C 181 23.97 58.44 -15.96
N SER C 182 24.01 59.71 -15.55
CA SER C 182 23.07 60.69 -16.08
C SER C 182 23.28 60.91 -17.58
N ILE C 183 24.54 60.97 -18.01
CA ILE C 183 24.82 61.17 -19.43
C ILE C 183 24.31 59.98 -20.24
N MET C 184 24.54 58.76 -19.75
CA MET C 184 24.04 57.57 -20.43
C MET C 184 22.52 57.56 -20.49
N GLU C 185 21.85 57.93 -19.39
CA GLU C 185 20.40 57.94 -19.38
C GLU C 185 19.86 58.99 -20.35
N ARG C 186 20.51 60.15 -20.43
CA ARG C 186 20.11 61.17 -21.40
C ARG C 186 20.32 60.68 -22.82
N SER C 187 21.43 59.97 -23.07
CA SER C 187 21.69 59.43 -24.41
C SER C 187 20.63 58.40 -24.80
N PHE C 188 20.22 57.55 -23.86
CA PHE C 188 19.20 56.55 -24.13
C PHE C 188 17.81 57.14 -24.31
N ASP C 189 17.62 58.44 -24.04
CA ASP C 189 16.30 59.06 -24.04
C ASP C 189 15.41 58.32 -23.04
N ASP C 190 14.62 57.36 -23.53
CA ASP C 190 13.84 56.45 -22.68
C ASP C 190 12.88 57.24 -21.78
N THR C 191 11.90 57.86 -22.44
CA THR C 191 10.89 58.62 -21.71
C THR C 191 10.16 57.76 -20.69
N PHE C 192 10.11 56.46 -20.90
CA PHE C 192 9.57 55.56 -19.90
C PHE C 192 10.45 55.59 -18.64
N PRO C 193 9.84 55.46 -17.46
CA PRO C 193 10.63 55.56 -16.22
C PRO C 193 11.68 54.47 -16.12
N LYS C 194 12.81 54.82 -15.51
CA LYS C 194 13.93 53.90 -15.31
C LYS C 194 14.33 53.89 -13.84
N ILE C 195 14.71 52.70 -13.35
CA ILE C 195 15.10 52.55 -11.96
C ILE C 195 16.57 52.13 -11.81
N SER C 196 17.13 51.43 -12.77
CA SER C 196 18.51 50.95 -12.67
C SER C 196 18.99 50.55 -14.06
N ILE C 197 20.26 50.15 -14.14
CA ILE C 197 20.86 49.68 -15.39
C ILE C 197 21.65 48.41 -15.10
N SER C 198 21.94 47.67 -16.16
CA SER C 198 22.79 46.49 -16.10
C SER C 198 23.57 46.38 -17.39
N TYR C 199 24.76 45.80 -17.31
CA TYR C 199 25.63 45.65 -18.46
C TYR C 199 25.96 44.18 -18.69
N ILE C 200 26.28 43.84 -19.92
CA ILE C 200 26.58 42.48 -20.33
C ILE C 200 28.08 42.36 -20.59
N LYS C 201 28.72 41.43 -19.90
CA LYS C 201 30.15 41.18 -20.03
C LYS C 201 30.39 39.76 -20.49
N LEU C 202 31.31 39.61 -21.43
CA LEU C 202 31.65 38.28 -21.94
C LEU C 202 32.34 37.45 -20.86
N GLY C 203 32.05 36.15 -20.86
CA GLY C 203 32.67 35.25 -19.90
C GLY C 203 31.87 35.09 -18.62
N GLU C 204 31.71 36.17 -17.88
CA GLU C 204 30.99 36.12 -16.62
C GLU C 204 29.51 35.81 -16.84
N LEU C 205 28.96 34.95 -15.98
CA LEU C 205 27.55 34.55 -16.08
C LEU C 205 26.66 35.46 -15.24
N LYS C 206 27.05 35.73 -14.00
CA LYS C 206 26.24 36.59 -13.14
C LYS C 206 26.33 38.03 -13.62
N ARG C 207 25.18 38.69 -13.72
CA ARG C 207 25.11 40.07 -14.16
C ARG C 207 25.30 41.03 -12.99
N GLN C 208 25.66 42.26 -13.31
CA GLN C 208 25.89 43.31 -12.33
C GLN C 208 24.86 44.41 -12.53
N VAL C 209 24.22 44.82 -11.44
CA VAL C 209 23.18 45.84 -11.47
C VAL C 209 23.63 47.02 -10.62
N VAL C 210 23.63 48.22 -11.21
CA VAL C 210 24.04 49.44 -10.54
C VAL C 210 22.98 50.51 -10.76
N ASP C 211 22.65 51.23 -9.69
CA ASP C 211 21.66 52.31 -9.76
C ASP C 211 22.16 53.50 -8.97
N PHE C 212 21.98 54.70 -9.55
CA PHE C 212 22.38 55.95 -8.92
C PHE C 212 21.16 56.85 -8.81
N PHE C 213 20.93 57.39 -7.62
CA PHE C 213 19.78 58.24 -7.34
C PHE C 213 20.06 59.01 -6.05
N LYS C 214 19.03 59.73 -5.57
CA LYS C 214 19.14 60.47 -4.33
C LYS C 214 17.87 60.26 -3.51
N PHE C 215 18.00 60.48 -2.20
CA PHE C 215 16.84 60.31 -1.31
C PHE C 215 15.85 61.46 -1.48
N SER C 216 16.28 62.68 -1.16
CA SER C 216 15.49 63.90 -1.33
C SER C 216 14.12 63.76 -0.67
N PHE C 217 14.14 63.57 0.65
CA PHE C 217 12.93 63.50 1.46
C PHE C 217 12.32 64.89 1.56
N MET C 218 11.29 65.17 0.77
CA MET C 218 10.73 66.52 0.71
C MET C 218 9.30 66.61 1.26
N TYR C 219 8.34 65.92 0.65
CA TYR C 219 6.94 66.04 1.04
C TYR C 219 6.07 65.15 0.16
N ILE C 220 4.78 65.10 0.51
CA ILE C 220 3.73 64.55 -0.34
C ILE C 220 2.45 65.28 0.00
N GLU C 221 1.58 65.46 -1.01
CA GLU C 221 0.40 66.30 -0.85
C GLU C 221 -0.91 65.50 -0.86
N SER C 222 -1.19 64.76 -1.93
CA SER C 222 -2.46 64.06 -2.05
C SER C 222 -2.37 63.01 -3.14
N ILE C 223 -3.52 62.41 -3.49
CA ILE C 223 -3.59 61.36 -4.49
C ILE C 223 -4.67 61.71 -5.51
N LYS C 224 -4.61 61.03 -6.66
CA LYS C 224 -5.61 61.21 -7.71
C LYS C 224 -5.63 59.96 -8.56
N VAL C 225 -6.57 59.92 -9.50
CA VAL C 225 -6.80 58.77 -10.36
C VAL C 225 -6.56 59.17 -11.81
N ASP C 226 -5.93 58.28 -12.57
CA ASP C 226 -5.64 58.51 -13.98
C ASP C 226 -6.08 57.32 -14.81
N ARG C 227 -6.66 57.61 -15.98
CA ARG C 227 -7.14 56.57 -16.88
C ARG C 227 -6.03 56.10 -17.81
N ILE C 228 -6.06 54.81 -18.15
CA ILE C 228 -5.09 54.25 -19.09
C ILE C 228 -5.81 53.75 -20.33
N GLY C 229 -6.75 52.83 -20.16
CA GLY C 229 -7.46 52.25 -21.28
C GLY C 229 -8.92 51.95 -21.01
N ASP C 230 -9.38 50.79 -21.46
CA ASP C 230 -10.78 50.39 -21.30
C ASP C 230 -11.04 50.04 -19.84
N ASN C 231 -11.65 50.97 -19.11
CA ASN C 231 -12.00 50.79 -17.70
C ASN C 231 -10.77 50.41 -16.87
N ILE C 232 -9.65 51.08 -17.14
CA ILE C 232 -8.40 50.85 -16.42
C ILE C 232 -8.00 52.15 -15.75
N PHE C 233 -7.91 52.14 -14.42
CA PHE C 233 -7.57 53.31 -13.64
C PHE C 233 -6.38 53.00 -12.75
N ILE C 234 -5.53 54.01 -12.52
CA ILE C 234 -4.37 53.86 -11.67
C ILE C 234 -4.28 55.02 -10.70
N PRO C 235 -3.77 54.81 -9.48
CA PRO C 235 -3.57 55.92 -8.55
C PRO C 235 -2.19 56.55 -8.69
N SER C 236 -2.18 57.88 -8.69
CA SER C 236 -0.94 58.65 -8.79
C SER C 236 -0.93 59.70 -7.71
N VAL C 237 0.19 59.80 -6.98
CA VAL C 237 0.34 60.77 -5.92
C VAL C 237 0.84 62.08 -6.49
N ILE C 238 0.19 63.18 -6.11
CA ILE C 238 0.52 64.51 -6.59
C ILE C 238 1.01 65.35 -5.41
N THR C 239 2.07 66.11 -5.65
CA THR C 239 2.70 66.97 -4.66
C THR C 239 2.41 68.44 -4.97
N LYS C 240 2.99 69.32 -4.17
CA LYS C 240 2.74 70.75 -4.33
C LYS C 240 3.45 71.32 -5.55
N SER C 241 4.56 70.71 -5.98
CA SER C 241 5.28 71.21 -7.14
C SER C 241 4.44 71.09 -8.41
N GLY C 242 3.74 69.98 -8.57
CA GLY C 242 2.92 69.76 -9.75
C GLY C 242 3.20 68.46 -10.45
N LYS C 243 4.30 67.81 -10.08
CA LYS C 243 4.68 66.54 -10.67
C LYS C 243 4.12 65.38 -9.86
N LYS C 244 4.13 64.20 -10.46
CA LYS C 244 3.61 62.99 -9.85
C LYS C 244 4.74 61.99 -9.62
N ILE C 245 4.66 61.25 -8.52
CA ILE C 245 5.65 60.24 -8.17
C ILE C 245 5.14 58.88 -8.65
N LEU C 246 6.04 58.10 -9.23
CA LEU C 246 5.65 56.83 -9.84
C LEU C 246 5.05 55.88 -8.82
N VAL C 247 3.98 55.19 -9.23
CA VAL C 247 3.34 54.16 -8.43
C VAL C 247 3.29 52.89 -9.28
N LYS C 248 3.94 51.83 -8.80
CA LYS C 248 3.98 50.59 -9.58
C LYS C 248 2.63 49.91 -9.61
N ASP C 249 1.91 49.89 -8.49
CA ASP C 249 0.64 49.19 -8.39
C ASP C 249 -0.10 49.66 -7.15
N VAL C 250 -1.32 49.16 -6.97
CA VAL C 250 -2.09 49.48 -5.77
C VAL C 250 -1.42 48.90 -4.53
N ASP C 251 -0.65 47.81 -4.69
CA ASP C 251 0.05 47.23 -3.55
C ASP C 251 1.08 48.20 -2.98
N HIS C 252 1.76 48.96 -3.85
CA HIS C 252 2.70 49.96 -3.37
C HIS C 252 2.00 51.02 -2.54
N LEU C 253 0.85 51.50 -2.99
CA LEU C 253 0.10 52.50 -2.24
C LEU C 253 -0.38 51.93 -0.91
N ILE C 254 -0.83 50.67 -0.91
CA ILE C 254 -1.28 50.04 0.33
C ILE C 254 -0.13 49.93 1.32
N ARG C 255 1.04 49.50 0.85
CA ARG C 255 2.20 49.39 1.73
C ARG C 255 2.62 50.74 2.27
N SER C 256 2.66 51.77 1.41
CA SER C 256 3.05 53.10 1.85
C SER C 256 1.97 53.77 2.68
N LYS C 257 0.73 53.29 2.60
CA LYS C 257 -0.42 53.78 3.37
C LYS C 257 -0.44 55.30 3.47
N VAL C 258 -0.24 55.95 2.33
CA VAL C 258 -0.33 57.41 2.27
C VAL C 258 -1.78 57.83 2.40
N ARG C 259 -2.07 58.69 3.38
CA ARG C 259 -3.43 59.12 3.68
C ARG C 259 -3.65 60.60 3.42
N GLU C 260 -2.84 61.47 4.01
CA GLU C 260 -2.99 62.91 3.84
C GLU C 260 -1.66 63.54 3.50
N HIS C 261 -1.61 64.88 3.47
CA HIS C 261 -0.36 65.59 3.17
C HIS C 261 0.60 65.46 4.35
N THR C 262 1.47 64.45 4.30
CA THR C 262 2.42 64.20 5.37
C THR C 262 3.84 64.10 4.81
N PHE C 263 4.78 63.67 5.64
CA PHE C 263 6.17 63.52 5.23
C PHE C 263 6.46 62.03 5.02
N VAL C 264 6.66 61.64 3.76
CA VAL C 264 6.95 60.26 3.40
C VAL C 264 8.23 60.24 2.56
N LYS C 265 8.87 59.08 2.54
CA LYS C 265 10.14 58.91 1.83
C LYS C 265 9.88 58.56 0.37
N VAL C 266 10.28 59.44 -0.53
CA VAL C 266 10.24 59.19 -1.97
C VAL C 266 11.61 59.53 -2.55
N LYS C 267 12.20 58.57 -3.25
CA LYS C 267 13.51 58.77 -3.85
C LYS C 267 13.38 59.54 -5.16
N LYS C 268 14.33 60.43 -5.40
CA LYS C 268 14.36 61.23 -6.62
C LYS C 268 15.52 60.81 -7.50
N LYS C 269 15.27 60.77 -8.81
CA LYS C 269 16.26 60.46 -9.81
C LYS C 269 16.43 61.68 -10.74
N ASN C 270 17.20 61.50 -11.81
CA ASN C 270 17.41 62.59 -12.74
C ASN C 270 16.12 62.96 -13.48
N THR C 271 15.20 62.01 -13.64
CA THR C 271 13.97 62.26 -14.40
C THR C 271 12.73 62.19 -13.53
N PHE C 272 12.51 61.07 -12.82
CA PHE C 272 11.27 60.84 -12.10
C PHE C 272 11.55 60.56 -10.62
N SER C 273 10.50 60.22 -9.89
CA SER C 273 10.59 59.90 -8.47
C SER C 273 9.81 58.62 -8.20
N ILE C 274 10.29 57.86 -7.22
CA ILE C 274 9.72 56.55 -6.89
C ILE C 274 9.44 56.51 -5.39
N LEU C 275 8.24 56.04 -5.03
CA LEU C 275 7.88 55.91 -3.62
C LEU C 275 8.74 54.86 -2.94
N TYR C 276 8.77 54.93 -1.61
CA TYR C 276 9.54 53.97 -0.83
C TYR C 276 8.93 52.57 -0.95
N ASP C 277 9.81 51.58 -1.03
CA ASP C 277 9.39 50.18 -1.22
C ASP C 277 9.36 49.40 0.08
N TYR C 278 9.47 50.07 1.22
CA TYR C 278 9.48 49.41 2.51
C TYR C 278 8.55 50.15 3.47
N ASP C 279 8.02 49.42 4.43
CA ASP C 279 7.13 49.99 5.45
C ASP C 279 7.15 49.15 6.72
N THR C 285 -6.11 51.13 10.42
CA THR C 285 -4.87 50.93 9.69
C THR C 285 -4.79 49.51 9.14
N ARG C 286 -3.67 49.19 8.50
CA ARG C 286 -3.41 47.87 7.93
C ARG C 286 -4.49 47.49 6.91
N GLY C 287 -5.50 46.76 7.36
CA GLY C 287 -6.55 46.31 6.45
C GLY C 287 -7.55 47.38 6.05
N GLU C 288 -7.54 48.54 6.70
CA GLU C 288 -8.48 49.61 6.41
C GLU C 288 -7.92 50.66 5.45
N VAL C 289 -6.70 50.48 4.96
CA VAL C 289 -6.13 51.45 4.03
C VAL C 289 -6.93 51.47 2.73
N ILE C 290 -7.33 50.29 2.25
CA ILE C 290 -8.13 50.23 1.02
C ILE C 290 -9.50 50.85 1.24
N LYS C 291 -10.09 50.66 2.42
CA LYS C 291 -11.37 51.29 2.72
C LYS C 291 -11.25 52.80 2.73
N ARG C 292 -10.20 53.33 3.37
CA ARG C 292 -9.99 54.78 3.38
C ARG C 292 -9.74 55.31 1.97
N ILE C 293 -8.99 54.56 1.16
CA ILE C 293 -8.71 54.98 -0.21
C ILE C 293 -9.98 55.02 -1.03
N ILE C 294 -10.83 54.01 -0.91
CA ILE C 294 -12.08 53.98 -1.67
C ILE C 294 -13.03 55.06 -1.18
N ASP C 295 -12.98 55.39 0.11
CA ASP C 295 -13.80 56.49 0.62
C ASP C 295 -13.33 57.83 0.06
N THR C 296 -12.01 58.02 -0.06
CA THR C 296 -11.48 59.29 -0.55
C THR C 296 -11.63 59.44 -2.05
N ILE C 297 -11.53 58.34 -2.80
CA ILE C 297 -11.53 58.42 -4.26
C ILE C 297 -12.92 58.29 -4.87
N GLY C 298 -13.88 57.72 -4.16
CA GLY C 298 -15.23 57.58 -4.67
C GLY C 298 -15.81 56.19 -4.45
N ARG C 299 -17.12 56.17 -4.19
CA ARG C 299 -17.79 54.89 -3.95
C ARG C 299 -17.87 54.04 -5.20
N ASP C 300 -18.02 54.67 -6.37
CA ASP C 300 -18.17 53.95 -7.63
C ASP C 300 -16.83 53.50 -8.18
N TYR C 301 -16.03 52.81 -7.37
CA TYR C 301 -14.73 52.30 -7.78
C TYR C 301 -14.45 51.00 -7.06
N TYR C 302 -13.56 50.19 -7.63
CA TYR C 302 -13.13 48.97 -6.97
C TYR C 302 -11.78 48.55 -7.53
N VAL C 303 -10.90 48.09 -6.64
CA VAL C 303 -9.57 47.63 -7.03
C VAL C 303 -9.66 46.17 -7.47
N ASN C 304 -9.08 45.88 -8.64
CA ASN C 304 -9.06 44.52 -9.17
C ASN C 304 -7.66 44.22 -9.69
N GLY C 305 -7.13 43.08 -9.29
CA GLY C 305 -5.81 42.67 -9.76
C GLY C 305 -4.76 43.70 -9.39
N LYS C 306 -4.06 44.20 -10.40
CA LYS C 306 -3.02 45.20 -10.22
C LYS C 306 -3.52 46.63 -10.41
N TYR C 307 -4.78 46.81 -10.77
CA TYR C 307 -5.28 48.14 -11.12
C TYR C 307 -6.60 48.47 -10.45
N PHE C 308 -7.21 49.58 -10.85
CA PHE C 308 -8.54 49.99 -10.41
C PHE C 308 -9.53 49.79 -11.55
N SER C 309 -10.81 49.92 -11.22
CA SER C 309 -11.87 49.85 -12.21
C SER C 309 -13.10 50.57 -11.68
N LYS C 310 -13.97 50.96 -12.61
CA LYS C 310 -15.17 51.71 -12.29
C LYS C 310 -16.40 50.96 -12.80
N VAL C 311 -17.42 50.88 -11.96
CA VAL C 311 -18.68 50.26 -12.33
C VAL C 311 -19.46 51.22 -13.22
N GLY C 312 -19.82 50.77 -14.41
CA GLY C 312 -20.58 51.55 -15.36
C GLY C 312 -21.82 50.81 -15.82
N ILE C 313 -22.21 51.11 -17.06
CA ILE C 313 -23.37 50.47 -17.69
C ILE C 313 -22.85 49.42 -18.65
N ALA C 314 -23.29 48.17 -18.44
CA ALA C 314 -22.86 47.04 -19.25
C ALA C 314 -23.99 46.62 -20.17
N GLY C 315 -23.67 46.49 -21.46
CA GLY C 315 -24.66 46.08 -22.44
C GLY C 315 -24.04 45.47 -23.68
N LEU C 316 -24.64 45.72 -24.83
CA LEU C 316 -24.10 45.20 -26.09
C LEU C 316 -22.74 45.80 -26.40
N LYS C 317 -22.49 47.04 -25.94
CA LYS C 317 -21.23 47.70 -26.23
C LYS C 317 -20.05 46.95 -25.64
N GLN C 318 -20.16 46.52 -24.38
CA GLN C 318 -19.06 45.79 -23.75
C GLN C 318 -18.81 44.45 -24.44
N LEU C 319 -19.88 43.73 -24.79
CA LEU C 319 -19.72 42.45 -25.47
C LEU C 319 -19.06 42.63 -26.83
N THR C 320 -19.48 43.66 -27.57
CA THR C 320 -18.88 43.92 -28.87
C THR C 320 -17.41 44.32 -28.74
N ASN C 321 -17.09 45.13 -27.73
CA ASN C 321 -15.70 45.52 -27.51
C ASN C 321 -14.84 44.31 -27.16
N LYS C 322 -15.35 43.41 -26.31
CA LYS C 322 -14.57 42.24 -25.93
C LYS C 322 -14.47 41.22 -27.05
N LEU C 323 -15.45 41.20 -27.95
CA LEU C 323 -15.45 40.27 -29.08
C LEU C 323 -14.78 40.84 -30.32
N ASP C 324 -14.26 42.06 -30.24
CA ASP C 324 -13.57 42.71 -31.36
C ASP C 324 -14.47 42.80 -32.60
N ILE C 325 -15.68 43.33 -32.40
CA ILE C 325 -16.64 43.52 -33.47
C ILE C 325 -17.25 44.92 -33.36
N ASN C 326 -17.86 45.37 -34.44
CA ASN C 326 -18.44 46.71 -34.50
C ASN C 326 -19.70 46.77 -33.65
N GLU C 327 -20.34 47.95 -33.67
CA GLU C 327 -21.55 48.15 -32.89
C GLU C 327 -22.68 47.26 -33.39
N CYS C 328 -23.51 46.79 -32.46
CA CYS C 328 -24.62 45.90 -32.77
C CYS C 328 -25.90 46.43 -32.17
N ALA C 329 -27.00 46.22 -32.88
CA ALA C 329 -28.31 46.72 -32.48
C ALA C 329 -29.29 45.60 -32.15
N THR C 330 -29.51 44.67 -33.09
CA THR C 330 -30.47 43.59 -32.91
C THR C 330 -29.77 42.25 -32.82
N VAL C 331 -30.48 41.27 -32.28
CA VAL C 331 -29.91 39.95 -32.05
C VAL C 331 -29.67 39.21 -33.37
N ASP C 332 -30.53 39.43 -34.38
CA ASP C 332 -30.39 38.72 -35.64
C ASP C 332 -29.07 39.07 -36.33
N GLU C 333 -28.80 40.36 -36.51
CA GLU C 333 -27.53 40.76 -37.11
C GLU C 333 -26.35 40.41 -36.22
N LEU C 334 -26.55 40.42 -34.89
CA LEU C 334 -25.48 40.02 -33.99
C LEU C 334 -25.07 38.57 -34.22
N VAL C 335 -26.05 37.66 -34.25
CA VAL C 335 -25.72 36.25 -34.45
C VAL C 335 -25.23 36.01 -35.87
N ASP C 336 -25.71 36.79 -36.85
CA ASP C 336 -25.20 36.67 -38.21
C ASP C 336 -23.72 37.05 -38.26
N GLU C 337 -23.34 38.14 -37.58
CA GLU C 337 -21.93 38.53 -37.54
C GLU C 337 -21.09 37.52 -36.78
N ILE C 338 -21.65 36.94 -35.71
CA ILE C 338 -20.92 35.91 -34.96
C ILE C 338 -20.65 34.71 -35.85
N ASN C 339 -21.66 34.27 -36.60
CA ASN C 339 -21.49 33.14 -37.51
C ASN C 339 -20.60 33.47 -38.70
N LYS C 340 -20.50 34.76 -39.07
CA LYS C 340 -19.69 35.13 -40.22
C LYS C 340 -18.22 34.82 -40.01
N SER C 341 -17.70 35.10 -38.82
CA SER C 341 -16.28 34.93 -38.53
C SER C 341 -16.06 33.63 -37.76
N GLY C 342 -15.23 32.76 -38.29
CA GLY C 342 -14.95 31.49 -37.63
C GLY C 342 -14.20 31.65 -36.32
N THR C 343 -13.30 32.63 -36.27
CA THR C 343 -12.48 32.81 -35.06
C THR C 343 -13.35 33.17 -33.86
N VAL C 344 -14.30 34.09 -34.04
CA VAL C 344 -15.14 34.51 -32.93
C VAL C 344 -16.02 33.37 -32.46
N LYS C 345 -16.62 32.62 -33.38
CA LYS C 345 -17.49 31.53 -32.99
C LYS C 345 -16.71 30.42 -32.31
N ARG C 346 -15.50 30.11 -32.78
CA ARG C 346 -14.71 29.10 -32.12
C ARG C 346 -14.25 29.56 -30.73
N LYS C 347 -13.95 30.85 -30.58
CA LYS C 347 -13.59 31.37 -29.27
C LYS C 347 -14.77 31.29 -28.30
N ILE C 348 -15.98 31.61 -28.77
CA ILE C 348 -17.13 31.56 -27.88
C ILE C 348 -17.56 30.12 -27.61
N LYS C 349 -17.23 29.20 -28.51
CA LYS C 349 -17.51 27.78 -28.26
C LYS C 349 -16.52 27.20 -27.26
N ASN C 350 -15.25 27.61 -27.34
CA ASN C 350 -14.23 27.12 -26.42
C ASN C 350 -14.34 27.70 -25.02
N GLN C 351 -15.18 28.70 -24.81
CA GLN C 351 -15.30 29.38 -23.53
C GLN C 351 -16.72 29.20 -22.99
N SER C 352 -16.80 29.12 -21.66
CA SER C 352 -18.09 28.97 -20.99
C SER C 352 -18.82 30.30 -20.92
N VAL C 353 -20.14 30.23 -20.73
CA VAL C 353 -20.96 31.44 -20.67
C VAL C 353 -20.57 32.29 -19.47
N PHE C 354 -20.42 31.66 -18.30
CA PHE C 354 -20.12 32.39 -17.08
C PHE C 354 -18.77 33.10 -17.17
N ASP C 355 -17.76 32.42 -17.71
CA ASP C 355 -16.42 32.99 -17.76
C ASP C 355 -16.36 34.22 -18.65
N LEU C 356 -16.91 34.11 -19.88
CA LEU C 356 -16.87 35.26 -20.78
C LEU C 356 -17.79 36.37 -20.30
N SER C 357 -18.92 36.02 -19.68
CA SER C 357 -19.80 37.05 -19.12
C SER C 357 -19.09 37.83 -18.02
N ARG C 358 -18.34 37.13 -17.17
CA ARG C 358 -17.56 37.82 -16.14
C ARG C 358 -16.45 38.66 -16.76
N GLU C 359 -15.78 38.14 -17.79
CA GLU C 359 -14.68 38.86 -18.42
C GLU C 359 -15.16 40.12 -19.13
N CYS C 360 -16.39 40.11 -19.64
CA CYS C 360 -16.93 41.30 -20.29
C CYS C 360 -17.03 42.47 -19.32
N LEU C 361 -17.46 42.21 -18.09
CA LEU C 361 -17.54 43.25 -17.08
C LEU C 361 -16.22 43.50 -16.36
N GLY C 362 -15.20 42.69 -16.62
CA GLY C 362 -13.90 42.89 -16.00
C GLY C 362 -13.90 42.68 -14.50
N TYR C 363 -14.71 41.76 -14.01
CA TYR C 363 -14.75 41.49 -12.58
C TYR C 363 -13.49 40.75 -12.14
N PRO C 364 -13.10 40.89 -10.87
CA PRO C 364 -12.00 40.06 -10.35
C PRO C 364 -12.39 38.59 -10.34
N GLU C 365 -11.37 37.74 -10.42
CA GLU C 365 -11.60 36.31 -10.51
C GLU C 365 -12.06 35.73 -9.17
N ALA C 366 -11.23 35.85 -8.14
CA ALA C 366 -11.52 35.21 -6.86
C ALA C 366 -12.67 35.91 -6.13
N ASP C 367 -12.67 37.24 -6.13
CA ASP C 367 -13.67 38.00 -5.38
C ASP C 367 -15.07 37.72 -5.91
N PHE C 368 -15.23 37.69 -7.23
CA PHE C 368 -16.54 37.41 -7.80
C PHE C 368 -17.01 36.00 -7.47
N ILE C 369 -16.08 35.04 -7.49
CA ILE C 369 -16.42 33.66 -7.15
C ILE C 369 -16.88 33.58 -5.69
N THR C 370 -16.17 34.26 -4.79
CA THR C 370 -16.57 34.27 -3.39
C THR C 370 -17.94 34.93 -3.21
N LEU C 371 -18.18 36.03 -3.92
CA LEU C 371 -19.47 36.70 -3.83
C LEU C 371 -20.61 35.79 -4.30
N VAL C 372 -20.38 35.08 -5.41
CA VAL C 372 -21.41 34.16 -5.92
C VAL C 372 -21.61 33.01 -4.94
N ASN C 373 -20.52 32.46 -4.40
CA ASN C 373 -20.64 31.35 -3.44
C ASN C 373 -21.36 31.78 -2.17
N ASN C 374 -21.29 33.07 -1.83
CA ASN C 374 -22.01 33.60 -0.67
C ASN C 374 -23.37 34.17 -1.04
N MET C 375 -24.01 33.64 -2.07
CA MET C 375 -25.30 34.14 -2.54
C MET C 375 -26.21 32.96 -2.89
N ARG C 376 -27.46 33.28 -3.19
CA ARG C 376 -28.44 32.31 -3.66
C ARG C 376 -29.14 32.86 -4.89
N PHE C 377 -29.48 31.96 -5.81
CA PHE C 377 -30.05 32.33 -7.10
C PHE C 377 -31.23 31.44 -7.42
N LYS C 378 -32.13 31.95 -8.26
CA LYS C 378 -33.23 31.15 -8.80
C LYS C 378 -33.17 31.23 -10.32
N ILE C 379 -33.09 30.08 -10.97
CA ILE C 379 -32.83 30.00 -12.40
C ILE C 379 -33.94 29.18 -13.06
N GLU C 380 -34.54 29.73 -14.11
CA GLU C 380 -35.51 29.01 -14.93
C GLU C 380 -35.14 29.18 -16.40
N ASN C 381 -35.38 28.12 -17.17
CA ASN C 381 -35.07 28.10 -18.61
C ASN C 381 -33.61 28.47 -18.86
N CYS C 382 -32.72 27.95 -18.01
CA CYS C 382 -31.28 28.20 -18.10
C CYS C 382 -30.95 29.68 -18.01
N LYS C 383 -31.80 30.46 -17.33
CA LYS C 383 -31.61 31.89 -17.20
C LYS C 383 -31.86 32.31 -15.76
N VAL C 384 -31.00 33.18 -15.24
CA VAL C 384 -31.12 33.68 -13.88
C VAL C 384 -31.93 34.97 -13.90
N VAL C 385 -32.92 35.07 -13.02
CA VAL C 385 -33.77 36.26 -12.95
C VAL C 385 -33.87 36.84 -11.55
N ASN C 386 -33.68 36.08 -10.48
CA ASN C 386 -33.72 36.64 -9.13
C ASN C 386 -32.60 36.03 -8.29
N PHE C 387 -32.10 36.85 -7.36
CA PHE C 387 -30.94 36.50 -6.56
C PHE C 387 -31.01 37.23 -5.23
N ASN C 388 -30.21 36.75 -4.28
CA ASN C 388 -30.12 37.39 -2.97
C ASN C 388 -28.81 36.97 -2.32
N ILE C 389 -28.46 37.65 -1.23
CA ILE C 389 -27.24 37.38 -0.48
C ILE C 389 -27.64 36.80 0.87
N GLU C 390 -27.03 35.66 1.22
CA GLU C 390 -27.30 34.99 2.49
C GLU C 390 -26.27 35.34 3.55
N ASN C 391 -24.98 35.14 3.26
CA ASN C 391 -23.92 35.45 4.21
C ASN C 391 -23.50 36.90 4.00
N THR C 392 -24.15 37.81 4.72
CA THR C 392 -23.82 39.22 4.65
C THR C 392 -22.48 39.54 5.30
N ASN C 393 -21.96 38.62 6.14
CA ASN C 393 -20.70 38.87 6.83
C ASN C 393 -19.53 39.08 5.88
N CYS C 394 -19.63 38.59 4.65
CA CYS C 394 -18.57 38.80 3.67
C CYS C 394 -18.63 40.17 3.01
N LEU C 395 -19.69 40.94 3.24
CA LEU C 395 -19.85 42.26 2.62
C LEU C 395 -19.15 43.35 3.43
N ASN C 396 -17.87 43.13 3.72
CA ASN C 396 -17.04 44.15 4.37
C ASN C 396 -16.05 44.81 3.43
N ASN C 397 -15.60 44.11 2.40
CA ASN C 397 -14.73 44.72 1.40
C ASN C 397 -15.54 45.65 0.52
N PRO C 398 -15.16 46.92 0.39
CA PRO C 398 -15.91 47.84 -0.48
C PRO C 398 -15.94 47.41 -1.93
N SER C 399 -14.89 46.73 -2.40
CA SER C 399 -14.85 46.29 -3.80
C SER C 399 -15.96 45.30 -4.10
N ILE C 400 -16.23 44.38 -3.17
CA ILE C 400 -17.28 43.39 -3.41
C ILE C 400 -18.65 44.06 -3.41
N GLU C 401 -18.84 45.10 -2.59
CA GLU C 401 -20.10 45.85 -2.63
C GLU C 401 -20.25 46.60 -3.94
N THR C 402 -19.16 47.20 -4.43
CA THR C 402 -19.20 47.87 -5.72
C THR C 402 -19.54 46.89 -6.84
N ILE C 403 -18.98 45.69 -6.78
CA ILE C 403 -19.28 44.66 -7.78
C ILE C 403 -20.75 44.25 -7.70
N TYR C 404 -21.25 44.05 -6.47
CA TYR C 404 -22.65 43.66 -6.29
C TYR C 404 -23.59 44.75 -6.77
N GLY C 405 -23.14 46.02 -6.75
CA GLY C 405 -23.95 47.10 -7.25
C GLY C 405 -24.29 47.00 -8.73
N ASN C 406 -23.48 46.26 -9.50
CA ASN C 406 -23.70 46.07 -10.93
C ASN C 406 -24.20 44.66 -11.25
N PHE C 407 -24.78 43.97 -10.27
CA PHE C 407 -25.22 42.60 -10.50
C PHE C 407 -26.39 42.54 -11.46
N ASN C 408 -27.23 43.58 -11.50
CA ASN C 408 -28.33 43.61 -12.48
C ASN C 408 -27.78 43.63 -13.90
N GLN C 409 -26.79 44.47 -14.16
CA GLN C 409 -26.17 44.49 -15.48
C GLN C 409 -25.46 43.18 -15.77
N PHE C 410 -24.82 42.60 -14.76
CA PHE C 410 -24.14 41.32 -14.96
C PHE C 410 -25.12 40.23 -15.36
N VAL C 411 -26.27 40.14 -14.67
CA VAL C 411 -27.22 39.10 -14.99
C VAL C 411 -27.91 39.38 -16.33
N SER C 412 -28.08 40.65 -16.69
CA SER C 412 -28.59 40.97 -18.02
C SER C 412 -27.63 40.48 -19.10
N ILE C 413 -26.33 40.73 -18.91
CA ILE C 413 -25.32 40.25 -19.85
C ILE C 413 -25.33 38.72 -19.90
N PHE C 414 -25.47 38.08 -18.74
CA PHE C 414 -25.52 36.62 -18.68
C PHE C 414 -26.71 36.08 -19.48
N ASN C 415 -27.88 36.70 -19.30
CA ASN C 415 -29.07 36.27 -20.03
C ASN C 415 -28.89 36.46 -21.53
N THR C 416 -28.33 37.60 -21.94
CA THR C 416 -28.10 37.83 -23.36
C THR C 416 -27.13 36.80 -23.94
N VAL C 417 -26.05 36.50 -23.21
CA VAL C 417 -25.09 35.52 -23.70
C VAL C 417 -25.74 34.15 -23.82
N THR C 418 -26.54 33.76 -22.82
CA THR C 418 -27.20 32.45 -22.87
C THR C 418 -28.17 32.37 -24.05
N ASP C 419 -28.98 33.41 -24.26
CA ASP C 419 -29.99 33.31 -25.30
C ASP C 419 -29.43 33.60 -26.70
N VAL C 420 -28.19 34.08 -26.82
CA VAL C 420 -27.56 34.09 -28.13
C VAL C 420 -26.78 32.80 -28.39
N LYS C 421 -26.18 32.20 -27.36
CA LYS C 421 -25.48 30.94 -27.56
C LYS C 421 -26.47 29.80 -27.78
N LYS C 422 -27.70 29.93 -27.29
CA LYS C 422 -28.73 28.96 -27.62
C LYS C 422 -29.00 28.94 -29.11
N ARG C 423 -29.04 30.12 -29.74
CA ARG C 423 -29.20 30.19 -31.19
C ARG C 423 -27.94 29.72 -31.90
N LEU C 424 -26.76 30.06 -31.37
CA LEU C 424 -25.50 29.61 -31.95
C LEU C 424 -25.22 28.14 -31.69
N PHE C 425 -26.02 27.48 -30.85
CA PHE C 425 -25.83 26.07 -30.51
C PHE C 425 -24.44 25.81 -29.93
N1 DCP F . -15.93 -3.48 5.01
C2 DCP F . -14.76 -3.41 4.26
N3 DCP F . -13.68 -4.13 4.66
C4 DCP F . -13.75 -4.91 5.75
C5 DCP F . -14.93 -5.00 6.53
C6 DCP F . -15.99 -4.28 6.13
O2 DCP F . -14.74 -2.68 3.27
N4 DCP F . -12.66 -5.61 6.09
C1' DCP F . -17.09 -2.68 4.56
C2' DCP F . -17.92 -3.35 3.48
C3' DCP F . -19.08 -3.96 4.25
C4' DCP F . -19.27 -2.97 5.39
O4' DCP F . -17.94 -2.48 5.69
O3' DCP F . -20.26 -4.02 3.45
C5' DCP F . -19.89 -3.54 6.64
O5' DCP F . -18.93 -4.44 7.25
PA DCP F . -19.39 -5.84 7.83
O1A DCP F . -18.31 -6.41 8.67
O2A DCP F . -20.74 -5.67 8.51
O3A DCP F . -19.62 -6.70 6.52
PB DCP F . -20.85 -7.06 5.56
O1B DCP F . -20.44 -7.08 4.14
O2B DCP F . -21.99 -6.11 5.92
O3B DCP F . -21.26 -8.50 6.09
PG DCP F . -22.43 -9.21 6.92
O1G DCP F . -21.70 -10.04 7.98
O2G DCP F . -23.08 -10.16 5.91
O3G DCP F . -23.36 -8.21 7.48
CA CA G . -23.27 -5.88 7.87
CA CA H . 9.59 -31.54 16.61
CA CA I . 9.74 -30.07 15.47
#